data_2YVQ
# 
_entry.id   2YVQ 
# 
_audit_conform.dict_name       mmcif_pdbx.dic 
_audit_conform.dict_version    5.388 
_audit_conform.dict_location   http://mmcif.pdb.org/dictionaries/ascii/mmcif_pdbx.dic 
# 
loop_
_database_2.database_id 
_database_2.database_code 
_database_2.pdbx_database_accession 
_database_2.pdbx_DOI 
PDB   2YVQ         pdb_00002yvq 10.2210/pdb2yvq/pdb 
RCSB  RCSB027194   ?            ?                   
WWPDB D_1000027194 ?            ?                   
# 
loop_
_pdbx_audit_revision_history.ordinal 
_pdbx_audit_revision_history.data_content_type 
_pdbx_audit_revision_history.major_revision 
_pdbx_audit_revision_history.minor_revision 
_pdbx_audit_revision_history.revision_date 
1 'Structure model' 1 0 2008-04-15 
2 'Structure model' 1 1 2011-07-13 
3 'Structure model' 1 2 2024-03-13 
# 
_pdbx_audit_revision_details.ordinal             1 
_pdbx_audit_revision_details.revision_ordinal    1 
_pdbx_audit_revision_details.data_content_type   'Structure model' 
_pdbx_audit_revision_details.provider            repository 
_pdbx_audit_revision_details.type                'Initial release' 
_pdbx_audit_revision_details.description         ? 
_pdbx_audit_revision_details.details             ? 
# 
loop_
_pdbx_audit_revision_group.ordinal 
_pdbx_audit_revision_group.revision_ordinal 
_pdbx_audit_revision_group.data_content_type 
_pdbx_audit_revision_group.group 
1 2 'Structure model' 'Version format compliance' 
2 3 'Structure model' 'Data collection'           
3 3 'Structure model' 'Database references'       
# 
loop_
_pdbx_audit_revision_category.ordinal 
_pdbx_audit_revision_category.revision_ordinal 
_pdbx_audit_revision_category.data_content_type 
_pdbx_audit_revision_category.category 
1 3 'Structure model' chem_comp_atom     
2 3 'Structure model' chem_comp_bond     
3 3 'Structure model' database_2         
4 3 'Structure model' struct_ref_seq_dif 
# 
loop_
_pdbx_audit_revision_item.ordinal 
_pdbx_audit_revision_item.revision_ordinal 
_pdbx_audit_revision_item.data_content_type 
_pdbx_audit_revision_item.item 
1 3 'Structure model' '_database_2.pdbx_DOI'                
2 3 'Structure model' '_database_2.pdbx_database_accession' 
3 3 'Structure model' '_struct_ref_seq_dif.details'         
# 
_pdbx_database_status.status_code                     REL 
_pdbx_database_status.entry_id                        2YVQ 
_pdbx_database_status.recvd_initial_deposition_date   2007-04-13 
_pdbx_database_status.deposit_site                    PDBJ 
_pdbx_database_status.process_site                    PDBJ 
_pdbx_database_status.status_code_sf                  REL 
_pdbx_database_status.status_code_mr                  ? 
_pdbx_database_status.SG_entry                        Y 
_pdbx_database_status.pdb_format_compatible           Y 
_pdbx_database_status.status_code_cs                  ? 
_pdbx_database_status.status_code_nmr_data            ? 
_pdbx_database_status.methods_development_category    ? 
# 
_pdbx_database_related.db_name        TargetDB 
_pdbx_database_related.db_id          hsk003000046.2 
_pdbx_database_related.details        . 
_pdbx_database_related.content_type   unspecified 
# 
loop_
_audit_author.name 
_audit_author.pdbx_ordinal 
'Xie, Y.'                                                1 
Ihsanawati                                               2 
'Kishishita, S.'                                         3 
'Murayama, K.'                                           4 
'Takemoto, C.'                                           5 
'Shirozu, M.'                                            6 
'RIKEN Structural Genomics/Proteomics Initiative (RSGI)' 7 
# 
_citation.id                        primary 
_citation.title                     'Crystal structure of MGS domain of carbamoyl-phosphate synthetase from homo sapiens' 
_citation.journal_abbrev            'To be Published' 
_citation.journal_volume            ? 
_citation.page_first                ? 
_citation.page_last                 ? 
_citation.year                      ? 
_citation.journal_id_ASTM           ? 
_citation.country                   ? 
_citation.journal_id_ISSN           ? 
_citation.journal_id_CSD            0353 
_citation.book_publisher            ? 
_citation.pdbx_database_id_PubMed   ? 
_citation.pdbx_database_id_DOI      ? 
# 
loop_
_citation_author.citation_id 
_citation_author.name 
_citation_author.ordinal 
_citation_author.identifier_ORCID 
primary 'Xie, Y.'        1 ? 
primary Ihsanawati       2 ? 
primary 'Kishishita, S.' 3 ? 
primary 'Murayama, K.'   4 ? 
primary 'Takemoto, C.'   5 ? 
primary 'Shirozu, M.'    6 ? 
primary 'Yokoyama, S.'   7 ? 
# 
loop_
_entity.id 
_entity.type 
_entity.src_method 
_entity.pdbx_description 
_entity.formula_weight 
_entity.pdbx_number_of_molecules 
_entity.pdbx_ec 
_entity.pdbx_mutation 
_entity.pdbx_fragment 
_entity.details 
1 polymer man 'Carbamoyl-phosphate synthase' 15608.656 1  6.3.4.16 ? 'MGS domain' ? 
2 water   nat water                          18.015    76 ?        ? ?            ? 
# 
_entity_name_com.entity_id   1 
_entity_name_com.name        'Carbamoyl-phosphate synthetase I, CPSase I' 
# 
_entity_poly.entity_id                      1 
_entity_poly.type                           'polypeptide(L)' 
_entity_poly.nstd_linkage                   no 
_entity_poly.nstd_monomer                   no 
_entity_poly.pdbx_seq_one_letter_code       
;GSSGSSGHTAFLKAMLSTGFKIPQKGILIGIQQSFRPRFLGVAEQLHNEGFKLFATEATSDWLNANNVPATPVAWPSQEG
QNPSLSSIRKLIRDGSIDLVINLPNNNTKFVHDNYVIRRTAVDSGIPLLTNFQVTKLFAEAVQ
;
_entity_poly.pdbx_seq_one_letter_code_can   
;GSSGSSGHTAFLKAMLSTGFKIPQKGILIGIQQSFRPRFLGVAEQLHNEGFKLFATEATSDWLNANNVPATPVAWPSQEG
QNPSLSSIRKLIRDGSIDLVINLPNNNTKFVHDNYVIRRTAVDSGIPLLTNFQVTKLFAEAVQ
;
_entity_poly.pdbx_strand_id                 A 
_entity_poly.pdbx_target_identifier         hsk003000046.2 
# 
_pdbx_entity_nonpoly.entity_id   2 
_pdbx_entity_nonpoly.name        water 
_pdbx_entity_nonpoly.comp_id     HOH 
# 
loop_
_entity_poly_seq.entity_id 
_entity_poly_seq.num 
_entity_poly_seq.mon_id 
_entity_poly_seq.hetero 
1 1   GLY n 
1 2   SER n 
1 3   SER n 
1 4   GLY n 
1 5   SER n 
1 6   SER n 
1 7   GLY n 
1 8   HIS n 
1 9   THR n 
1 10  ALA n 
1 11  PHE n 
1 12  LEU n 
1 13  LYS n 
1 14  ALA n 
1 15  MET n 
1 16  LEU n 
1 17  SER n 
1 18  THR n 
1 19  GLY n 
1 20  PHE n 
1 21  LYS n 
1 22  ILE n 
1 23  PRO n 
1 24  GLN n 
1 25  LYS n 
1 26  GLY n 
1 27  ILE n 
1 28  LEU n 
1 29  ILE n 
1 30  GLY n 
1 31  ILE n 
1 32  GLN n 
1 33  GLN n 
1 34  SER n 
1 35  PHE n 
1 36  ARG n 
1 37  PRO n 
1 38  ARG n 
1 39  PHE n 
1 40  LEU n 
1 41  GLY n 
1 42  VAL n 
1 43  ALA n 
1 44  GLU n 
1 45  GLN n 
1 46  LEU n 
1 47  HIS n 
1 48  ASN n 
1 49  GLU n 
1 50  GLY n 
1 51  PHE n 
1 52  LYS n 
1 53  LEU n 
1 54  PHE n 
1 55  ALA n 
1 56  THR n 
1 57  GLU n 
1 58  ALA n 
1 59  THR n 
1 60  SER n 
1 61  ASP n 
1 62  TRP n 
1 63  LEU n 
1 64  ASN n 
1 65  ALA n 
1 66  ASN n 
1 67  ASN n 
1 68  VAL n 
1 69  PRO n 
1 70  ALA n 
1 71  THR n 
1 72  PRO n 
1 73  VAL n 
1 74  ALA n 
1 75  TRP n 
1 76  PRO n 
1 77  SER n 
1 78  GLN n 
1 79  GLU n 
1 80  GLY n 
1 81  GLN n 
1 82  ASN n 
1 83  PRO n 
1 84  SER n 
1 85  LEU n 
1 86  SER n 
1 87  SER n 
1 88  ILE n 
1 89  ARG n 
1 90  LYS n 
1 91  LEU n 
1 92  ILE n 
1 93  ARG n 
1 94  ASP n 
1 95  GLY n 
1 96  SER n 
1 97  ILE n 
1 98  ASP n 
1 99  LEU n 
1 100 VAL n 
1 101 ILE n 
1 102 ASN n 
1 103 LEU n 
1 104 PRO n 
1 105 ASN n 
1 106 ASN n 
1 107 ASN n 
1 108 THR n 
1 109 LYS n 
1 110 PHE n 
1 111 VAL n 
1 112 HIS n 
1 113 ASP n 
1 114 ASN n 
1 115 TYR n 
1 116 VAL n 
1 117 ILE n 
1 118 ARG n 
1 119 ARG n 
1 120 THR n 
1 121 ALA n 
1 122 VAL n 
1 123 ASP n 
1 124 SER n 
1 125 GLY n 
1 126 ILE n 
1 127 PRO n 
1 128 LEU n 
1 129 LEU n 
1 130 THR n 
1 131 ASN n 
1 132 PHE n 
1 133 GLN n 
1 134 VAL n 
1 135 THR n 
1 136 LYS n 
1 137 LEU n 
1 138 PHE n 
1 139 ALA n 
1 140 GLU n 
1 141 ALA n 
1 142 VAL n 
1 143 GLN n 
# 
_entity_src_gen.entity_id                          1 
_entity_src_gen.pdbx_src_id                        1 
_entity_src_gen.pdbx_alt_source_flag               sample 
_entity_src_gen.pdbx_seq_type                      ? 
_entity_src_gen.pdbx_beg_seq_num                   ? 
_entity_src_gen.pdbx_end_seq_num                   ? 
_entity_src_gen.gene_src_common_name               human 
_entity_src_gen.gene_src_genus                     Homo 
_entity_src_gen.pdbx_gene_src_gene                 ? 
_entity_src_gen.gene_src_species                   ? 
_entity_src_gen.gene_src_strain                    ? 
_entity_src_gen.gene_src_tissue                    ? 
_entity_src_gen.gene_src_tissue_fraction           ? 
_entity_src_gen.gene_src_details                   ? 
_entity_src_gen.pdbx_gene_src_fragment             ? 
_entity_src_gen.pdbx_gene_src_scientific_name      'Homo sapiens' 
_entity_src_gen.pdbx_gene_src_ncbi_taxonomy_id     9606 
_entity_src_gen.pdbx_gene_src_variant              ? 
_entity_src_gen.pdbx_gene_src_cell_line            ? 
_entity_src_gen.pdbx_gene_src_atcc                 ? 
_entity_src_gen.pdbx_gene_src_organ                ? 
_entity_src_gen.pdbx_gene_src_organelle            ? 
_entity_src_gen.pdbx_gene_src_cell                 ? 
_entity_src_gen.pdbx_gene_src_cellular_location    ? 
_entity_src_gen.host_org_common_name               ? 
_entity_src_gen.pdbx_host_org_scientific_name      ? 
_entity_src_gen.pdbx_host_org_ncbi_taxonomy_id     ? 
_entity_src_gen.host_org_genus                     ? 
_entity_src_gen.pdbx_host_org_gene                 ? 
_entity_src_gen.pdbx_host_org_organ                ? 
_entity_src_gen.host_org_species                   ? 
_entity_src_gen.pdbx_host_org_tissue               ? 
_entity_src_gen.pdbx_host_org_tissue_fraction      ? 
_entity_src_gen.pdbx_host_org_strain               ? 
_entity_src_gen.pdbx_host_org_variant              ? 
_entity_src_gen.pdbx_host_org_cell_line            ? 
_entity_src_gen.pdbx_host_org_atcc                 ? 
_entity_src_gen.pdbx_host_org_culture_collection   ? 
_entity_src_gen.pdbx_host_org_cell                 ? 
_entity_src_gen.pdbx_host_org_organelle            ? 
_entity_src_gen.pdbx_host_org_cellular_location    ? 
_entity_src_gen.pdbx_host_org_vector_type          plasmid 
_entity_src_gen.pdbx_host_org_vector               ? 
_entity_src_gen.host_org_details                   ? 
_entity_src_gen.expression_system_id               ? 
_entity_src_gen.plasmid_name                       PK060110-54-MD01 
_entity_src_gen.plasmid_details                    ? 
_entity_src_gen.pdbx_description                   'cell-free protein synthesis' 
# 
loop_
_chem_comp.id 
_chem_comp.type 
_chem_comp.mon_nstd_flag 
_chem_comp.name 
_chem_comp.pdbx_synonyms 
_chem_comp.formula 
_chem_comp.formula_weight 
ALA 'L-peptide linking' y ALANINE         ? 'C3 H7 N O2'     89.093  
ARG 'L-peptide linking' y ARGININE        ? 'C6 H15 N4 O2 1' 175.209 
ASN 'L-peptide linking' y ASPARAGINE      ? 'C4 H8 N2 O3'    132.118 
ASP 'L-peptide linking' y 'ASPARTIC ACID' ? 'C4 H7 N O4'     133.103 
GLN 'L-peptide linking' y GLUTAMINE       ? 'C5 H10 N2 O3'   146.144 
GLU 'L-peptide linking' y 'GLUTAMIC ACID' ? 'C5 H9 N O4'     147.129 
GLY 'peptide linking'   y GLYCINE         ? 'C2 H5 N O2'     75.067  
HIS 'L-peptide linking' y HISTIDINE       ? 'C6 H10 N3 O2 1' 156.162 
HOH non-polymer         . WATER           ? 'H2 O'           18.015  
ILE 'L-peptide linking' y ISOLEUCINE      ? 'C6 H13 N O2'    131.173 
LEU 'L-peptide linking' y LEUCINE         ? 'C6 H13 N O2'    131.173 
LYS 'L-peptide linking' y LYSINE          ? 'C6 H15 N2 O2 1' 147.195 
MET 'L-peptide linking' y METHIONINE      ? 'C5 H11 N O2 S'  149.211 
PHE 'L-peptide linking' y PHENYLALANINE   ? 'C9 H11 N O2'    165.189 
PRO 'L-peptide linking' y PROLINE         ? 'C5 H9 N O2'     115.130 
SER 'L-peptide linking' y SERINE          ? 'C3 H7 N O3'     105.093 
THR 'L-peptide linking' y THREONINE       ? 'C4 H9 N O3'     119.119 
TRP 'L-peptide linking' y TRYPTOPHAN      ? 'C11 H12 N2 O2'  204.225 
TYR 'L-peptide linking' y TYROSINE        ? 'C9 H11 N O3'    181.189 
VAL 'L-peptide linking' y VALINE          ? 'C5 H11 N O2'    117.146 
# 
loop_
_pdbx_poly_seq_scheme.asym_id 
_pdbx_poly_seq_scheme.entity_id 
_pdbx_poly_seq_scheme.seq_id 
_pdbx_poly_seq_scheme.mon_id 
_pdbx_poly_seq_scheme.ndb_seq_num 
_pdbx_poly_seq_scheme.pdb_seq_num 
_pdbx_poly_seq_scheme.auth_seq_num 
_pdbx_poly_seq_scheme.pdb_mon_id 
_pdbx_poly_seq_scheme.auth_mon_id 
_pdbx_poly_seq_scheme.pdb_strand_id 
_pdbx_poly_seq_scheme.pdb_ins_code 
_pdbx_poly_seq_scheme.hetero 
A 1 1   GLY 1   1    ?    ?   ?   A . n 
A 1 2   SER 2   2    ?    ?   ?   A . n 
A 1 3   SER 3   3    ?    ?   ?   A . n 
A 1 4   GLY 4   4    ?    ?   ?   A . n 
A 1 5   SER 5   5    5    SER SER A . n 
A 1 6   SER 6   6    6    SER SER A . n 
A 1 7   GLY 7   7    7    GLY GLY A . n 
A 1 8   HIS 8   1343 1343 HIS HIS A . n 
A 1 9   THR 9   1344 1344 THR THR A . n 
A 1 10  ALA 10  1345 1345 ALA ALA A . n 
A 1 11  PHE 11  1346 1346 PHE PHE A . n 
A 1 12  LEU 12  1347 1347 LEU LEU A . n 
A 1 13  LYS 13  1348 1348 LYS LYS A . n 
A 1 14  ALA 14  1349 1349 ALA ALA A . n 
A 1 15  MET 15  1350 1350 MET MET A . n 
A 1 16  LEU 16  1351 1351 LEU LEU A . n 
A 1 17  SER 17  1352 1352 SER SER A . n 
A 1 18  THR 18  1353 1353 THR THR A . n 
A 1 19  GLY 19  1354 1354 GLY GLY A . n 
A 1 20  PHE 20  1355 1355 PHE PHE A . n 
A 1 21  LYS 21  1356 1356 LYS LYS A . n 
A 1 22  ILE 22  1357 1357 ILE ILE A . n 
A 1 23  PRO 23  1358 1358 PRO PRO A . n 
A 1 24  GLN 24  1359 1359 GLN GLN A . n 
A 1 25  LYS 25  1360 1360 LYS LYS A . n 
A 1 26  GLY 26  1361 1361 GLY GLY A . n 
A 1 27  ILE 27  1362 1362 ILE ILE A . n 
A 1 28  LEU 28  1363 1363 LEU LEU A . n 
A 1 29  ILE 29  1364 1364 ILE ILE A . n 
A 1 30  GLY 30  1365 1365 GLY GLY A . n 
A 1 31  ILE 31  1366 1366 ILE ILE A . n 
A 1 32  GLN 32  1367 1367 GLN GLN A . n 
A 1 33  GLN 33  1368 1368 GLN GLN A . n 
A 1 34  SER 34  1369 1369 SER SER A . n 
A 1 35  PHE 35  1370 1370 PHE PHE A . n 
A 1 36  ARG 36  1371 1371 ARG ARG A . n 
A 1 37  PRO 37  1372 1372 PRO PRO A . n 
A 1 38  ARG 38  1373 1373 ARG ARG A . n 
A 1 39  PHE 39  1374 1374 PHE PHE A . n 
A 1 40  LEU 40  1375 1375 LEU LEU A . n 
A 1 41  GLY 41  1376 1376 GLY GLY A . n 
A 1 42  VAL 42  1377 1377 VAL VAL A . n 
A 1 43  ALA 43  1378 1378 ALA ALA A . n 
A 1 44  GLU 44  1379 1379 GLU GLU A . n 
A 1 45  GLN 45  1380 1380 GLN GLN A . n 
A 1 46  LEU 46  1381 1381 LEU LEU A . n 
A 1 47  HIS 47  1382 1382 HIS HIS A . n 
A 1 48  ASN 48  1383 1383 ASN ASN A . n 
A 1 49  GLU 49  1384 1384 GLU GLU A . n 
A 1 50  GLY 50  1385 1385 GLY GLY A . n 
A 1 51  PHE 51  1386 1386 PHE PHE A . n 
A 1 52  LYS 52  1387 1387 LYS LYS A . n 
A 1 53  LEU 53  1388 1388 LEU LEU A . n 
A 1 54  PHE 54  1389 1389 PHE PHE A . n 
A 1 55  ALA 55  1390 1390 ALA ALA A . n 
A 1 56  THR 56  1391 1391 THR THR A . n 
A 1 57  GLU 57  1392 1392 GLU GLU A . n 
A 1 58  ALA 58  1393 1393 ALA ALA A . n 
A 1 59  THR 59  1394 1394 THR THR A . n 
A 1 60  SER 60  1395 1395 SER SER A . n 
A 1 61  ASP 61  1396 1396 ASP ASP A . n 
A 1 62  TRP 62  1397 1397 TRP TRP A . n 
A 1 63  LEU 63  1398 1398 LEU LEU A . n 
A 1 64  ASN 64  1399 1399 ASN ASN A . n 
A 1 65  ALA 65  1400 1400 ALA ALA A . n 
A 1 66  ASN 66  1401 1401 ASN ASN A . n 
A 1 67  ASN 67  1402 1402 ASN ASN A . n 
A 1 68  VAL 68  1403 1403 VAL VAL A . n 
A 1 69  PRO 69  1404 1404 PRO PRO A . n 
A 1 70  ALA 70  1405 1405 ALA ALA A . n 
A 1 71  THR 71  1406 1406 THR THR A . n 
A 1 72  PRO 72  1407 1407 PRO PRO A . n 
A 1 73  VAL 73  1408 1408 VAL VAL A . n 
A 1 74  ALA 74  1409 1409 ALA ALA A . n 
A 1 75  TRP 75  1410 1410 TRP TRP A . n 
A 1 76  PRO 76  1411 1411 PRO PRO A . n 
A 1 77  SER 77  1412 1412 SER SER A . n 
A 1 78  GLN 78  1413 1413 GLN GLN A . n 
A 1 79  GLU 79  1414 1414 GLU GLU A . n 
A 1 80  GLY 80  1415 ?    ?   ?   A . n 
A 1 81  GLN 81  1416 ?    ?   ?   A . n 
A 1 82  ASN 82  1417 ?    ?   ?   A . n 
A 1 83  PRO 83  1418 ?    ?   ?   A . n 
A 1 84  SER 84  1419 ?    ?   ?   A . n 
A 1 85  LEU 85  1420 1420 LEU LEU A . n 
A 1 86  SER 86  1421 1421 SER SER A . n 
A 1 87  SER 87  1422 1422 SER SER A . n 
A 1 88  ILE 88  1423 1423 ILE ILE A . n 
A 1 89  ARG 89  1424 1424 ARG ARG A . n 
A 1 90  LYS 90  1425 1425 LYS LYS A . n 
A 1 91  LEU 91  1426 1426 LEU LEU A . n 
A 1 92  ILE 92  1427 1427 ILE ILE A . n 
A 1 93  ARG 93  1428 1428 ARG ARG A . n 
A 1 94  ASP 94  1429 1429 ASP ASP A . n 
A 1 95  GLY 95  1430 1430 GLY GLY A . n 
A 1 96  SER 96  1431 1431 SER SER A . n 
A 1 97  ILE 97  1432 1432 ILE ILE A . n 
A 1 98  ASP 98  1433 1433 ASP ASP A . n 
A 1 99  LEU 99  1434 1434 LEU LEU A . n 
A 1 100 VAL 100 1435 1435 VAL VAL A . n 
A 1 101 ILE 101 1436 1436 ILE ILE A . n 
A 1 102 ASN 102 1437 1437 ASN ASN A . n 
A 1 103 LEU 103 1438 1438 LEU LEU A . n 
A 1 104 PRO 104 1439 1439 PRO PRO A . n 
A 1 105 ASN 105 1440 1440 ASN ASN A . n 
A 1 106 ASN 106 1441 1441 ASN ASN A . n 
A 1 107 ASN 107 1442 1442 ASN ASN A . n 
A 1 108 THR 108 1443 1443 THR THR A . n 
A 1 109 LYS 109 1444 1444 LYS LYS A . n 
A 1 110 PHE 110 1445 1445 PHE PHE A . n 
A 1 111 VAL 111 1446 1446 VAL VAL A . n 
A 1 112 HIS 112 1447 1447 HIS HIS A . n 
A 1 113 ASP 113 1448 1448 ASP ASP A . n 
A 1 114 ASN 114 1449 1449 ASN ASN A . n 
A 1 115 TYR 115 1450 1450 TYR TYR A . n 
A 1 116 VAL 116 1451 1451 VAL VAL A . n 
A 1 117 ILE 117 1452 1452 ILE ILE A . n 
A 1 118 ARG 118 1453 1453 ARG ARG A . n 
A 1 119 ARG 119 1454 1454 ARG ARG A . n 
A 1 120 THR 120 1455 1455 THR THR A . n 
A 1 121 ALA 121 1456 1456 ALA ALA A . n 
A 1 122 VAL 122 1457 1457 VAL VAL A . n 
A 1 123 ASP 123 1458 1458 ASP ASP A . n 
A 1 124 SER 124 1459 1459 SER SER A . n 
A 1 125 GLY 125 1460 1460 GLY GLY A . n 
A 1 126 ILE 126 1461 1461 ILE ILE A . n 
A 1 127 PRO 127 1462 1462 PRO PRO A . n 
A 1 128 LEU 128 1463 1463 LEU LEU A . n 
A 1 129 LEU 129 1464 1464 LEU LEU A . n 
A 1 130 THR 130 1465 1465 THR THR A . n 
A 1 131 ASN 131 1466 1466 ASN ASN A . n 
A 1 132 PHE 132 1467 1467 PHE PHE A . n 
A 1 133 GLN 133 1468 1468 GLN GLN A . n 
A 1 134 VAL 134 1469 1469 VAL VAL A . n 
A 1 135 THR 135 1470 1470 THR THR A . n 
A 1 136 LYS 136 1471 1471 LYS LYS A . n 
A 1 137 LEU 137 1472 1472 LEU LEU A . n 
A 1 138 PHE 138 1473 1473 PHE PHE A . n 
A 1 139 ALA 139 1474 1474 ALA ALA A . n 
A 1 140 GLU 140 1475 1475 GLU GLU A . n 
A 1 141 ALA 141 1476 1476 ALA ALA A . n 
A 1 142 VAL 142 1477 1477 VAL VAL A . n 
A 1 143 GLN 143 1478 1478 GLN GLN A . n 
# 
loop_
_pdbx_nonpoly_scheme.asym_id 
_pdbx_nonpoly_scheme.entity_id 
_pdbx_nonpoly_scheme.mon_id 
_pdbx_nonpoly_scheme.ndb_seq_num 
_pdbx_nonpoly_scheme.pdb_seq_num 
_pdbx_nonpoly_scheme.auth_seq_num 
_pdbx_nonpoly_scheme.pdb_mon_id 
_pdbx_nonpoly_scheme.auth_mon_id 
_pdbx_nonpoly_scheme.pdb_strand_id 
_pdbx_nonpoly_scheme.pdb_ins_code 
B 2 HOH 1  1479 1  HOH HOH A . 
B 2 HOH 2  1480 2  HOH HOH A . 
B 2 HOH 3  1481 3  HOH HOH A . 
B 2 HOH 4  1482 4  HOH HOH A . 
B 2 HOH 5  1483 5  HOH HOH A . 
B 2 HOH 6  1484 6  HOH HOH A . 
B 2 HOH 7  1485 7  HOH HOH A . 
B 2 HOH 8  1486 8  HOH HOH A . 
B 2 HOH 9  1487 9  HOH HOH A . 
B 2 HOH 10 1488 10 HOH HOH A . 
B 2 HOH 11 1489 11 HOH HOH A . 
B 2 HOH 12 1490 12 HOH HOH A . 
B 2 HOH 13 1491 13 HOH HOH A . 
B 2 HOH 14 1492 14 HOH HOH A . 
B 2 HOH 15 1493 15 HOH HOH A . 
B 2 HOH 16 1494 16 HOH HOH A . 
B 2 HOH 17 1495 17 HOH HOH A . 
B 2 HOH 18 1496 18 HOH HOH A . 
B 2 HOH 19 1497 19 HOH HOH A . 
B 2 HOH 20 1498 20 HOH HOH A . 
B 2 HOH 21 1499 21 HOH HOH A . 
B 2 HOH 22 1500 22 HOH HOH A . 
B 2 HOH 23 1501 23 HOH HOH A . 
B 2 HOH 24 1502 24 HOH HOH A . 
B 2 HOH 25 1503 25 HOH HOH A . 
B 2 HOH 26 1504 26 HOH HOH A . 
B 2 HOH 27 1505 27 HOH HOH A . 
B 2 HOH 28 1506 28 HOH HOH A . 
B 2 HOH 29 1507 29 HOH HOH A . 
B 2 HOH 30 1508 30 HOH HOH A . 
B 2 HOH 31 1509 31 HOH HOH A . 
B 2 HOH 32 1510 32 HOH HOH A . 
B 2 HOH 33 1511 33 HOH HOH A . 
B 2 HOH 34 1512 34 HOH HOH A . 
B 2 HOH 35 1513 35 HOH HOH A . 
B 2 HOH 36 1514 36 HOH HOH A . 
B 2 HOH 37 1515 37 HOH HOH A . 
B 2 HOH 38 1516 38 HOH HOH A . 
B 2 HOH 39 1517 39 HOH HOH A . 
B 2 HOH 40 1518 40 HOH HOH A . 
B 2 HOH 41 1519 41 HOH HOH A . 
B 2 HOH 42 1520 42 HOH HOH A . 
B 2 HOH 43 1521 43 HOH HOH A . 
B 2 HOH 44 1522 44 HOH HOH A . 
B 2 HOH 45 1523 45 HOH HOH A . 
B 2 HOH 46 1524 46 HOH HOH A . 
B 2 HOH 47 1525 47 HOH HOH A . 
B 2 HOH 48 1526 48 HOH HOH A . 
B 2 HOH 49 1527 49 HOH HOH A . 
B 2 HOH 50 1528 50 HOH HOH A . 
B 2 HOH 51 1529 51 HOH HOH A . 
B 2 HOH 52 1530 52 HOH HOH A . 
B 2 HOH 53 1531 53 HOH HOH A . 
B 2 HOH 54 1532 54 HOH HOH A . 
B 2 HOH 55 1533 55 HOH HOH A . 
B 2 HOH 56 1534 56 HOH HOH A . 
B 2 HOH 57 1535 57 HOH HOH A . 
B 2 HOH 58 1536 58 HOH HOH A . 
B 2 HOH 59 1537 59 HOH HOH A . 
B 2 HOH 60 1538 60 HOH HOH A . 
B 2 HOH 61 1539 61 HOH HOH A . 
B 2 HOH 62 1540 62 HOH HOH A . 
B 2 HOH 63 1541 63 HOH HOH A . 
B 2 HOH 64 1542 64 HOH HOH A . 
B 2 HOH 65 1543 65 HOH HOH A . 
B 2 HOH 66 1544 66 HOH HOH A . 
B 2 HOH 67 1545 67 HOH HOH A . 
B 2 HOH 68 1546 68 HOH HOH A . 
B 2 HOH 69 1547 69 HOH HOH A . 
B 2 HOH 70 1548 70 HOH HOH A . 
B 2 HOH 71 1549 71 HOH HOH A . 
B 2 HOH 72 1550 72 HOH HOH A . 
B 2 HOH 73 1551 73 HOH HOH A . 
B 2 HOH 74 1552 74 HOH HOH A . 
B 2 HOH 75 1553 75 HOH HOH A . 
B 2 HOH 76 1554 76 HOH HOH A . 
# 
loop_
_software.name 
_software.classification 
_software.version 
_software.citation_id 
_software.pdbx_ordinal 
CNS       refinement        1.1 ? 1 
HKL-2000  'data collection' .   ? 2 
HKL-2000  'data reduction'  .   ? 3 
SCALEPACK 'data scaling'    .   ? 4 
SOLVE     phasing           .   ? 5 
# 
_cell.entry_id           2YVQ 
_cell.length_a           50.505 
_cell.length_b           50.505 
_cell.length_c           97.634 
_cell.angle_alpha        90.00 
_cell.angle_beta         90.00 
_cell.angle_gamma        120.00 
_cell.Z_PDB              6 
_cell.pdbx_unique_axis   ? 
_cell.length_a_esd       ? 
_cell.length_b_esd       ? 
_cell.length_c_esd       ? 
_cell.angle_alpha_esd    ? 
_cell.angle_beta_esd     ? 
_cell.angle_gamma_esd    ? 
# 
_symmetry.entry_id                         2YVQ 
_symmetry.space_group_name_H-M             'P 32 2 1' 
_symmetry.pdbx_full_space_group_name_H-M   ? 
_symmetry.cell_setting                     ? 
_symmetry.Int_Tables_number                154 
_symmetry.space_group_name_Hall            ? 
# 
_exptl.entry_id          2YVQ 
_exptl.method            'X-RAY DIFFRACTION' 
_exptl.crystals_number   1 
# 
_exptl_crystal.id                    1 
_exptl_crystal.density_meas          ? 
_exptl_crystal.density_Matthews      2.35 
_exptl_crystal.density_percent_sol   47.55 
_exptl_crystal.description           ? 
_exptl_crystal.F_000                 ? 
_exptl_crystal.preparation           ? 
# 
_exptl_crystal_grow.crystal_id      1 
_exptl_crystal_grow.method          'VAPOR DIFFUSION, SITTING DROP' 
_exptl_crystal_grow.temp            293 
_exptl_crystal_grow.temp_details    ? 
_exptl_crystal_grow.pH              6.5 
_exptl_crystal_grow.pdbx_details    
'1.6M (NH4)2SO4, 0.1M MES, 10%(V/V) dioxane, pH 6.5, VAPOR DIFFUSION, SITTING DROP, temperature 293K' 
_exptl_crystal_grow.pdbx_pH_range   . 
# 
_diffrn.id                     1 
_diffrn.ambient_temp           100 
_diffrn.ambient_temp_details   ? 
_diffrn.crystal_id             1 
# 
_diffrn_detector.diffrn_id              1 
_diffrn_detector.detector               CCD 
_diffrn_detector.type                   'ADSC QUANTUM 315' 
_diffrn_detector.pdbx_collection_date   2006-05-27 
_diffrn_detector.details                Mirrors 
# 
_diffrn_radiation.diffrn_id                        1 
_diffrn_radiation.wavelength_id                    1 
_diffrn_radiation.pdbx_monochromatic_or_laue_m_l   M 
_diffrn_radiation.monochromator                    silikon 
_diffrn_radiation.pdbx_diffrn_protocol             'SINGLE WAVELENGTH' 
_diffrn_radiation.pdbx_scattering_type             x-ray 
# 
_diffrn_radiation_wavelength.id           1 
_diffrn_radiation_wavelength.wavelength   0.9790 
_diffrn_radiation_wavelength.wt           1.0 
# 
_diffrn_source.diffrn_id                   1 
_diffrn_source.source                      SYNCHROTRON 
_diffrn_source.type                        'PHOTON FACTORY BEAMLINE AR-NW12A' 
_diffrn_source.pdbx_synchrotron_site       'Photon Factory' 
_diffrn_source.pdbx_synchrotron_beamline   AR-NW12A 
_diffrn_source.pdbx_wavelength             ? 
_diffrn_source.pdbx_wavelength_list        0.9790 
# 
_reflns.entry_id                     2YVQ 
_reflns.observed_criterion_sigma_I   -3 
_reflns.observed_criterion_sigma_F   ? 
_reflns.d_resolution_low             50 
_reflns.d_resolution_high            1.98 
_reflns.number_obs                   10442 
_reflns.number_all                   ? 
_reflns.percent_possible_obs         94.5 
_reflns.pdbx_Rmerge_I_obs            ? 
_reflns.pdbx_Rsym_value              0.054 
_reflns.pdbx_netI_over_sigmaI        37.2 
_reflns.B_iso_Wilson_estimate        25.3 
_reflns.pdbx_redundancy              10.7466 
_reflns.R_free_details               ? 
_reflns.limit_h_max                  ? 
_reflns.limit_h_min                  ? 
_reflns.limit_k_max                  ? 
_reflns.limit_k_min                  ? 
_reflns.limit_l_max                  ? 
_reflns.limit_l_min                  ? 
_reflns.observed_criterion_F_max     ? 
_reflns.observed_criterion_F_min     ? 
_reflns.pdbx_chi_squared             ? 
_reflns.pdbx_scaling_rejects         ? 
_reflns.pdbx_diffrn_id               1 
_reflns.pdbx_ordinal                 1 
# 
_reflns_shell.d_res_high             1.98 
_reflns_shell.d_res_low              2.08 
_reflns_shell.percent_possible_all   94.5 
_reflns_shell.Rmerge_I_obs           ? 
_reflns_shell.pdbx_Rsym_value        0.213 
_reflns_shell.meanI_over_sigI_obs    8.25 
_reflns_shell.pdbx_redundancy        8.3 
_reflns_shell.percent_possible_obs   ? 
_reflns_shell.number_unique_all      1398 
_reflns_shell.number_measured_all    ? 
_reflns_shell.number_measured_obs    ? 
_reflns_shell.number_unique_obs      ? 
_reflns_shell.pdbx_chi_squared       ? 
_reflns_shell.pdbx_diffrn_id         ? 
_reflns_shell.pdbx_ordinal           1 
# 
_refine.entry_id                                 2YVQ 
_refine.ls_number_reflns_obs                     9705 
_refine.ls_number_reflns_all                     10422 
_refine.pdbx_ls_sigma_I                          ? 
_refine.pdbx_ls_sigma_F                          2.0 
_refine.pdbx_data_cutoff_high_absF               914355.44 
_refine.pdbx_data_cutoff_low_absF                0.000000 
_refine.pdbx_data_cutoff_high_rms_absF           ? 
_refine.ls_d_res_low                             26.11 
_refine.ls_d_res_high                            1.98 
_refine.ls_percent_reflns_obs                    91.9 
_refine.ls_R_factor_obs                          0.232 
_refine.ls_R_factor_all                          ? 
_refine.ls_R_factor_R_work                       0.232 
_refine.ls_R_factor_R_free                       0.279 
_refine.ls_R_factor_R_free_error                 0.009 
_refine.ls_R_factor_R_free_error_details         ? 
_refine.ls_percent_reflns_R_free                 10.5 
_refine.ls_number_reflns_R_free                  1023 
_refine.ls_number_parameters                     ? 
_refine.ls_number_restraints                     ? 
_refine.occupancy_min                            ? 
_refine.occupancy_max                            ? 
_refine.correlation_coeff_Fo_to_Fc               ? 
_refine.correlation_coeff_Fo_to_Fc_free          ? 
_refine.B_iso_mean                               46.0 
_refine.aniso_B[1][1]                            5.33 
_refine.aniso_B[2][2]                            5.33 
_refine.aniso_B[3][3]                            -10.66 
_refine.aniso_B[1][2]                            5.36 
_refine.aniso_B[1][3]                            0.00 
_refine.aniso_B[2][3]                            0.00 
_refine.solvent_model_details                    'FLAT MODEL' 
_refine.solvent_model_param_ksol                 0.376183 
_refine.solvent_model_param_bsol                 58.1097 
_refine.pdbx_solvent_vdw_probe_radii             ? 
_refine.pdbx_solvent_ion_probe_radii             ? 
_refine.pdbx_solvent_shrinkage_radii             ? 
_refine.pdbx_ls_cross_valid_method               THROUGHOUT 
_refine.details                                  ? 
_refine.pdbx_starting_model                      ? 
_refine.pdbx_method_to_determine_struct          SAD 
_refine.pdbx_isotropic_thermal_model             RESTRAINED 
_refine.pdbx_stereochemistry_target_values       ? 
_refine.pdbx_stereochem_target_val_spec_case     ? 
_refine.pdbx_R_Free_selection_details            RANDOM 
_refine.pdbx_overall_ESU_R                       ? 
_refine.pdbx_overall_ESU_R_Free                  ? 
_refine.overall_SU_ML                            ? 
_refine.overall_SU_B                             ? 
_refine.ls_redundancy_reflns_obs                 ? 
_refine.B_iso_min                                ? 
_refine.B_iso_max                                ? 
_refine.overall_SU_R_Cruickshank_DPI             ? 
_refine.overall_SU_R_free                        ? 
_refine.ls_wR_factor_R_free                      ? 
_refine.ls_wR_factor_R_work                      ? 
_refine.overall_FOM_free_R_set                   ? 
_refine.overall_FOM_work_R_set                   ? 
_refine.pdbx_overall_phase_error                 ? 
_refine.pdbx_refine_id                           'X-RAY DIFFRACTION' 
_refine.pdbx_diffrn_id                           1 
_refine.pdbx_TLS_residual_ADP_flag               ? 
_refine.pdbx_overall_SU_R_free_Cruickshank_DPI   ? 
_refine.pdbx_overall_SU_R_Blow_DPI               ? 
_refine.pdbx_overall_SU_R_free_Blow_DPI          ? 
# 
_refine_analyze.entry_id                        2YVQ 
_refine_analyze.Luzzati_coordinate_error_obs    0.27 
_refine_analyze.Luzzati_sigma_a_obs             0.20 
_refine_analyze.Luzzati_d_res_low_obs           5.00 
_refine_analyze.Luzzati_coordinate_error_free   0.35 
_refine_analyze.Luzzati_sigma_a_free            0.29 
_refine_analyze.Luzzati_d_res_low_free          ? 
_refine_analyze.number_disordered_residues      ? 
_refine_analyze.occupancy_sum_hydrogen          ? 
_refine_analyze.occupancy_sum_non_hydrogen      ? 
_refine_analyze.pdbx_Luzzati_d_res_high_obs     ? 
_refine_analyze.pdbx_refine_id                  'X-RAY DIFFRACTION' 
# 
_refine_hist.pdbx_refine_id                   'X-RAY DIFFRACTION' 
_refine_hist.cycle_id                         LAST 
_refine_hist.pdbx_number_atoms_protein        1048 
_refine_hist.pdbx_number_atoms_nucleic_acid   0 
_refine_hist.pdbx_number_atoms_ligand         0 
_refine_hist.number_atoms_solvent             76 
_refine_hist.number_atoms_total               1124 
_refine_hist.d_res_high                       1.98 
_refine_hist.d_res_low                        26.11 
# 
loop_
_refine_ls_restr.type 
_refine_ls_restr.dev_ideal 
_refine_ls_restr.dev_ideal_target 
_refine_ls_restr.weight 
_refine_ls_restr.number 
_refine_ls_restr.pdbx_refine_id 
_refine_ls_restr.pdbx_restraint_function 
c_bond_d           0.007 ?    ? ? 'X-RAY DIFFRACTION' ? 
c_angle_deg        1.2   ?    ? ? 'X-RAY DIFFRACTION' ? 
c_dihedral_angle_d 22.3  ?    ? ? 'X-RAY DIFFRACTION' ? 
c_improper_angle_d 0.71  ?    ? ? 'X-RAY DIFFRACTION' ? 
c_mcbond_it        1.60  1.50 ? ? 'X-RAY DIFFRACTION' ? 
c_mcangle_it       2.59  2.00 ? ? 'X-RAY DIFFRACTION' ? 
c_scbond_it        9.46  2.00 ? ? 'X-RAY DIFFRACTION' ? 
c_scangle_it       8.04  2.50 ? ? 'X-RAY DIFFRACTION' ? 
# 
_refine_ls_shell.pdbx_total_number_of_bins_used   6 
_refine_ls_shell.d_res_high                       1.98 
_refine_ls_shell.d_res_low                        2.10 
_refine_ls_shell.number_reflns_R_work             1136 
_refine_ls_shell.R_factor_R_work                  0.265 
_refine_ls_shell.percent_reflns_obs               74.0 
_refine_ls_shell.R_factor_R_free                  0.310 
_refine_ls_shell.R_factor_R_free_error            0.027 
_refine_ls_shell.percent_reflns_R_free            10.6 
_refine_ls_shell.number_reflns_R_free             134 
_refine_ls_shell.number_reflns_all                ? 
_refine_ls_shell.R_factor_all                     ? 
_refine_ls_shell.number_reflns_obs                ? 
_refine_ls_shell.redundancy_reflns_obs            ? 
_refine_ls_shell.pdbx_refine_id                   'X-RAY DIFFRACTION' 
# 
loop_
_pdbx_xplor_file.serial_no 
_pdbx_xplor_file.param_file 
_pdbx_xplor_file.topol_file 
_pdbx_xplor_file.pdbx_refine_id 
1 protein_rep.param protein.top 'X-RAY DIFFRACTION' 
2 water_rep.param   ?           'X-RAY DIFFRACTION' 
# 
_struct.entry_id                  2YVQ 
_struct.title                     'Crystal structure of MGS domain of carbamoyl-phosphate synthetase from homo sapiens' 
_struct.pdbx_model_details        ? 
_struct.pdbx_CASP_flag            ? 
_struct.pdbx_model_type_details   ? 
# 
_struct_keywords.entry_id        2YVQ 
_struct_keywords.pdbx_keywords   LIGASE 
_struct_keywords.text            
;conserved hypothetical protein, Structural Genomics, NPPSFA, National Project on Protein Structural and Functional Analyses, RIKEN Structural Genomics/Proteomics Initiative, RSGI, Ligase
;
# 
loop_
_struct_asym.id 
_struct_asym.pdbx_blank_PDB_chainid_flag 
_struct_asym.pdbx_modified 
_struct_asym.entity_id 
_struct_asym.details 
A N N 1 ? 
B N N 2 ? 
# 
_struct_ref.id                         1 
_struct_ref.db_name                    UNP 
_struct_ref.db_code                    CPSM_HUMAN 
_struct_ref.pdbx_db_accession          P31327 
_struct_ref.entity_id                  1 
_struct_ref.pdbx_seq_one_letter_code   
;HTAFLKAMLSTGFKIPQKGILIGIQQSFRPRFLGVAEQLHNEGFKLFATEATSDWLNANNVPATPVAWPSQEGQNPSLSS
IRKLIRDGSIDLVINLPNNNTKFVHDNYVIRRTAVDSGIPLLTNFQVTKLFAEAVQ
;
_struct_ref.pdbx_align_begin           1343 
_struct_ref.pdbx_db_isoform            ? 
# 
_struct_ref_seq.align_id                      1 
_struct_ref_seq.ref_id                        1 
_struct_ref_seq.pdbx_PDB_id_code              2YVQ 
_struct_ref_seq.pdbx_strand_id                A 
_struct_ref_seq.seq_align_beg                 8 
_struct_ref_seq.pdbx_seq_align_beg_ins_code   ? 
_struct_ref_seq.seq_align_end                 143 
_struct_ref_seq.pdbx_seq_align_end_ins_code   ? 
_struct_ref_seq.pdbx_db_accession             P31327 
_struct_ref_seq.db_align_beg                  1343 
_struct_ref_seq.pdbx_db_align_beg_ins_code    ? 
_struct_ref_seq.db_align_end                  1478 
_struct_ref_seq.pdbx_db_align_end_ins_code    ? 
_struct_ref_seq.pdbx_auth_seq_align_beg       1343 
_struct_ref_seq.pdbx_auth_seq_align_end       1478 
# 
loop_
_struct_ref_seq_dif.align_id 
_struct_ref_seq_dif.pdbx_pdb_id_code 
_struct_ref_seq_dif.mon_id 
_struct_ref_seq_dif.pdbx_pdb_strand_id 
_struct_ref_seq_dif.seq_num 
_struct_ref_seq_dif.pdbx_pdb_ins_code 
_struct_ref_seq_dif.pdbx_seq_db_name 
_struct_ref_seq_dif.pdbx_seq_db_accession_code 
_struct_ref_seq_dif.db_mon_id 
_struct_ref_seq_dif.pdbx_seq_db_seq_num 
_struct_ref_seq_dif.details 
_struct_ref_seq_dif.pdbx_auth_seq_num 
_struct_ref_seq_dif.pdbx_ordinal 
1 2YVQ GLY A 1 ? UNP P31327 ? ? 'expression tag' 1 1 
1 2YVQ SER A 2 ? UNP P31327 ? ? 'expression tag' 2 2 
1 2YVQ SER A 3 ? UNP P31327 ? ? 'expression tag' 3 3 
1 2YVQ GLY A 4 ? UNP P31327 ? ? 'expression tag' 4 4 
1 2YVQ SER A 5 ? UNP P31327 ? ? 'expression tag' 5 5 
1 2YVQ SER A 6 ? UNP P31327 ? ? 'expression tag' 6 6 
1 2YVQ GLY A 7 ? UNP P31327 ? ? 'expression tag' 7 7 
# 
loop_
_pdbx_struct_assembly.id 
_pdbx_struct_assembly.details 
_pdbx_struct_assembly.method_details 
_pdbx_struct_assembly.oligomeric_details 
_pdbx_struct_assembly.oligomeric_count 
1 author_defined_assembly   ?    monomeric 1 
2 software_defined_assembly PISA dimeric   2 
# 
loop_
_pdbx_struct_assembly_prop.biol_id 
_pdbx_struct_assembly_prop.type 
_pdbx_struct_assembly_prop.value 
_pdbx_struct_assembly_prop.details 
2 'ABSA (A^2)' 3200  ? 
2 MORE         -23.0 ? 
2 'SSA (A^2)'  12140 ? 
# 
loop_
_pdbx_struct_assembly_gen.assembly_id 
_pdbx_struct_assembly_gen.oper_expression 
_pdbx_struct_assembly_gen.asym_id_list 
1 1   A,B 
2 1,2 A,B 
# 
loop_
_pdbx_struct_oper_list.id 
_pdbx_struct_oper_list.type 
_pdbx_struct_oper_list.name 
_pdbx_struct_oper_list.symmetry_operation 
_pdbx_struct_oper_list.matrix[1][1] 
_pdbx_struct_oper_list.matrix[1][2] 
_pdbx_struct_oper_list.matrix[1][3] 
_pdbx_struct_oper_list.vector[1] 
_pdbx_struct_oper_list.matrix[2][1] 
_pdbx_struct_oper_list.matrix[2][2] 
_pdbx_struct_oper_list.matrix[2][3] 
_pdbx_struct_oper_list.vector[2] 
_pdbx_struct_oper_list.matrix[3][1] 
_pdbx_struct_oper_list.matrix[3][2] 
_pdbx_struct_oper_list.matrix[3][3] 
_pdbx_struct_oper_list.vector[3] 
1 'identity operation'         1_555 x,y,z    1.0000000000 0.0000000000  0.0000000000 0.0000000000   0.0000000000  1.0000000000  0.0000000000  0.0000000000  0.0000000000 0.0000000000  1.0000000000  0.0000000000  
2 'crystal symmetry operation' 4_556 y,x,-z+1 0.2625746059 -0.7576214361 0.5975486056 -11.1166081371 -0.7576214361 -0.5453811302 -0.3585654507 -3.9331823638 0.5975486056 -0.3585654507 -0.7171934757 18.5017315145 
# 
_struct_biol.id        1 
_struct_biol.details   ? 
# 
loop_
_struct_conf.conf_type_id 
_struct_conf.id 
_struct_conf.pdbx_PDB_helix_id 
_struct_conf.beg_label_comp_id 
_struct_conf.beg_label_asym_id 
_struct_conf.beg_label_seq_id 
_struct_conf.pdbx_beg_PDB_ins_code 
_struct_conf.end_label_comp_id 
_struct_conf.end_label_asym_id 
_struct_conf.end_label_seq_id 
_struct_conf.pdbx_end_PDB_ins_code 
_struct_conf.beg_auth_comp_id 
_struct_conf.beg_auth_asym_id 
_struct_conf.beg_auth_seq_id 
_struct_conf.end_auth_comp_id 
_struct_conf.end_auth_asym_id 
_struct_conf.end_auth_seq_id 
_struct_conf.pdbx_PDB_helix_class 
_struct_conf.details 
_struct_conf.pdbx_PDB_helix_length 
HELX_P HELX_P1 1 HIS A 8   ? LEU A 16  ? HIS A 1343 LEU A 1351 1 ? 9  
HELX_P HELX_P2 2 GLN A 32  ? SER A 34  ? GLN A 1367 SER A 1369 5 ? 3  
HELX_P HELX_P3 3 PHE A 35  ? ASN A 48  ? PHE A 1370 ASN A 1383 1 ? 14 
HELX_P HELX_P4 4 GLU A 57  ? ASN A 66  ? GLU A 1392 ASN A 1401 1 ? 10 
HELX_P HELX_P5 5 TRP A 75  ? GLU A 79  ? TRP A 1410 GLU A 1414 5 ? 5  
HELX_P HELX_P6 6 SER A 87  ? ASP A 94  ? SER A 1422 ASP A 1429 1 ? 8  
HELX_P HELX_P7 7 ASN A 107 ? LYS A 109 ? ASN A 1442 LYS A 1444 5 ? 3  
HELX_P HELX_P8 8 PHE A 110 ? SER A 124 ? PHE A 1445 SER A 1459 1 ? 15 
HELX_P HELX_P9 9 ASN A 131 ? ALA A 141 ? ASN A 1466 ALA A 1476 1 ? 11 
# 
_struct_conf_type.id          HELX_P 
_struct_conf_type.criteria    ? 
_struct_conf_type.reference   ? 
# 
_struct_sheet.id               A 
_struct_sheet.type             ? 
_struct_sheet.number_strands   5 
_struct_sheet.details          ? 
# 
loop_
_struct_sheet_order.sheet_id 
_struct_sheet_order.range_id_1 
_struct_sheet_order.range_id_2 
_struct_sheet_order.offset 
_struct_sheet_order.sense 
A 1 2 ? parallel 
A 2 3 ? parallel 
A 3 4 ? parallel 
A 4 5 ? parallel 
# 
loop_
_struct_sheet_range.sheet_id 
_struct_sheet_range.id 
_struct_sheet_range.beg_label_comp_id 
_struct_sheet_range.beg_label_asym_id 
_struct_sheet_range.beg_label_seq_id 
_struct_sheet_range.pdbx_beg_PDB_ins_code 
_struct_sheet_range.end_label_comp_id 
_struct_sheet_range.end_label_asym_id 
_struct_sheet_range.end_label_seq_id 
_struct_sheet_range.pdbx_end_PDB_ins_code 
_struct_sheet_range.beg_auth_comp_id 
_struct_sheet_range.beg_auth_asym_id 
_struct_sheet_range.beg_auth_seq_id 
_struct_sheet_range.end_auth_comp_id 
_struct_sheet_range.end_auth_asym_id 
_struct_sheet_range.end_auth_seq_id 
A 1 THR A 71  ? VAL A 73  ? THR A 1406 VAL A 1408 
A 2 LYS A 52  ? THR A 56  ? LYS A 1387 THR A 1391 
A 3 GLY A 26  ? GLY A 30  ? GLY A 1361 GLY A 1365 
A 4 LEU A 99  ? ASN A 102 ? LEU A 1434 ASN A 1437 
A 5 LEU A 128 ? LEU A 129 ? LEU A 1463 LEU A 1464 
# 
loop_
_pdbx_struct_sheet_hbond.sheet_id 
_pdbx_struct_sheet_hbond.range_id_1 
_pdbx_struct_sheet_hbond.range_id_2 
_pdbx_struct_sheet_hbond.range_1_label_atom_id 
_pdbx_struct_sheet_hbond.range_1_label_comp_id 
_pdbx_struct_sheet_hbond.range_1_label_asym_id 
_pdbx_struct_sheet_hbond.range_1_label_seq_id 
_pdbx_struct_sheet_hbond.range_1_PDB_ins_code 
_pdbx_struct_sheet_hbond.range_1_auth_atom_id 
_pdbx_struct_sheet_hbond.range_1_auth_comp_id 
_pdbx_struct_sheet_hbond.range_1_auth_asym_id 
_pdbx_struct_sheet_hbond.range_1_auth_seq_id 
_pdbx_struct_sheet_hbond.range_2_label_atom_id 
_pdbx_struct_sheet_hbond.range_2_label_comp_id 
_pdbx_struct_sheet_hbond.range_2_label_asym_id 
_pdbx_struct_sheet_hbond.range_2_label_seq_id 
_pdbx_struct_sheet_hbond.range_2_PDB_ins_code 
_pdbx_struct_sheet_hbond.range_2_auth_atom_id 
_pdbx_struct_sheet_hbond.range_2_auth_comp_id 
_pdbx_struct_sheet_hbond.range_2_auth_asym_id 
_pdbx_struct_sheet_hbond.range_2_auth_seq_id 
A 1 2 O THR A 71  ? O THR A 1406 N LEU A 53  ? N LEU A 1388 
A 2 3 O PHE A 54  ? O PHE A 1389 N ILE A 29  ? N ILE A 1364 
A 3 4 N LEU A 28  ? N LEU A 1363 O ILE A 101 ? O ILE A 1436 
A 4 5 N VAL A 100 ? N VAL A 1435 O LEU A 129 ? O LEU A 1464 
# 
_pdbx_validate_symm_contact.id                1 
_pdbx_validate_symm_contact.PDB_model_num     1 
_pdbx_validate_symm_contact.auth_atom_id_1    NH1 
_pdbx_validate_symm_contact.auth_asym_id_1    A 
_pdbx_validate_symm_contact.auth_comp_id_1    ARG 
_pdbx_validate_symm_contact.auth_seq_id_1     1454 
_pdbx_validate_symm_contact.PDB_ins_code_1    ? 
_pdbx_validate_symm_contact.label_alt_id_1    ? 
_pdbx_validate_symm_contact.site_symmetry_1   1_555 
_pdbx_validate_symm_contact.auth_atom_id_2    NH1 
_pdbx_validate_symm_contact.auth_asym_id_2    A 
_pdbx_validate_symm_contact.auth_comp_id_2    ARG 
_pdbx_validate_symm_contact.auth_seq_id_2     1454 
_pdbx_validate_symm_contact.PDB_ins_code_2    ? 
_pdbx_validate_symm_contact.label_alt_id_2    ? 
_pdbx_validate_symm_contact.site_symmetry_2   4_556 
_pdbx_validate_symm_contact.dist              2.14 
# 
loop_
_pdbx_validate_torsion.id 
_pdbx_validate_torsion.PDB_model_num 
_pdbx_validate_torsion.auth_comp_id 
_pdbx_validate_torsion.auth_asym_id 
_pdbx_validate_torsion.auth_seq_id 
_pdbx_validate_torsion.PDB_ins_code 
_pdbx_validate_torsion.label_alt_id 
_pdbx_validate_torsion.phi 
_pdbx_validate_torsion.psi 
1 1 HIS A 1343 ? ? -138.33 -142.17 
2 1 GLN A 1359 ? ? -130.72 -42.96  
3 1 LYS A 1360 ? ? -58.78  -109.48 
4 1 ASN A 1383 ? ? -60.92  4.81    
5 1 GLU A 1392 ? ? -26.78  -64.50  
6 1 ALA A 1476 ? ? -60.83  10.29   
7 1 VAL A 1477 ? ? 59.42   -1.62   
# 
_pdbx_SG_project.id                    1 
_pdbx_SG_project.project_name          'NPPSFA, National Project on Protein Structural and Functional Analyses' 
_pdbx_SG_project.full_name_of_center   'RIKEN Structural Genomics/Proteomics Initiative' 
_pdbx_SG_project.initial_of_center     RSGI 
# 
loop_
_pdbx_unobs_or_zero_occ_residues.id 
_pdbx_unobs_or_zero_occ_residues.PDB_model_num 
_pdbx_unobs_or_zero_occ_residues.polymer_flag 
_pdbx_unobs_or_zero_occ_residues.occupancy_flag 
_pdbx_unobs_or_zero_occ_residues.auth_asym_id 
_pdbx_unobs_or_zero_occ_residues.auth_comp_id 
_pdbx_unobs_or_zero_occ_residues.auth_seq_id 
_pdbx_unobs_or_zero_occ_residues.PDB_ins_code 
_pdbx_unobs_or_zero_occ_residues.label_asym_id 
_pdbx_unobs_or_zero_occ_residues.label_comp_id 
_pdbx_unobs_or_zero_occ_residues.label_seq_id 
1 1 Y 1 A GLY 1    ? A GLY 1  
2 1 Y 1 A SER 2    ? A SER 2  
3 1 Y 1 A SER 3    ? A SER 3  
4 1 Y 1 A GLY 4    ? A GLY 4  
5 1 Y 1 A GLY 1415 ? A GLY 80 
6 1 Y 1 A GLN 1416 ? A GLN 81 
7 1 Y 1 A ASN 1417 ? A ASN 82 
8 1 Y 1 A PRO 1418 ? A PRO 83 
9 1 Y 1 A SER 1419 ? A SER 84 
# 
loop_
_chem_comp_atom.comp_id 
_chem_comp_atom.atom_id 
_chem_comp_atom.type_symbol 
_chem_comp_atom.pdbx_aromatic_flag 
_chem_comp_atom.pdbx_stereo_config 
_chem_comp_atom.pdbx_ordinal 
ALA N    N N N 1   
ALA CA   C N S 2   
ALA C    C N N 3   
ALA O    O N N 4   
ALA CB   C N N 5   
ALA OXT  O N N 6   
ALA H    H N N 7   
ALA H2   H N N 8   
ALA HA   H N N 9   
ALA HB1  H N N 10  
ALA HB2  H N N 11  
ALA HB3  H N N 12  
ALA HXT  H N N 13  
ARG N    N N N 14  
ARG CA   C N S 15  
ARG C    C N N 16  
ARG O    O N N 17  
ARG CB   C N N 18  
ARG CG   C N N 19  
ARG CD   C N N 20  
ARG NE   N N N 21  
ARG CZ   C N N 22  
ARG NH1  N N N 23  
ARG NH2  N N N 24  
ARG OXT  O N N 25  
ARG H    H N N 26  
ARG H2   H N N 27  
ARG HA   H N N 28  
ARG HB2  H N N 29  
ARG HB3  H N N 30  
ARG HG2  H N N 31  
ARG HG3  H N N 32  
ARG HD2  H N N 33  
ARG HD3  H N N 34  
ARG HE   H N N 35  
ARG HH11 H N N 36  
ARG HH12 H N N 37  
ARG HH21 H N N 38  
ARG HH22 H N N 39  
ARG HXT  H N N 40  
ASN N    N N N 41  
ASN CA   C N S 42  
ASN C    C N N 43  
ASN O    O N N 44  
ASN CB   C N N 45  
ASN CG   C N N 46  
ASN OD1  O N N 47  
ASN ND2  N N N 48  
ASN OXT  O N N 49  
ASN H    H N N 50  
ASN H2   H N N 51  
ASN HA   H N N 52  
ASN HB2  H N N 53  
ASN HB3  H N N 54  
ASN HD21 H N N 55  
ASN HD22 H N N 56  
ASN HXT  H N N 57  
ASP N    N N N 58  
ASP CA   C N S 59  
ASP C    C N N 60  
ASP O    O N N 61  
ASP CB   C N N 62  
ASP CG   C N N 63  
ASP OD1  O N N 64  
ASP OD2  O N N 65  
ASP OXT  O N N 66  
ASP H    H N N 67  
ASP H2   H N N 68  
ASP HA   H N N 69  
ASP HB2  H N N 70  
ASP HB3  H N N 71  
ASP HD2  H N N 72  
ASP HXT  H N N 73  
GLN N    N N N 74  
GLN CA   C N S 75  
GLN C    C N N 76  
GLN O    O N N 77  
GLN CB   C N N 78  
GLN CG   C N N 79  
GLN CD   C N N 80  
GLN OE1  O N N 81  
GLN NE2  N N N 82  
GLN OXT  O N N 83  
GLN H    H N N 84  
GLN H2   H N N 85  
GLN HA   H N N 86  
GLN HB2  H N N 87  
GLN HB3  H N N 88  
GLN HG2  H N N 89  
GLN HG3  H N N 90  
GLN HE21 H N N 91  
GLN HE22 H N N 92  
GLN HXT  H N N 93  
GLU N    N N N 94  
GLU CA   C N S 95  
GLU C    C N N 96  
GLU O    O N N 97  
GLU CB   C N N 98  
GLU CG   C N N 99  
GLU CD   C N N 100 
GLU OE1  O N N 101 
GLU OE2  O N N 102 
GLU OXT  O N N 103 
GLU H    H N N 104 
GLU H2   H N N 105 
GLU HA   H N N 106 
GLU HB2  H N N 107 
GLU HB3  H N N 108 
GLU HG2  H N N 109 
GLU HG3  H N N 110 
GLU HE2  H N N 111 
GLU HXT  H N N 112 
GLY N    N N N 113 
GLY CA   C N N 114 
GLY C    C N N 115 
GLY O    O N N 116 
GLY OXT  O N N 117 
GLY H    H N N 118 
GLY H2   H N N 119 
GLY HA2  H N N 120 
GLY HA3  H N N 121 
GLY HXT  H N N 122 
HIS N    N N N 123 
HIS CA   C N S 124 
HIS C    C N N 125 
HIS O    O N N 126 
HIS CB   C N N 127 
HIS CG   C Y N 128 
HIS ND1  N Y N 129 
HIS CD2  C Y N 130 
HIS CE1  C Y N 131 
HIS NE2  N Y N 132 
HIS OXT  O N N 133 
HIS H    H N N 134 
HIS H2   H N N 135 
HIS HA   H N N 136 
HIS HB2  H N N 137 
HIS HB3  H N N 138 
HIS HD1  H N N 139 
HIS HD2  H N N 140 
HIS HE1  H N N 141 
HIS HE2  H N N 142 
HIS HXT  H N N 143 
HOH O    O N N 144 
HOH H1   H N N 145 
HOH H2   H N N 146 
ILE N    N N N 147 
ILE CA   C N S 148 
ILE C    C N N 149 
ILE O    O N N 150 
ILE CB   C N S 151 
ILE CG1  C N N 152 
ILE CG2  C N N 153 
ILE CD1  C N N 154 
ILE OXT  O N N 155 
ILE H    H N N 156 
ILE H2   H N N 157 
ILE HA   H N N 158 
ILE HB   H N N 159 
ILE HG12 H N N 160 
ILE HG13 H N N 161 
ILE HG21 H N N 162 
ILE HG22 H N N 163 
ILE HG23 H N N 164 
ILE HD11 H N N 165 
ILE HD12 H N N 166 
ILE HD13 H N N 167 
ILE HXT  H N N 168 
LEU N    N N N 169 
LEU CA   C N S 170 
LEU C    C N N 171 
LEU O    O N N 172 
LEU CB   C N N 173 
LEU CG   C N N 174 
LEU CD1  C N N 175 
LEU CD2  C N N 176 
LEU OXT  O N N 177 
LEU H    H N N 178 
LEU H2   H N N 179 
LEU HA   H N N 180 
LEU HB2  H N N 181 
LEU HB3  H N N 182 
LEU HG   H N N 183 
LEU HD11 H N N 184 
LEU HD12 H N N 185 
LEU HD13 H N N 186 
LEU HD21 H N N 187 
LEU HD22 H N N 188 
LEU HD23 H N N 189 
LEU HXT  H N N 190 
LYS N    N N N 191 
LYS CA   C N S 192 
LYS C    C N N 193 
LYS O    O N N 194 
LYS CB   C N N 195 
LYS CG   C N N 196 
LYS CD   C N N 197 
LYS CE   C N N 198 
LYS NZ   N N N 199 
LYS OXT  O N N 200 
LYS H    H N N 201 
LYS H2   H N N 202 
LYS HA   H N N 203 
LYS HB2  H N N 204 
LYS HB3  H N N 205 
LYS HG2  H N N 206 
LYS HG3  H N N 207 
LYS HD2  H N N 208 
LYS HD3  H N N 209 
LYS HE2  H N N 210 
LYS HE3  H N N 211 
LYS HZ1  H N N 212 
LYS HZ2  H N N 213 
LYS HZ3  H N N 214 
LYS HXT  H N N 215 
MET N    N N N 216 
MET CA   C N S 217 
MET C    C N N 218 
MET O    O N N 219 
MET CB   C N N 220 
MET CG   C N N 221 
MET SD   S N N 222 
MET CE   C N N 223 
MET OXT  O N N 224 
MET H    H N N 225 
MET H2   H N N 226 
MET HA   H N N 227 
MET HB2  H N N 228 
MET HB3  H N N 229 
MET HG2  H N N 230 
MET HG3  H N N 231 
MET HE1  H N N 232 
MET HE2  H N N 233 
MET HE3  H N N 234 
MET HXT  H N N 235 
PHE N    N N N 236 
PHE CA   C N S 237 
PHE C    C N N 238 
PHE O    O N N 239 
PHE CB   C N N 240 
PHE CG   C Y N 241 
PHE CD1  C Y N 242 
PHE CD2  C Y N 243 
PHE CE1  C Y N 244 
PHE CE2  C Y N 245 
PHE CZ   C Y N 246 
PHE OXT  O N N 247 
PHE H    H N N 248 
PHE H2   H N N 249 
PHE HA   H N N 250 
PHE HB2  H N N 251 
PHE HB3  H N N 252 
PHE HD1  H N N 253 
PHE HD2  H N N 254 
PHE HE1  H N N 255 
PHE HE2  H N N 256 
PHE HZ   H N N 257 
PHE HXT  H N N 258 
PRO N    N N N 259 
PRO CA   C N S 260 
PRO C    C N N 261 
PRO O    O N N 262 
PRO CB   C N N 263 
PRO CG   C N N 264 
PRO CD   C N N 265 
PRO OXT  O N N 266 
PRO H    H N N 267 
PRO HA   H N N 268 
PRO HB2  H N N 269 
PRO HB3  H N N 270 
PRO HG2  H N N 271 
PRO HG3  H N N 272 
PRO HD2  H N N 273 
PRO HD3  H N N 274 
PRO HXT  H N N 275 
SER N    N N N 276 
SER CA   C N S 277 
SER C    C N N 278 
SER O    O N N 279 
SER CB   C N N 280 
SER OG   O N N 281 
SER OXT  O N N 282 
SER H    H N N 283 
SER H2   H N N 284 
SER HA   H N N 285 
SER HB2  H N N 286 
SER HB3  H N N 287 
SER HG   H N N 288 
SER HXT  H N N 289 
THR N    N N N 290 
THR CA   C N S 291 
THR C    C N N 292 
THR O    O N N 293 
THR CB   C N R 294 
THR OG1  O N N 295 
THR CG2  C N N 296 
THR OXT  O N N 297 
THR H    H N N 298 
THR H2   H N N 299 
THR HA   H N N 300 
THR HB   H N N 301 
THR HG1  H N N 302 
THR HG21 H N N 303 
THR HG22 H N N 304 
THR HG23 H N N 305 
THR HXT  H N N 306 
TRP N    N N N 307 
TRP CA   C N S 308 
TRP C    C N N 309 
TRP O    O N N 310 
TRP CB   C N N 311 
TRP CG   C Y N 312 
TRP CD1  C Y N 313 
TRP CD2  C Y N 314 
TRP NE1  N Y N 315 
TRP CE2  C Y N 316 
TRP CE3  C Y N 317 
TRP CZ2  C Y N 318 
TRP CZ3  C Y N 319 
TRP CH2  C Y N 320 
TRP OXT  O N N 321 
TRP H    H N N 322 
TRP H2   H N N 323 
TRP HA   H N N 324 
TRP HB2  H N N 325 
TRP HB3  H N N 326 
TRP HD1  H N N 327 
TRP HE1  H N N 328 
TRP HE3  H N N 329 
TRP HZ2  H N N 330 
TRP HZ3  H N N 331 
TRP HH2  H N N 332 
TRP HXT  H N N 333 
TYR N    N N N 334 
TYR CA   C N S 335 
TYR C    C N N 336 
TYR O    O N N 337 
TYR CB   C N N 338 
TYR CG   C Y N 339 
TYR CD1  C Y N 340 
TYR CD2  C Y N 341 
TYR CE1  C Y N 342 
TYR CE2  C Y N 343 
TYR CZ   C Y N 344 
TYR OH   O N N 345 
TYR OXT  O N N 346 
TYR H    H N N 347 
TYR H2   H N N 348 
TYR HA   H N N 349 
TYR HB2  H N N 350 
TYR HB3  H N N 351 
TYR HD1  H N N 352 
TYR HD2  H N N 353 
TYR HE1  H N N 354 
TYR HE2  H N N 355 
TYR HH   H N N 356 
TYR HXT  H N N 357 
VAL N    N N N 358 
VAL CA   C N S 359 
VAL C    C N N 360 
VAL O    O N N 361 
VAL CB   C N N 362 
VAL CG1  C N N 363 
VAL CG2  C N N 364 
VAL OXT  O N N 365 
VAL H    H N N 366 
VAL H2   H N N 367 
VAL HA   H N N 368 
VAL HB   H N N 369 
VAL HG11 H N N 370 
VAL HG12 H N N 371 
VAL HG13 H N N 372 
VAL HG21 H N N 373 
VAL HG22 H N N 374 
VAL HG23 H N N 375 
VAL HXT  H N N 376 
# 
loop_
_chem_comp_bond.comp_id 
_chem_comp_bond.atom_id_1 
_chem_comp_bond.atom_id_2 
_chem_comp_bond.value_order 
_chem_comp_bond.pdbx_aromatic_flag 
_chem_comp_bond.pdbx_stereo_config 
_chem_comp_bond.pdbx_ordinal 
ALA N   CA   sing N N 1   
ALA N   H    sing N N 2   
ALA N   H2   sing N N 3   
ALA CA  C    sing N N 4   
ALA CA  CB   sing N N 5   
ALA CA  HA   sing N N 6   
ALA C   O    doub N N 7   
ALA C   OXT  sing N N 8   
ALA CB  HB1  sing N N 9   
ALA CB  HB2  sing N N 10  
ALA CB  HB3  sing N N 11  
ALA OXT HXT  sing N N 12  
ARG N   CA   sing N N 13  
ARG N   H    sing N N 14  
ARG N   H2   sing N N 15  
ARG CA  C    sing N N 16  
ARG CA  CB   sing N N 17  
ARG CA  HA   sing N N 18  
ARG C   O    doub N N 19  
ARG C   OXT  sing N N 20  
ARG CB  CG   sing N N 21  
ARG CB  HB2  sing N N 22  
ARG CB  HB3  sing N N 23  
ARG CG  CD   sing N N 24  
ARG CG  HG2  sing N N 25  
ARG CG  HG3  sing N N 26  
ARG CD  NE   sing N N 27  
ARG CD  HD2  sing N N 28  
ARG CD  HD3  sing N N 29  
ARG NE  CZ   sing N N 30  
ARG NE  HE   sing N N 31  
ARG CZ  NH1  sing N N 32  
ARG CZ  NH2  doub N N 33  
ARG NH1 HH11 sing N N 34  
ARG NH1 HH12 sing N N 35  
ARG NH2 HH21 sing N N 36  
ARG NH2 HH22 sing N N 37  
ARG OXT HXT  sing N N 38  
ASN N   CA   sing N N 39  
ASN N   H    sing N N 40  
ASN N   H2   sing N N 41  
ASN CA  C    sing N N 42  
ASN CA  CB   sing N N 43  
ASN CA  HA   sing N N 44  
ASN C   O    doub N N 45  
ASN C   OXT  sing N N 46  
ASN CB  CG   sing N N 47  
ASN CB  HB2  sing N N 48  
ASN CB  HB3  sing N N 49  
ASN CG  OD1  doub N N 50  
ASN CG  ND2  sing N N 51  
ASN ND2 HD21 sing N N 52  
ASN ND2 HD22 sing N N 53  
ASN OXT HXT  sing N N 54  
ASP N   CA   sing N N 55  
ASP N   H    sing N N 56  
ASP N   H2   sing N N 57  
ASP CA  C    sing N N 58  
ASP CA  CB   sing N N 59  
ASP CA  HA   sing N N 60  
ASP C   O    doub N N 61  
ASP C   OXT  sing N N 62  
ASP CB  CG   sing N N 63  
ASP CB  HB2  sing N N 64  
ASP CB  HB3  sing N N 65  
ASP CG  OD1  doub N N 66  
ASP CG  OD2  sing N N 67  
ASP OD2 HD2  sing N N 68  
ASP OXT HXT  sing N N 69  
GLN N   CA   sing N N 70  
GLN N   H    sing N N 71  
GLN N   H2   sing N N 72  
GLN CA  C    sing N N 73  
GLN CA  CB   sing N N 74  
GLN CA  HA   sing N N 75  
GLN C   O    doub N N 76  
GLN C   OXT  sing N N 77  
GLN CB  CG   sing N N 78  
GLN CB  HB2  sing N N 79  
GLN CB  HB3  sing N N 80  
GLN CG  CD   sing N N 81  
GLN CG  HG2  sing N N 82  
GLN CG  HG3  sing N N 83  
GLN CD  OE1  doub N N 84  
GLN CD  NE2  sing N N 85  
GLN NE2 HE21 sing N N 86  
GLN NE2 HE22 sing N N 87  
GLN OXT HXT  sing N N 88  
GLU N   CA   sing N N 89  
GLU N   H    sing N N 90  
GLU N   H2   sing N N 91  
GLU CA  C    sing N N 92  
GLU CA  CB   sing N N 93  
GLU CA  HA   sing N N 94  
GLU C   O    doub N N 95  
GLU C   OXT  sing N N 96  
GLU CB  CG   sing N N 97  
GLU CB  HB2  sing N N 98  
GLU CB  HB3  sing N N 99  
GLU CG  CD   sing N N 100 
GLU CG  HG2  sing N N 101 
GLU CG  HG3  sing N N 102 
GLU CD  OE1  doub N N 103 
GLU CD  OE2  sing N N 104 
GLU OE2 HE2  sing N N 105 
GLU OXT HXT  sing N N 106 
GLY N   CA   sing N N 107 
GLY N   H    sing N N 108 
GLY N   H2   sing N N 109 
GLY CA  C    sing N N 110 
GLY CA  HA2  sing N N 111 
GLY CA  HA3  sing N N 112 
GLY C   O    doub N N 113 
GLY C   OXT  sing N N 114 
GLY OXT HXT  sing N N 115 
HIS N   CA   sing N N 116 
HIS N   H    sing N N 117 
HIS N   H2   sing N N 118 
HIS CA  C    sing N N 119 
HIS CA  CB   sing N N 120 
HIS CA  HA   sing N N 121 
HIS C   O    doub N N 122 
HIS C   OXT  sing N N 123 
HIS CB  CG   sing N N 124 
HIS CB  HB2  sing N N 125 
HIS CB  HB3  sing N N 126 
HIS CG  ND1  sing Y N 127 
HIS CG  CD2  doub Y N 128 
HIS ND1 CE1  doub Y N 129 
HIS ND1 HD1  sing N N 130 
HIS CD2 NE2  sing Y N 131 
HIS CD2 HD2  sing N N 132 
HIS CE1 NE2  sing Y N 133 
HIS CE1 HE1  sing N N 134 
HIS NE2 HE2  sing N N 135 
HIS OXT HXT  sing N N 136 
HOH O   H1   sing N N 137 
HOH O   H2   sing N N 138 
ILE N   CA   sing N N 139 
ILE N   H    sing N N 140 
ILE N   H2   sing N N 141 
ILE CA  C    sing N N 142 
ILE CA  CB   sing N N 143 
ILE CA  HA   sing N N 144 
ILE C   O    doub N N 145 
ILE C   OXT  sing N N 146 
ILE CB  CG1  sing N N 147 
ILE CB  CG2  sing N N 148 
ILE CB  HB   sing N N 149 
ILE CG1 CD1  sing N N 150 
ILE CG1 HG12 sing N N 151 
ILE CG1 HG13 sing N N 152 
ILE CG2 HG21 sing N N 153 
ILE CG2 HG22 sing N N 154 
ILE CG2 HG23 sing N N 155 
ILE CD1 HD11 sing N N 156 
ILE CD1 HD12 sing N N 157 
ILE CD1 HD13 sing N N 158 
ILE OXT HXT  sing N N 159 
LEU N   CA   sing N N 160 
LEU N   H    sing N N 161 
LEU N   H2   sing N N 162 
LEU CA  C    sing N N 163 
LEU CA  CB   sing N N 164 
LEU CA  HA   sing N N 165 
LEU C   O    doub N N 166 
LEU C   OXT  sing N N 167 
LEU CB  CG   sing N N 168 
LEU CB  HB2  sing N N 169 
LEU CB  HB3  sing N N 170 
LEU CG  CD1  sing N N 171 
LEU CG  CD2  sing N N 172 
LEU CG  HG   sing N N 173 
LEU CD1 HD11 sing N N 174 
LEU CD1 HD12 sing N N 175 
LEU CD1 HD13 sing N N 176 
LEU CD2 HD21 sing N N 177 
LEU CD2 HD22 sing N N 178 
LEU CD2 HD23 sing N N 179 
LEU OXT HXT  sing N N 180 
LYS N   CA   sing N N 181 
LYS N   H    sing N N 182 
LYS N   H2   sing N N 183 
LYS CA  C    sing N N 184 
LYS CA  CB   sing N N 185 
LYS CA  HA   sing N N 186 
LYS C   O    doub N N 187 
LYS C   OXT  sing N N 188 
LYS CB  CG   sing N N 189 
LYS CB  HB2  sing N N 190 
LYS CB  HB3  sing N N 191 
LYS CG  CD   sing N N 192 
LYS CG  HG2  sing N N 193 
LYS CG  HG3  sing N N 194 
LYS CD  CE   sing N N 195 
LYS CD  HD2  sing N N 196 
LYS CD  HD3  sing N N 197 
LYS CE  NZ   sing N N 198 
LYS CE  HE2  sing N N 199 
LYS CE  HE3  sing N N 200 
LYS NZ  HZ1  sing N N 201 
LYS NZ  HZ2  sing N N 202 
LYS NZ  HZ3  sing N N 203 
LYS OXT HXT  sing N N 204 
MET N   CA   sing N N 205 
MET N   H    sing N N 206 
MET N   H2   sing N N 207 
MET CA  C    sing N N 208 
MET CA  CB   sing N N 209 
MET CA  HA   sing N N 210 
MET C   O    doub N N 211 
MET C   OXT  sing N N 212 
MET CB  CG   sing N N 213 
MET CB  HB2  sing N N 214 
MET CB  HB3  sing N N 215 
MET CG  SD   sing N N 216 
MET CG  HG2  sing N N 217 
MET CG  HG3  sing N N 218 
MET SD  CE   sing N N 219 
MET CE  HE1  sing N N 220 
MET CE  HE2  sing N N 221 
MET CE  HE3  sing N N 222 
MET OXT HXT  sing N N 223 
PHE N   CA   sing N N 224 
PHE N   H    sing N N 225 
PHE N   H2   sing N N 226 
PHE CA  C    sing N N 227 
PHE CA  CB   sing N N 228 
PHE CA  HA   sing N N 229 
PHE C   O    doub N N 230 
PHE C   OXT  sing N N 231 
PHE CB  CG   sing N N 232 
PHE CB  HB2  sing N N 233 
PHE CB  HB3  sing N N 234 
PHE CG  CD1  doub Y N 235 
PHE CG  CD2  sing Y N 236 
PHE CD1 CE1  sing Y N 237 
PHE CD1 HD1  sing N N 238 
PHE CD2 CE2  doub Y N 239 
PHE CD2 HD2  sing N N 240 
PHE CE1 CZ   doub Y N 241 
PHE CE1 HE1  sing N N 242 
PHE CE2 CZ   sing Y N 243 
PHE CE2 HE2  sing N N 244 
PHE CZ  HZ   sing N N 245 
PHE OXT HXT  sing N N 246 
PRO N   CA   sing N N 247 
PRO N   CD   sing N N 248 
PRO N   H    sing N N 249 
PRO CA  C    sing N N 250 
PRO CA  CB   sing N N 251 
PRO CA  HA   sing N N 252 
PRO C   O    doub N N 253 
PRO C   OXT  sing N N 254 
PRO CB  CG   sing N N 255 
PRO CB  HB2  sing N N 256 
PRO CB  HB3  sing N N 257 
PRO CG  CD   sing N N 258 
PRO CG  HG2  sing N N 259 
PRO CG  HG3  sing N N 260 
PRO CD  HD2  sing N N 261 
PRO CD  HD3  sing N N 262 
PRO OXT HXT  sing N N 263 
SER N   CA   sing N N 264 
SER N   H    sing N N 265 
SER N   H2   sing N N 266 
SER CA  C    sing N N 267 
SER CA  CB   sing N N 268 
SER CA  HA   sing N N 269 
SER C   O    doub N N 270 
SER C   OXT  sing N N 271 
SER CB  OG   sing N N 272 
SER CB  HB2  sing N N 273 
SER CB  HB3  sing N N 274 
SER OG  HG   sing N N 275 
SER OXT HXT  sing N N 276 
THR N   CA   sing N N 277 
THR N   H    sing N N 278 
THR N   H2   sing N N 279 
THR CA  C    sing N N 280 
THR CA  CB   sing N N 281 
THR CA  HA   sing N N 282 
THR C   O    doub N N 283 
THR C   OXT  sing N N 284 
THR CB  OG1  sing N N 285 
THR CB  CG2  sing N N 286 
THR CB  HB   sing N N 287 
THR OG1 HG1  sing N N 288 
THR CG2 HG21 sing N N 289 
THR CG2 HG22 sing N N 290 
THR CG2 HG23 sing N N 291 
THR OXT HXT  sing N N 292 
TRP N   CA   sing N N 293 
TRP N   H    sing N N 294 
TRP N   H2   sing N N 295 
TRP CA  C    sing N N 296 
TRP CA  CB   sing N N 297 
TRP CA  HA   sing N N 298 
TRP C   O    doub N N 299 
TRP C   OXT  sing N N 300 
TRP CB  CG   sing N N 301 
TRP CB  HB2  sing N N 302 
TRP CB  HB3  sing N N 303 
TRP CG  CD1  doub Y N 304 
TRP CG  CD2  sing Y N 305 
TRP CD1 NE1  sing Y N 306 
TRP CD1 HD1  sing N N 307 
TRP CD2 CE2  doub Y N 308 
TRP CD2 CE3  sing Y N 309 
TRP NE1 CE2  sing Y N 310 
TRP NE1 HE1  sing N N 311 
TRP CE2 CZ2  sing Y N 312 
TRP CE3 CZ3  doub Y N 313 
TRP CE3 HE3  sing N N 314 
TRP CZ2 CH2  doub Y N 315 
TRP CZ2 HZ2  sing N N 316 
TRP CZ3 CH2  sing Y N 317 
TRP CZ3 HZ3  sing N N 318 
TRP CH2 HH2  sing N N 319 
TRP OXT HXT  sing N N 320 
TYR N   CA   sing N N 321 
TYR N   H    sing N N 322 
TYR N   H2   sing N N 323 
TYR CA  C    sing N N 324 
TYR CA  CB   sing N N 325 
TYR CA  HA   sing N N 326 
TYR C   O    doub N N 327 
TYR C   OXT  sing N N 328 
TYR CB  CG   sing N N 329 
TYR CB  HB2  sing N N 330 
TYR CB  HB3  sing N N 331 
TYR CG  CD1  doub Y N 332 
TYR CG  CD2  sing Y N 333 
TYR CD1 CE1  sing Y N 334 
TYR CD1 HD1  sing N N 335 
TYR CD2 CE2  doub Y N 336 
TYR CD2 HD2  sing N N 337 
TYR CE1 CZ   doub Y N 338 
TYR CE1 HE1  sing N N 339 
TYR CE2 CZ   sing Y N 340 
TYR CE2 HE2  sing N N 341 
TYR CZ  OH   sing N N 342 
TYR OH  HH   sing N N 343 
TYR OXT HXT  sing N N 344 
VAL N   CA   sing N N 345 
VAL N   H    sing N N 346 
VAL N   H2   sing N N 347 
VAL CA  C    sing N N 348 
VAL CA  CB   sing N N 349 
VAL CA  HA   sing N N 350 
VAL C   O    doub N N 351 
VAL C   OXT  sing N N 352 
VAL CB  CG1  sing N N 353 
VAL CB  CG2  sing N N 354 
VAL CB  HB   sing N N 355 
VAL CG1 HG11 sing N N 356 
VAL CG1 HG12 sing N N 357 
VAL CG1 HG13 sing N N 358 
VAL CG2 HG21 sing N N 359 
VAL CG2 HG22 sing N N 360 
VAL CG2 HG23 sing N N 361 
VAL OXT HXT  sing N N 362 
# 
_atom_sites.entry_id                    2YVQ 
_atom_sites.fract_transf_matrix[1][1]   -0.00879281 
_atom_sites.fract_transf_matrix[1][2]   0.01640118 
_atom_sites.fract_transf_matrix[1][3]   -0.01328226 
_atom_sites.fract_transf_matrix[2][1]   -0.02267120 
_atom_sites.fract_transf_matrix[2][2]   0.00247895 
_atom_sites.fract_transf_matrix[2][3]   -0.00160880 
_atom_sites.fract_transf_matrix[3][1]   0.00014796 
_atom_sites.fract_transf_matrix[3][2]   0.00649287 
_atom_sites.fract_transf_matrix[3][3]   0.00791956 
_atom_sites.fract_transf_vector[1]      0.365071 
_atom_sites.fract_transf_vector[2]      0.152556 
_atom_sites.fract_transf_vector[3]      0.440312 
# 
loop_
_atom_type.symbol 
C 
N 
O 
S 
# 
loop_
_atom_site.group_PDB 
_atom_site.id 
_atom_site.type_symbol 
_atom_site.label_atom_id 
_atom_site.label_alt_id 
_atom_site.label_comp_id 
_atom_site.label_asym_id 
_atom_site.label_entity_id 
_atom_site.label_seq_id 
_atom_site.pdbx_PDB_ins_code 
_atom_site.Cartn_x 
_atom_site.Cartn_y 
_atom_site.Cartn_z 
_atom_site.occupancy 
_atom_site.B_iso_or_equiv 
_atom_site.pdbx_formal_charge 
_atom_site.auth_seq_id 
_atom_site.auth_comp_id 
_atom_site.auth_asym_id 
_atom_site.auth_atom_id 
_atom_site.pdbx_PDB_model_num 
ATOM   1    N N   . SER A 1 5   ? 8.449   -8.811  20.150  1.00 45.90 ? 5    SER A N   1 
ATOM   2    C CA  . SER A 1 5   ? 8.891   -7.587  19.410  1.00 46.16 ? 5    SER A CA  1 
ATOM   3    C C   . SER A 1 5   ? 8.403   -6.306  20.091  1.00 44.37 ? 5    SER A C   1 
ATOM   4    O O   . SER A 1 5   ? 7.603   -6.347  21.027  1.00 46.71 ? 5    SER A O   1 
ATOM   5    C CB  . SER A 1 5   ? 8.363   -7.618  17.969  1.00 47.30 ? 5    SER A CB  1 
ATOM   6    O OG  . SER A 1 5   ? 6.944   -7.588  17.945  1.00 47.26 ? 5    SER A OG  1 
ATOM   7    N N   . SER A 1 6   ? 8.886   -5.170  19.603  1.00 42.41 ? 6    SER A N   1 
ATOM   8    C CA  . SER A 1 6   ? 8.507   -3.872  20.145  1.00 41.10 ? 6    SER A CA  1 
ATOM   9    C C   . SER A 1 6   ? 8.358   -2.898  18.996  1.00 40.77 ? 6    SER A C   1 
ATOM   10   O O   . SER A 1 6   ? 8.797   -3.170  17.872  1.00 39.97 ? 6    SER A O   1 
ATOM   11   C CB  . SER A 1 6   ? 9.595   -3.324  21.082  1.00 42.08 ? 6    SER A CB  1 
ATOM   12   O OG  . SER A 1 6   ? 9.917   -4.221  22.130  1.00 42.99 ? 6    SER A OG  1 
ATOM   13   N N   . GLY A 1 7   ? 7.740   -1.759  19.289  1.00 37.58 ? 7    GLY A N   1 
ATOM   14   C CA  . GLY A 1 7   ? 7.597   -0.722  18.295  1.00 36.32 ? 7    GLY A CA  1 
ATOM   15   C C   . GLY A 1 7   ? 8.695   0.272   18.618  1.00 37.76 ? 7    GLY A C   1 
ATOM   16   O O   . GLY A 1 7   ? 9.324   0.175   19.679  1.00 38.35 ? 7    GLY A O   1 
ATOM   17   N N   . HIS A 1 8   ? 8.954   1.219   17.725  1.00 37.70 ? 1343 HIS A N   1 
ATOM   18   C CA  . HIS A 1 8   ? 9.990   2.203   18.002  1.00 38.74 ? 1343 HIS A CA  1 
ATOM   19   C C   . HIS A 1 8   ? 9.612   3.623   17.603  1.00 37.21 ? 1343 HIS A C   1 
ATOM   20   O O   . HIS A 1 8   ? 8.463   4.025   17.759  1.00 38.13 ? 1343 HIS A O   1 
ATOM   21   C CB  . HIS A 1 8   ? 11.314  1.771   17.358  1.00 40.20 ? 1343 HIS A CB  1 
ATOM   22   C CG  . HIS A 1 8   ? 11.829  0.470   17.890  1.00 43.13 ? 1343 HIS A CG  1 
ATOM   23   N ND1 . HIS A 1 8   ? 11.363  -0.751  17.449  1.00 43.88 ? 1343 HIS A ND1 1 
ATOM   24   C CD2 . HIS A 1 8   ? 12.703  0.199   18.889  1.00 44.27 ? 1343 HIS A CD2 1 
ATOM   25   C CE1 . HIS A 1 8   ? 11.925  -1.715  18.154  1.00 45.69 ? 1343 HIS A CE1 1 
ATOM   26   N NE2 . HIS A 1 8   ? 12.742  -1.166  19.036  1.00 44.97 ? 1343 HIS A NE2 1 
ATOM   27   N N   . THR A 1 9   ? 10.568  4.386   17.088  1.00 36.75 ? 1344 THR A N   1 
ATOM   28   C CA  . THR A 1 9   ? 10.298  5.777   16.735  1.00 36.24 ? 1344 THR A CA  1 
ATOM   29   C C   . THR A 1 9   ? 9.061   6.009   15.880  1.00 36.64 ? 1344 THR A C   1 
ATOM   30   O O   . THR A 1 9   ? 8.231   6.874   16.196  1.00 36.25 ? 1344 THR A O   1 
ATOM   31   C CB  . THR A 1 9   ? 11.524  6.416   16.059  1.00 37.72 ? 1344 THR A CB  1 
ATOM   32   O OG1 . THR A 1 9   ? 12.642  6.331   16.955  1.00 40.62 ? 1344 THR A OG1 1 
ATOM   33   C CG2 . THR A 1 9   ? 11.261  7.875   15.734  1.00 36.26 ? 1344 THR A CG2 1 
ATOM   34   N N   . ALA A 1 10  ? 8.934   5.252   14.796  1.00 34.91 ? 1345 ALA A N   1 
ATOM   35   C CA  . ALA A 1 10  ? 7.782   5.396   13.914  1.00 33.10 ? 1345 ALA A CA  1 
ATOM   36   C C   . ALA A 1 10  ? 6.502   5.126   14.692  1.00 32.22 ? 1345 ALA A C   1 
ATOM   37   O O   . ALA A 1 10  ? 5.544   5.902   14.621  1.00 30.92 ? 1345 ALA A O   1 
ATOM   38   C CB  . ALA A 1 10  ? 7.889   4.421   12.736  1.00 32.83 ? 1345 ALA A CB  1 
ATOM   39   N N   . PHE A 1 11  ? 6.482   4.032   15.446  1.00 31.71 ? 1346 PHE A N   1 
ATOM   40   C CA  . PHE A 1 11  ? 5.279   3.695   16.197  1.00 31.70 ? 1346 PHE A CA  1 
ATOM   41   C C   . PHE A 1 11  ? 4.914   4.767   17.223  1.00 32.20 ? 1346 PHE A C   1 
ATOM   42   O O   . PHE A 1 11  ? 3.765   5.199   17.285  1.00 31.62 ? 1346 PHE A O   1 
ATOM   43   C CB  . PHE A 1 11  ? 5.434   2.348   16.894  1.00 30.01 ? 1346 PHE A CB  1 
ATOM   44   C CG  . PHE A 1 11  ? 4.149   1.819   17.454  1.00 28.99 ? 1346 PHE A CG  1 
ATOM   45   C CD1 . PHE A 1 11  ? 3.238   1.161   16.630  1.00 28.71 ? 1346 PHE A CD1 1 
ATOM   46   C CD2 . PHE A 1 11  ? 3.816   2.028   18.794  1.00 28.37 ? 1346 PHE A CD2 1 
ATOM   47   C CE1 . PHE A 1 11  ? 2.018   0.720   17.127  1.00 26.73 ? 1346 PHE A CE1 1 
ATOM   48   C CE2 . PHE A 1 11  ? 2.597   1.594   19.301  1.00 26.40 ? 1346 PHE A CE2 1 
ATOM   49   C CZ  . PHE A 1 11  ? 1.693   0.938   18.465  1.00 27.28 ? 1346 PHE A CZ  1 
ATOM   50   N N   . LEU A 1 12  ? 5.880   5.211   18.024  1.00 33.31 ? 1347 LEU A N   1 
ATOM   51   C CA  . LEU A 1 12  ? 5.572   6.234   19.019  1.00 32.76 ? 1347 LEU A CA  1 
ATOM   52   C C   . LEU A 1 12  ? 4.981   7.472   18.348  1.00 33.10 ? 1347 LEU A C   1 
ATOM   53   O O   . LEU A 1 12  ? 4.034   8.079   18.864  1.00 32.80 ? 1347 LEU A O   1 
ATOM   54   C CB  . LEU A 1 12  ? 6.823   6.608   19.822  1.00 33.60 ? 1347 LEU A CB  1 
ATOM   55   C CG  . LEU A 1 12  ? 7.361   5.508   20.747  1.00 33.68 ? 1347 LEU A CG  1 
ATOM   56   C CD1 . LEU A 1 12  ? 8.517   6.052   21.574  1.00 35.46 ? 1347 LEU A CD1 1 
ATOM   57   C CD2 . LEU A 1 12  ? 6.261   5.016   21.664  1.00 35.66 ? 1347 LEU A CD2 1 
ATOM   58   N N   . LYS A 1 13  ? 5.525   7.844   17.194  1.00 31.22 ? 1348 LYS A N   1 
ATOM   59   C CA  . LYS A 1 13  ? 5.013   9.010   16.480  1.00 36.04 ? 1348 LYS A CA  1 
ATOM   60   C C   . LYS A 1 13  ? 3.528   8.814   16.171  1.00 36.14 ? 1348 LYS A C   1 
ATOM   61   O O   . LYS A 1 13  ? 2.744   9.763   16.210  1.00 35.03 ? 1348 LYS A O   1 
ATOM   62   C CB  . LYS A 1 13  ? 5.798   9.236   15.182  1.00 37.57 ? 1348 LYS A CB  1 
ATOM   63   C CG  . LYS A 1 13  ? 7.104   10.006  15.366  1.00 41.11 ? 1348 LYS A CG  1 
ATOM   64   C CD  . LYS A 1 13  ? 7.938   10.001  14.084  1.00 45.89 ? 1348 LYS A CD  1 
ATOM   65   C CE  . LYS A 1 13  ? 9.095   10.989  14.159  1.00 48.27 ? 1348 LYS A CE  1 
ATOM   66   N NZ  . LYS A 1 13  ? 9.955   10.782  15.360  1.00 53.01 ? 1348 LYS A NZ  1 
ATOM   67   N N   . ALA A 1 14  ? 3.149   7.568   15.894  1.00 36.28 ? 1349 ALA A N   1 
ATOM   68   C CA  . ALA A 1 14  ? 1.763   7.239   15.584  1.00 35.70 ? 1349 ALA A CA  1 
ATOM   69   C C   . ALA A 1 14  ? 0.857   7.381   16.809  1.00 34.61 ? 1349 ALA A C   1 
ATOM   70   O O   . ALA A 1 14  ? -0.313  7.731   16.684  1.00 33.32 ? 1349 ALA A O   1 
ATOM   71   C CB  . ALA A 1 14  ? 1.676   5.814   15.027  1.00 34.94 ? 1349 ALA A CB  1 
ATOM   72   N N   . MET A 1 15  ? 1.395   7.101   17.992  1.00 33.04 ? 1350 MET A N   1 
ATOM   73   C CA  . MET A 1 15  ? 0.605   7.218   19.216  1.00 34.59 ? 1350 MET A CA  1 
ATOM   74   C C   . MET A 1 15  ? 0.386   8.676   19.599  1.00 36.71 ? 1350 MET A C   1 
ATOM   75   O O   . MET A 1 15  ? -0.397  8.972   20.506  1.00 32.11 ? 1350 MET A O   1 
ATOM   76   C CB  . MET A 1 15  ? 1.285   6.499   20.385  1.00 30.60 ? 1350 MET A CB  1 
ATOM   77   C CG  . MET A 1 15  ? 1.277   4.973   20.302  1.00 29.72 ? 1350 MET A CG  1 
ATOM   78   S SD  . MET A 1 15  ? -0.367  4.226   20.090  1.00 19.52 ? 1350 MET A SD  1 
ATOM   79   C CE  . MET A 1 15  ? -0.380  4.224   18.409  1.00 20.69 ? 1350 MET A CE  1 
ATOM   80   N N   . LEU A 1 16  ? 1.099   9.576   18.926  1.00 37.87 ? 1351 LEU A N   1 
ATOM   81   C CA  . LEU A 1 16  ? 0.974   11.005  19.199  1.00 42.28 ? 1351 LEU A CA  1 
ATOM   82   C C   . LEU A 1 16  ? -0.068  11.592  18.265  1.00 44.81 ? 1351 LEU A C   1 
ATOM   83   O O   . LEU A 1 16  ? -0.541  12.712  18.464  1.00 45.53 ? 1351 LEU A O   1 
ATOM   84   C CB  . LEU A 1 16  ? 2.316   11.714  18.997  1.00 41.80 ? 1351 LEU A CB  1 
ATOM   85   C CG  . LEU A 1 16  ? 3.390   11.299  20.007  1.00 43.03 ? 1351 LEU A CG  1 
ATOM   86   C CD1 . LEU A 1 16  ? 4.684   12.045  19.732  1.00 43.54 ? 1351 LEU A CD1 1 
ATOM   87   C CD2 . LEU A 1 16  ? 2.889   11.576  21.419  1.00 42.37 ? 1351 LEU A CD2 1 
ATOM   88   N N   . SER A 1 17  ? -0.419  10.813  17.248  1.00 45.58 ? 1352 SER A N   1 
ATOM   89   C CA  . SER A 1 17  ? -1.410  11.215  16.266  1.00 48.52 ? 1352 SER A CA  1 
ATOM   90   C C   . SER A 1 17  ? -2.768  11.450  16.929  1.00 50.11 ? 1352 SER A C   1 
ATOM   91   O O   . SER A 1 17  ? -2.995  11.024  18.059  1.00 50.03 ? 1352 SER A O   1 
ATOM   92   C CB  . SER A 1 17  ? -1.533  10.136  15.199  1.00 48.88 ? 1352 SER A CB  1 
ATOM   93   O OG  . SER A 1 17  ? -2.470  10.526  14.221  1.00 53.87 ? 1352 SER A OG  1 
ATOM   94   N N   . THR A 1 18  ? -3.670  12.122  16.218  1.00 52.25 ? 1353 THR A N   1 
ATOM   95   C CA  . THR A 1 18  ? -4.996  12.428  16.750  1.00 54.88 ? 1353 THR A CA  1 
ATOM   96   C C   . THR A 1 18  ? -6.021  11.340  16.478  1.00 56.62 ? 1353 THR A C   1 
ATOM   97   O O   . THR A 1 18  ? -6.874  11.054  17.318  1.00 57.04 ? 1353 THR A O   1 
ATOM   98   C CB  . THR A 1 18  ? -5.555  13.718  16.143  1.00 55.62 ? 1353 THR A CB  1 
ATOM   99   O OG1 . THR A 1 18  ? -5.682  13.555  14.725  1.00 54.93 ? 1353 THR A OG1 1 
ATOM   100  C CG2 . THR A 1 18  ? -4.636  14.888  16.446  1.00 56.69 ? 1353 THR A CG2 1 
ATOM   101  N N   . GLY A 1 19  ? -5.941  10.748  15.292  1.00 57.57 ? 1354 GLY A N   1 
ATOM   102  C CA  . GLY A 1 19  ? -6.883  9.709   14.929  1.00 58.43 ? 1354 GLY A CA  1 
ATOM   103  C C   . GLY A 1 19  ? -7.683  10.135  13.714  1.00 59.25 ? 1354 GLY A C   1 
ATOM   104  O O   . GLY A 1 19  ? -8.320  9.302   13.062  1.00 58.83 ? 1354 GLY A O   1 
ATOM   105  N N   . PHE A 1 20  ? -7.642  11.433  13.409  1.00 58.04 ? 1355 PHE A N   1 
ATOM   106  C CA  . PHE A 1 20  ? -8.359  11.987  12.261  1.00 59.18 ? 1355 PHE A CA  1 
ATOM   107  C C   . PHE A 1 20  ? -7.456  12.162  11.050  1.00 60.06 ? 1355 PHE A C   1 
ATOM   108  O O   . PHE A 1 20  ? -7.926  12.469  9.957   1.00 59.64 ? 1355 PHE A O   1 
ATOM   109  C CB  . PHE A 1 20  ? -8.977  13.347  12.608  1.00 58.21 ? 1355 PHE A CB  1 
ATOM   110  C CG  . PHE A 1 20  ? -10.114 13.267  13.580  1.00 56.70 ? 1355 PHE A CG  1 
ATOM   111  C CD1 . PHE A 1 20  ? -9.875  13.200  14.949  1.00 55.44 ? 1355 PHE A CD1 1 
ATOM   112  C CD2 . PHE A 1 20  ? -11.431 13.248  13.124  1.00 56.05 ? 1355 PHE A CD2 1 
ATOM   113  C CE1 . PHE A 1 20  ? -10.928 13.118  15.853  1.00 55.57 ? 1355 PHE A CE1 1 
ATOM   114  C CE2 . PHE A 1 20  ? -12.495 13.165  14.019  1.00 54.70 ? 1355 PHE A CE2 1 
ATOM   115  C CZ  . PHE A 1 20  ? -12.242 13.099  15.387  1.00 56.11 ? 1355 PHE A CZ  1 
ATOM   116  N N   . LYS A 1 21  ? -6.158  11.974  11.250  1.00 61.62 ? 1356 LYS A N   1 
ATOM   117  C CA  . LYS A 1 21  ? -5.187  12.110  10.169  1.00 63.79 ? 1356 LYS A CA  1 
ATOM   118  C C   . LYS A 1 21  ? -5.486  11.212  8.967   1.00 64.49 ? 1356 LYS A C   1 
ATOM   119  O O   . LYS A 1 21  ? -5.650  10.000  9.111   1.00 64.88 ? 1356 LYS A O   1 
ATOM   120  C CB  . LYS A 1 21  ? -3.788  11.812  10.704  1.00 64.80 ? 1356 LYS A CB  1 
ATOM   121  C CG  . LYS A 1 21  ? -3.773  10.914  11.936  1.00 65.97 ? 1356 LYS A CG  1 
ATOM   122  C CD  . LYS A 1 21  ? -4.260  9.501   11.641  1.00 67.58 ? 1356 LYS A CD  1 
ATOM   123  C CE  . LYS A 1 21  ? -4.311  8.655   12.907  1.00 66.92 ? 1356 LYS A CE  1 
ATOM   124  N NZ  . LYS A 1 21  ? -4.685  7.242   12.620  1.00 68.29 ? 1356 LYS A NZ  1 
ATOM   125  N N   . ILE A 1 22  ? -5.561  11.809  7.782   1.00 64.49 ? 1357 ILE A N   1 
ATOM   126  C CA  . ILE A 1 22  ? -5.825  11.045  6.568   1.00 65.69 ? 1357 ILE A CA  1 
ATOM   127  C C   . ILE A 1 22  ? -4.602  11.057  5.657   1.00 65.37 ? 1357 ILE A C   1 
ATOM   128  O O   . ILE A 1 22  ? -4.100  12.118  5.299   1.00 64.85 ? 1357 ILE A O   1 
ATOM   129  C CB  . ILE A 1 22  ? -7.028  11.614  5.786   1.00 66.60 ? 1357 ILE A CB  1 
ATOM   130  C CG1 . ILE A 1 22  ? -8.291  11.527  6.648   1.00 67.46 ? 1357 ILE A CG1 1 
ATOM   131  C CG2 . ILE A 1 22  ? -7.221  10.835  4.488   1.00 67.28 ? 1357 ILE A CG2 1 
ATOM   132  C CD1 . ILE A 1 22  ? -9.536  12.073  5.988   1.00 68.80 ? 1357 ILE A CD1 1 
ATOM   133  N N   . PRO A 1 23  ? -4.113  9.866   5.271   1.00 65.59 ? 1358 PRO A N   1 
ATOM   134  C CA  . PRO A 1 23  ? -2.943  9.711   4.400   1.00 64.95 ? 1358 PRO A CA  1 
ATOM   135  C C   . PRO A 1 23  ? -2.936  10.706  3.243   1.00 64.10 ? 1358 PRO A C   1 
ATOM   136  O O   . PRO A 1 23  ? -3.983  11.014  2.673   1.00 63.47 ? 1358 PRO A O   1 
ATOM   137  C CB  . PRO A 1 23  ? -3.061  8.266   3.932   1.00 65.19 ? 1358 PRO A CB  1 
ATOM   138  C CG  . PRO A 1 23  ? -3.622  7.591   5.146   1.00 65.33 ? 1358 PRO A CG  1 
ATOM   139  C CD  . PRO A 1 23  ? -4.716  8.552   5.564   1.00 65.53 ? 1358 PRO A CD  1 
ATOM   140  N N   . GLN A 1 24  ? -1.750  11.195  2.897   1.00 63.78 ? 1359 GLN A N   1 
ATOM   141  C CA  . GLN A 1 24  ? -1.602  12.176  1.830   1.00 63.66 ? 1359 GLN A CA  1 
ATOM   142  C C   . GLN A 1 24  ? -0.515  11.797  0.826   1.00 62.55 ? 1359 GLN A C   1 
ATOM   143  O O   . GLN A 1 24  ? -0.701  11.926  -0.382  1.00 62.66 ? 1359 GLN A O   1 
ATOM   144  C CB  . GLN A 1 24  ? -1.275  13.541  2.450   1.00 65.85 ? 1359 GLN A CB  1 
ATOM   145  C CG  . GLN A 1 24  ? -1.080  14.687  1.466   1.00 68.33 ? 1359 GLN A CG  1 
ATOM   146  C CD  . GLN A 1 24  ? -0.632  15.968  2.160   1.00 69.69 ? 1359 GLN A CD  1 
ATOM   147  O OE1 . GLN A 1 24  ? -1.297  16.457  3.078   1.00 69.78 ? 1359 GLN A OE1 1 
ATOM   148  N NE2 . GLN A 1 24  ? 0.499   16.516  1.725   1.00 68.92 ? 1359 GLN A NE2 1 
ATOM   149  N N   . LYS A 1 25  ? 0.617   11.325  1.333   1.00 60.41 ? 1360 LYS A N   1 
ATOM   150  C CA  . LYS A 1 25  ? 1.744   10.957  0.487   1.00 58.73 ? 1360 LYS A CA  1 
ATOM   151  C C   . LYS A 1 25  ? 1.418   9.875   -0.549  1.00 56.20 ? 1360 LYS A C   1 
ATOM   152  O O   . LYS A 1 25  ? 0.692   10.122  -1.512  1.00 56.76 ? 1360 LYS A O   1 
ATOM   153  C CB  . LYS A 1 25  ? 2.915   10.503  1.360   1.00 60.90 ? 1360 LYS A CB  1 
ATOM   154  C CG  . LYS A 1 25  ? 4.281   10.735  0.741   1.00 65.11 ? 1360 LYS A CG  1 
ATOM   155  C CD  . LYS A 1 25  ? 5.071   11.783  1.521   1.00 67.09 ? 1360 LYS A CD  1 
ATOM   156  C CE  . LYS A 1 25  ? 4.317   13.107  1.613   1.00 68.92 ? 1360 LYS A CE  1 
ATOM   157  N NZ  . LYS A 1 25  ? 5.102   14.135  2.353   1.00 70.37 ? 1360 LYS A NZ  1 
ATOM   158  N N   . GLY A 1 26  ? 1.959   8.677   -0.347  1.00 51.08 ? 1361 GLY A N   1 
ATOM   159  C CA  . GLY A 1 26  ? 1.722   7.600   -1.288  1.00 46.26 ? 1361 GLY A CA  1 
ATOM   160  C C   . GLY A 1 26  ? 1.044   6.364   -0.724  1.00 42.62 ? 1361 GLY A C   1 
ATOM   161  O O   . GLY A 1 26  ? 0.980   6.159   0.486   1.00 41.15 ? 1361 GLY A O   1 
ATOM   162  N N   . ILE A 1 27  ? 0.539   5.529   -1.624  1.00 40.48 ? 1362 ILE A N   1 
ATOM   163  C CA  . ILE A 1 27  ? -0.142  4.309   -1.228  1.00 37.47 ? 1362 ILE A CA  1 
ATOM   164  C C   . ILE A 1 27  ? 0.516   3.104   -1.849  1.00 36.08 ? 1362 ILE A C   1 
ATOM   165  O O   . ILE A 1 27  ? 0.753   3.080   -3.060  1.00 37.83 ? 1362 ILE A O   1 
ATOM   166  C CB  . ILE A 1 27  ? -1.611  4.314   -1.679  1.00 36.83 ? 1362 ILE A CB  1 
ATOM   167  C CG1 . ILE A 1 27  ? -2.333  5.525   -1.088  1.00 37.76 ? 1362 ILE A CG1 1 
ATOM   168  C CG2 . ILE A 1 27  ? -2.298  3.022   -1.232  1.00 36.21 ? 1362 ILE A CG2 1 
ATOM   169  C CD1 . ILE A 1 27  ? -3.759  5.697   -1.612  1.00 36.81 ? 1362 ILE A CD1 1 
ATOM   170  N N   . LEU A 1 28  ? 0.843   2.117   -1.021  1.00 34.14 ? 1363 LEU A N   1 
ATOM   171  C CA  . LEU A 1 28  ? 1.426   0.876   -1.531  1.00 32.60 ? 1363 LEU A CA  1 
ATOM   172  C C   . LEU A 1 28  ? 0.224   -0.010  -1.817  1.00 33.25 ? 1363 LEU A C   1 
ATOM   173  O O   . LEU A 1 28  ? -0.629  -0.206  -0.952  1.00 32.30 ? 1363 LEU A O   1 
ATOM   174  C CB  . LEU A 1 28  ? 2.313   0.196   -0.491  1.00 31.91 ? 1363 LEU A CB  1 
ATOM   175  C CG  . LEU A 1 28  ? 2.916   -1.162  -0.881  1.00 33.14 ? 1363 LEU A CG  1 
ATOM   176  C CD1 . LEU A 1 28  ? 3.857   -0.997  -2.058  1.00 30.50 ? 1363 LEU A CD1 1 
ATOM   177  C CD2 . LEU A 1 28  ? 3.681   -1.729  0.295   1.00 30.82 ? 1363 LEU A CD2 1 
ATOM   178  N N   . ILE A 1 29  ? 0.157   -0.535  -3.033  1.00 32.20 ? 1364 ILE A N   1 
ATOM   179  C CA  . ILE A 1 29  ? -0.956  -1.379  -3.430  1.00 34.15 ? 1364 ILE A CA  1 
ATOM   180  C C   . ILE A 1 29  ? -0.517  -2.820  -3.620  1.00 34.31 ? 1364 ILE A C   1 
ATOM   181  O O   . ILE A 1 29  ? 0.372   -3.100  -4.412  1.00 37.92 ? 1364 ILE A O   1 
ATOM   182  C CB  . ILE A 1 29  ? -1.567  -0.875  -4.744  1.00 35.28 ? 1364 ILE A CB  1 
ATOM   183  C CG1 . ILE A 1 29  ? -2.183  0.508   -4.526  1.00 33.76 ? 1364 ILE A CG1 1 
ATOM   184  C CG2 . ILE A 1 29  ? -2.587  -1.870  -5.268  1.00 34.94 ? 1364 ILE A CG2 1 
ATOM   185  C CD1 . ILE A 1 29  ? -2.586  1.191   -5.805  1.00 37.18 ? 1364 ILE A CD1 1 
ATOM   186  N N   . GLY A 1 30  ? -1.149  -3.723  -2.883  1.00 32.83 ? 1365 GLY A N   1 
ATOM   187  C CA  . GLY A 1 30  ? -0.845  -5.134  -2.999  1.00 30.27 ? 1365 GLY A CA  1 
ATOM   188  C C   . GLY A 1 30  ? -2.162  -5.853  -3.205  1.00 30.31 ? 1365 GLY A C   1 
ATOM   189  O O   . GLY A 1 30  ? -3.068  -5.728  -2.389  1.00 28.01 ? 1365 GLY A O   1 
ATOM   190  N N   . ILE A 1 31  ? -2.285  -6.585  -4.308  1.00 31.58 ? 1366 ILE A N   1 
ATOM   191  C CA  . ILE A 1 31  ? -3.519  -7.317  -4.589  1.00 32.83 ? 1366 ILE A CA  1 
ATOM   192  C C   . ILE A 1 31  ? -3.196  -8.567  -5.382  1.00 34.12 ? 1366 ILE A C   1 
ATOM   193  O O   . ILE A 1 31  ? -2.164  -8.644  -6.047  1.00 34.71 ? 1366 ILE A O   1 
ATOM   194  C CB  . ILE A 1 31  ? -4.519  -6.476  -5.432  1.00 32.26 ? 1366 ILE A CB  1 
ATOM   195  C CG1 . ILE A 1 31  ? -3.936  -6.228  -6.828  1.00 32.85 ? 1366 ILE A CG1 1 
ATOM   196  C CG2 . ILE A 1 31  ? -4.816  -5.148  -4.740  1.00 31.15 ? 1366 ILE A CG2 1 
ATOM   197  C CD1 . ILE A 1 31  ? -4.822  -5.399  -7.743  1.00 33.49 ? 1366 ILE A CD1 1 
ATOM   198  N N   . GLN A 1 32  ? -4.091  -9.545  -5.313  1.00 36.13 ? 1367 GLN A N   1 
ATOM   199  C CA  . GLN A 1 32  ? -3.912  -10.787 -6.048  1.00 39.52 ? 1367 GLN A CA  1 
ATOM   200  C C   . GLN A 1 32  ? -4.128  -10.455 -7.523  1.00 40.68 ? 1367 GLN A C   1 
ATOM   201  O O   . GLN A 1 32  ? -5.042  -9.708  -7.871  1.00 41.00 ? 1367 GLN A O   1 
ATOM   202  C CB  . GLN A 1 32  ? -4.933  -11.826 -5.574  1.00 40.52 ? 1367 GLN A CB  1 
ATOM   203  C CG  . GLN A 1 32  ? -4.752  -13.214 -6.178  1.00 44.09 ? 1367 GLN A CG  1 
ATOM   204  C CD  . GLN A 1 32  ? -5.696  -14.230 -5.562  1.00 48.02 ? 1367 GLN A CD  1 
ATOM   205  O OE1 . GLN A 1 32  ? -5.607  -14.535 -4.368  1.00 47.40 ? 1367 GLN A OE1 1 
ATOM   206  N NE2 . GLN A 1 32  ? -6.612  -14.754 -6.368  1.00 48.68 ? 1367 GLN A NE2 1 
ATOM   207  N N   . GLN A 1 33  ? -3.275  -11.001 -8.381  1.00 43.09 ? 1368 GLN A N   1 
ATOM   208  C CA  . GLN A 1 33  ? -3.357  -10.760 -9.817  1.00 45.45 ? 1368 GLN A CA  1 
ATOM   209  C C   . GLN A 1 33  ? -4.782  -10.830 -10.366 1.00 44.79 ? 1368 GLN A C   1 
ATOM   210  O O   . GLN A 1 33  ? -5.220  -9.934  -11.080 1.00 45.03 ? 1368 GLN A O   1 
ATOM   211  C CB  . GLN A 1 33  ? -2.471  -11.763 -10.542 1.00 48.31 ? 1368 GLN A CB  1 
ATOM   212  C CG  . GLN A 1 33  ? -2.514  -11.668 -12.045 1.00 52.44 ? 1368 GLN A CG  1 
ATOM   213  C CD  . GLN A 1 33  ? -1.562  -12.645 -12.678 1.00 55.55 ? 1368 GLN A CD  1 
ATOM   214  O OE1 . GLN A 1 33  ? -0.344  -12.451 -12.652 1.00 58.83 ? 1368 GLN A OE1 1 
ATOM   215  N NE2 . GLN A 1 33  ? -2.104  -13.726 -13.230 1.00 58.50 ? 1368 GLN A NE2 1 
ATOM   216  N N   . SER A 1 34  ? -5.510  -11.881 -10.008 1.00 44.82 ? 1369 SER A N   1 
ATOM   217  C CA  . SER A 1 34  ? -6.884  -12.063 -10.476 1.00 45.26 ? 1369 SER A CA  1 
ATOM   218  C C   . SER A 1 34  ? -7.874  -11.002 -10.006 1.00 44.87 ? 1369 SER A C   1 
ATOM   219  O O   . SER A 1 34  ? -9.008  -10.952 -10.488 1.00 43.65 ? 1369 SER A O   1 
ATOM   220  C CB  . SER A 1 34  ? -7.404  -13.429 -10.034 1.00 47.21 ? 1369 SER A CB  1 
ATOM   221  O OG  . SER A 1 34  ? -7.539  -13.477 -8.621  1.00 49.25 ? 1369 SER A OG  1 
ATOM   222  N N   . PHE A 1 35  ? -7.470  -10.160 -9.063  1.00 42.43 ? 1370 PHE A N   1 
ATOM   223  C CA  . PHE A 1 35  ? -8.379  -9.137  -8.549  1.00 41.59 ? 1370 PHE A CA  1 
ATOM   224  C C   . PHE A 1 35  ? -8.192  -7.797  -9.255  1.00 40.69 ? 1370 PHE A C   1 
ATOM   225  O O   . PHE A 1 35  ? -8.907  -6.835  -8.976  1.00 38.77 ? 1370 PHE A O   1 
ATOM   226  C CB  . PHE A 1 35  ? -8.165  -8.960  -7.040  1.00 40.74 ? 1370 PHE A CB  1 
ATOM   227  C CG  . PHE A 1 35  ? -9.247  -8.167  -6.360  1.00 43.38 ? 1370 PHE A CG  1 
ATOM   228  C CD1 . PHE A 1 35  ? -10.540 -8.671  -6.260  1.00 43.81 ? 1370 PHE A CD1 1 
ATOM   229  C CD2 . PHE A 1 35  ? -8.978  -6.906  -5.834  1.00 43.37 ? 1370 PHE A CD2 1 
ATOM   230  C CE1 . PHE A 1 35  ? -11.551 -7.929  -5.646  1.00 45.36 ? 1370 PHE A CE1 1 
ATOM   231  C CE2 . PHE A 1 35  ? -9.979  -6.156  -5.220  1.00 45.31 ? 1370 PHE A CE2 1 
ATOM   232  C CZ  . PHE A 1 35  ? -11.269 -6.668  -5.124  1.00 45.98 ? 1370 PHE A CZ  1 
ATOM   233  N N   . ARG A 1 36  ? -7.234  -7.747  -10.174 1.00 41.57 ? 1371 ARG A N   1 
ATOM   234  C CA  . ARG A 1 36  ? -6.915  -6.526  -10.914 1.00 44.16 ? 1371 ARG A CA  1 
ATOM   235  C C   . ARG A 1 36  ? -8.084  -5.798  -11.577 1.00 45.26 ? 1371 ARG A C   1 
ATOM   236  O O   . ARG A 1 36  ? -8.204  -4.575  -11.470 1.00 45.95 ? 1371 ARG A O   1 
ATOM   237  C CB  . ARG A 1 36  ? -5.846  -6.830  -11.964 1.00 42.93 ? 1371 ARG A CB  1 
ATOM   238  C CG  . ARG A 1 36  ? -4.503  -7.161  -11.372 1.00 44.99 ? 1371 ARG A CG  1 
ATOM   239  C CD  . ARG A 1 36  ? -3.482  -7.426  -12.446 1.00 46.52 ? 1371 ARG A CD  1 
ATOM   240  N NE  . ARG A 1 36  ? -2.171  -7.700  -11.872 1.00 49.31 ? 1371 ARG A NE  1 
ATOM   241  C CZ  . ARG A 1 36  ? -1.117  -8.082  -12.578 1.00 49.01 ? 1371 ARG A CZ  1 
ATOM   242  N NH1 . ARG A 1 36  ? -1.224  -8.231  -13.889 1.00 51.85 ? 1371 ARG A NH1 1 
ATOM   243  N NH2 . ARG A 1 36  ? 0.039   -8.322  -11.976 1.00 49.43 ? 1371 ARG A NH2 1 
ATOM   244  N N   . PRO A 1 37  ? -8.959  -6.531  -12.280 1.00 46.63 ? 1372 PRO A N   1 
ATOM   245  C CA  . PRO A 1 37  ? -10.098 -5.877  -12.936 1.00 47.13 ? 1372 PRO A CA  1 
ATOM   246  C C   . PRO A 1 37  ? -10.924 -5.006  -11.993 1.00 47.31 ? 1372 PRO A C   1 
ATOM   247  O O   . PRO A 1 37  ? -11.142 -3.818  -12.253 1.00 47.11 ? 1372 PRO A O   1 
ATOM   248  C CB  . PRO A 1 37  ? -10.898 -7.057  -13.485 1.00 46.38 ? 1372 PRO A CB  1 
ATOM   249  C CG  . PRO A 1 37  ? -9.826  -8.034  -13.839 1.00 46.11 ? 1372 PRO A CG  1 
ATOM   250  C CD  . PRO A 1 37  ? -8.916  -7.965  -12.617 1.00 47.75 ? 1372 PRO A CD  1 
ATOM   251  N N   . ARG A 1 38  ? -11.378 -5.593  -10.892 1.00 46.42 ? 1373 ARG A N   1 
ATOM   252  C CA  . ARG A 1 38  ? -12.190 -4.852  -9.937  1.00 45.36 ? 1373 ARG A CA  1 
ATOM   253  C C   . ARG A 1 38  ? -11.444 -3.707  -9.259  1.00 44.08 ? 1373 ARG A C   1 
ATOM   254  O O   . ARG A 1 38  ? -12.038 -2.674  -8.948  1.00 44.32 ? 1373 ARG A O   1 
ATOM   255  C CB  . ARG A 1 38  ? -12.743 -5.797  -8.866  1.00 46.21 ? 1373 ARG A CB  1 
ATOM   256  C CG  . ARG A 1 38  ? -13.637 -5.106  -7.846  1.00 46.77 ? 1373 ARG A CG  1 
ATOM   257  C CD  . ARG A 1 38  ? -14.921 -4.586  -8.478  1.00 48.74 ? 1373 ARG A CD  1 
ATOM   258  N NE  . ARG A 1 38  ? -15.688 -3.743  -7.564  1.00 50.07 ? 1373 ARG A NE  1 
ATOM   259  C CZ  . ARG A 1 38  ? -15.414 -2.466  -7.308  1.00 52.28 ? 1373 ARG A CZ  1 
ATOM   260  N NH1 . ARG A 1 38  ? -14.390 -1.871  -7.905  1.00 53.79 ? 1373 ARG A NH1 1 
ATOM   261  N NH2 . ARG A 1 38  ? -16.154 -1.783  -6.443  1.00 52.99 ? 1373 ARG A NH2 1 
ATOM   262  N N   . PHE A 1 39  ? -10.141 -3.870  -9.049  1.00 43.70 ? 1374 PHE A N   1 
ATOM   263  C CA  . PHE A 1 39  ? -9.379  -2.828  -8.364  1.00 42.09 ? 1374 PHE A CA  1 
ATOM   264  C C   . PHE A 1 39  ? -8.980  -1.614  -9.197  1.00 40.33 ? 1374 PHE A C   1 
ATOM   265  O O   . PHE A 1 39  ? -8.844  -0.513  -8.665  1.00 37.26 ? 1374 PHE A O   1 
ATOM   266  C CB  . PHE A 1 39  ? -8.118  -3.412  -7.717  1.00 41.53 ? 1374 PHE A CB  1 
ATOM   267  C CG  . PHE A 1 39  ? -7.545  -2.531  -6.647  1.00 40.95 ? 1374 PHE A CG  1 
ATOM   268  C CD1 . PHE A 1 39  ? -8.111  -2.507  -5.373  1.00 39.73 ? 1374 PHE A CD1 1 
ATOM   269  C CD2 . PHE A 1 39  ? -6.489  -1.672  -6.929  1.00 42.23 ? 1374 PHE A CD2 1 
ATOM   270  C CE1 . PHE A 1 39  ? -7.634  -1.634  -4.394  1.00 40.84 ? 1374 PHE A CE1 1 
ATOM   271  C CE2 . PHE A 1 39  ? -6.005  -0.798  -5.962  1.00 41.43 ? 1374 PHE A CE2 1 
ATOM   272  C CZ  . PHE A 1 39  ? -6.580  -0.777  -4.691  1.00 41.23 ? 1374 PHE A CZ  1 
ATOM   273  N N   . LEU A 1 40  ? -8.782  -1.814  -10.493 1.00 41.62 ? 1375 LEU A N   1 
ATOM   274  C CA  . LEU A 1 40  ? -8.380  -0.720  -11.370 1.00 43.43 ? 1375 LEU A CA  1 
ATOM   275  C C   . LEU A 1 40  ? -9.164  0.555   -11.080 1.00 43.12 ? 1375 LEU A C   1 
ATOM   276  O O   . LEU A 1 40  ? -8.590  1.634   -10.931 1.00 44.15 ? 1375 LEU A O   1 
ATOM   277  C CB  . LEU A 1 40  ? -8.565  -1.122  -12.836 1.00 43.37 ? 1375 LEU A CB  1 
ATOM   278  C CG  . LEU A 1 40  ? -8.017  -0.128  -13.863 1.00 44.57 ? 1375 LEU A CG  1 
ATOM   279  C CD1 . LEU A 1 40  ? -6.539  0.152   -13.577 1.00 43.19 ? 1375 LEU A CD1 1 
ATOM   280  C CD2 . LEU A 1 40  ? -8.189  -0.700  -15.261 1.00 43.48 ? 1375 LEU A CD2 1 
ATOM   281  N N   . GLY A 1 41  ? -10.481 0.428   -10.976 1.00 44.45 ? 1376 GLY A N   1 
ATOM   282  C CA  . GLY A 1 41  ? -11.306 1.593   -10.705 1.00 43.65 ? 1376 GLY A CA  1 
ATOM   283  C C   . GLY A 1 41  ? -10.920 2.354   -9.449  1.00 44.19 ? 1376 GLY A C   1 
ATOM   284  O O   . GLY A 1 41  ? -10.919 3.591   -9.439  1.00 42.94 ? 1376 GLY A O   1 
ATOM   285  N N   . VAL A 1 42  ? -10.595 1.626   -8.382  1.00 42.40 ? 1377 VAL A N   1 
ATOM   286  C CA  . VAL A 1 42  ? -10.217 2.265   -7.121  1.00 41.00 ? 1377 VAL A CA  1 
ATOM   287  C C   . VAL A 1 42  ? -8.840  2.908   -7.233  1.00 40.08 ? 1377 VAL A C   1 
ATOM   288  O O   . VAL A 1 42  ? -8.596  3.978   -6.675  1.00 39.80 ? 1377 VAL A O   1 
ATOM   289  C CB  . VAL A 1 42  ? -10.201 1.250   -5.959  1.00 40.69 ? 1377 VAL A CB  1 
ATOM   290  C CG1 . VAL A 1 42  ? -9.815  1.951   -4.656  1.00 40.44 ? 1377 VAL A CG1 1 
ATOM   291  C CG2 . VAL A 1 42  ? -11.572 0.598   -5.824  1.00 42.72 ? 1377 VAL A CG2 1 
ATOM   292  N N   . ALA A 1 43  ? -7.948  2.248   -7.960  1.00 39.57 ? 1378 ALA A N   1 
ATOM   293  C CA  . ALA A 1 43  ? -6.598  2.756   -8.152  1.00 42.39 ? 1378 ALA A CA  1 
ATOM   294  C C   . ALA A 1 43  ? -6.665  4.092   -8.878  1.00 43.16 ? 1378 ALA A C   1 
ATOM   295  O O   . ALA A 1 43  ? -6.108  5.087   -8.423  1.00 41.78 ? 1378 ALA A O   1 
ATOM   296  C CB  . ALA A 1 43  ? -5.781  1.763   -8.957  1.00 39.11 ? 1378 ALA A CB  1 
ATOM   297  N N   . GLU A 1 44  ? -7.362  4.106   -10.009 1.00 46.95 ? 1379 GLU A N   1 
ATOM   298  C CA  . GLU A 1 44  ? -7.511  5.319   -10.809 1.00 48.96 ? 1379 GLU A CA  1 
ATOM   299  C C   . GLU A 1 44  ? -8.040  6.463   -9.954  1.00 49.41 ? 1379 GLU A C   1 
ATOM   300  O O   . GLU A 1 44  ? -7.560  7.589   -10.039 1.00 50.03 ? 1379 GLU A O   1 
ATOM   301  C CB  . GLU A 1 44  ? -8.467  5.052   -11.968 1.00 52.24 ? 1379 GLU A CB  1 
ATOM   302  C CG  . GLU A 1 44  ? -8.543  6.156   -12.997 1.00 54.95 ? 1379 GLU A CG  1 
ATOM   303  C CD  . GLU A 1 44  ? -9.376  5.746   -14.189 1.00 57.74 ? 1379 GLU A CD  1 
ATOM   304  O OE1 . GLU A 1 44  ? -10.590 5.507   -14.008 1.00 56.45 ? 1379 GLU A OE1 1 
ATOM   305  O OE2 . GLU A 1 44  ? -8.812  5.654   -15.303 1.00 58.72 ? 1379 GLU A OE2 1 
ATOM   306  N N   . GLN A 1 45  ? -9.023  6.155   -9.115  1.00 50.47 ? 1380 GLN A N   1 
ATOM   307  C CA  . GLN A 1 45  ? -9.629  7.144   -8.237  1.00 50.85 ? 1380 GLN A CA  1 
ATOM   308  C C   . GLN A 1 45  ? -8.633  7.670   -7.206  1.00 50.48 ? 1380 GLN A C   1 
ATOM   309  O O   . GLN A 1 45  ? -8.616  8.864   -6.903  1.00 49.24 ? 1380 GLN A O   1 
ATOM   310  C CB  . GLN A 1 45  ? -10.854 6.530   -7.551  1.00 54.76 ? 1380 GLN A CB  1 
ATOM   311  C CG  . GLN A 1 45  ? -11.613 7.468   -6.631  1.00 58.61 ? 1380 GLN A CG  1 
ATOM   312  C CD  . GLN A 1 45  ? -13.058 7.030   -6.426  1.00 63.10 ? 1380 GLN A CD  1 
ATOM   313  O OE1 . GLN A 1 45  ? -13.333 5.865   -6.110  1.00 65.20 ? 1380 GLN A OE1 1 
ATOM   314  N NE2 . GLN A 1 45  ? -13.989 7.965   -6.603  1.00 63.36 ? 1380 GLN A NE2 1 
ATOM   315  N N   . LEU A 1 46  ? -7.800  6.784   -6.666  1.00 48.81 ? 1381 LEU A N   1 
ATOM   316  C CA  . LEU A 1 46  ? -6.797  7.198   -5.684  1.00 48.77 ? 1381 LEU A CA  1 
ATOM   317  C C   . LEU A 1 46  ? -5.793  8.112   -6.366  1.00 49.59 ? 1381 LEU A C   1 
ATOM   318  O O   . LEU A 1 46  ? -5.335  9.102   -5.789  1.00 49.04 ? 1381 LEU A O   1 
ATOM   319  C CB  . LEU A 1 46  ? -6.062  5.980   -5.114  1.00 46.94 ? 1381 LEU A CB  1 
ATOM   320  C CG  . LEU A 1 46  ? -6.889  5.044   -4.232  1.00 46.37 ? 1381 LEU A CG  1 
ATOM   321  C CD1 . LEU A 1 46  ? -6.074  3.804   -3.872  1.00 46.25 ? 1381 LEU A CD1 1 
ATOM   322  C CD2 . LEU A 1 46  ? -7.326  5.789   -2.987  1.00 43.01 ? 1381 LEU A CD2 1 
ATOM   323  N N   . HIS A 1 47  ? -5.445  7.771   -7.600  1.00 50.72 ? 1382 HIS A N   1 
ATOM   324  C CA  . HIS A 1 47  ? -4.500  8.583   -8.343  1.00 53.71 ? 1382 HIS A CA  1 
ATOM   325  C C   . HIS A 1 47  ? -5.115  9.942   -8.628  1.00 54.59 ? 1382 HIS A C   1 
ATOM   326  O O   . HIS A 1 47  ? -4.506  10.979  -8.353  1.00 54.10 ? 1382 HIS A O   1 
ATOM   327  C CB  . HIS A 1 47  ? -4.110  7.899   -9.649  1.00 53.53 ? 1382 HIS A CB  1 
ATOM   328  C CG  . HIS A 1 47  ? -3.306  8.771   -10.561 1.00 54.99 ? 1382 HIS A CG  1 
ATOM   329  N ND1 . HIS A 1 47  ? -3.827  9.329   -11.709 1.00 56.16 ? 1382 HIS A ND1 1 
ATOM   330  C CD2 . HIS A 1 47  ? -2.029  9.209   -10.474 1.00 55.08 ? 1382 HIS A CD2 1 
ATOM   331  C CE1 . HIS A 1 47  ? -2.905  10.074  -12.289 1.00 56.06 ? 1382 HIS A CE1 1 
ATOM   332  N NE2 . HIS A 1 47  ? -1.805  10.019  -11.561 1.00 56.70 ? 1382 HIS A NE2 1 
ATOM   333  N N   . ASN A 1 48  ? -6.333  9.937   -9.164  1.00 56.84 ? 1383 ASN A N   1 
ATOM   334  C CA  . ASN A 1 48  ? -7.016  11.187  -9.482  1.00 59.32 ? 1383 ASN A CA  1 
ATOM   335  C C   . ASN A 1 48  ? -7.246  12.056  -8.249  1.00 59.96 ? 1383 ASN A C   1 
ATOM   336  O O   . ASN A 1 48  ? -7.892  13.098  -8.340  1.00 62.11 ? 1383 ASN A O   1 
ATOM   337  C CB  . ASN A 1 48  ? -8.365  10.925  -10.165 1.00 59.25 ? 1383 ASN A CB  1 
ATOM   338  C CG  . ASN A 1 48  ? -8.227  10.174  -11.481 1.00 60.26 ? 1383 ASN A CG  1 
ATOM   339  O OD1 . ASN A 1 48  ? -7.301  10.411  -12.258 1.00 59.88 ? 1383 ASN A OD1 1 
ATOM   340  N ND2 . ASN A 1 48  ? -9.168  9.270   -11.741 1.00 61.03 ? 1383 ASN A ND2 1 
ATOM   341  N N   . GLU A 1 49  ? -6.728  11.636  -7.098  1.00 59.70 ? 1384 GLU A N   1 
ATOM   342  C CA  . GLU A 1 49  ? -6.891  12.419  -5.879  1.00 59.77 ? 1384 GLU A CA  1 
ATOM   343  C C   . GLU A 1 49  ? -5.582  12.912  -5.272  1.00 58.43 ? 1384 GLU A C   1 
ATOM   344  O O   . GLU A 1 49  ? -5.553  13.374  -4.129  1.00 58.91 ? 1384 GLU A O   1 
ATOM   345  C CB  . GLU A 1 49  ? -7.687  11.633  -4.836  1.00 62.37 ? 1384 GLU A CB  1 
ATOM   346  C CG  . GLU A 1 49  ? -9.168  11.536  -5.167  1.00 65.89 ? 1384 GLU A CG  1 
ATOM   347  C CD  . GLU A 1 49  ? -9.789  12.901  -5.425  1.00 67.88 ? 1384 GLU A CD  1 
ATOM   348  O OE1 . GLU A 1 49  ? -9.741  13.760  -4.516  1.00 70.29 ? 1384 GLU A OE1 1 
ATOM   349  O OE2 . GLU A 1 49  ? -10.322 13.116  -6.535  1.00 67.95 ? 1384 GLU A OE2 1 
ATOM   350  N N   . GLY A 1 50  ? -4.501  12.809  -6.036  1.00 56.11 ? 1385 GLY A N   1 
ATOM   351  C CA  . GLY A 1 50  ? -3.219  13.292  -5.554  1.00 53.81 ? 1385 GLY A CA  1 
ATOM   352  C C   . GLY A 1 50  ? -2.287  12.289  -4.906  1.00 52.08 ? 1385 GLY A C   1 
ATOM   353  O O   . GLY A 1 50  ? -1.200  12.665  -4.465  1.00 51.58 ? 1385 GLY A O   1 
ATOM   354  N N   . PHE A 1 51  ? -2.690  11.025  -4.838  1.00 49.02 ? 1386 PHE A N   1 
ATOM   355  C CA  . PHE A 1 51  ? -1.834  10.011  -4.234  1.00 46.26 ? 1386 PHE A CA  1 
ATOM   356  C C   . PHE A 1 51  ? -0.831  9.436   -5.225  1.00 44.47 ? 1386 PHE A C   1 
ATOM   357  O O   . PHE A 1 51  ? -1.149  9.211   -6.395  1.00 44.57 ? 1386 PHE A O   1 
ATOM   358  C CB  . PHE A 1 51  ? -2.659  8.846   -3.673  1.00 45.80 ? 1386 PHE A CB  1 
ATOM   359  C CG  . PHE A 1 51  ? -3.488  9.198   -2.473  1.00 45.33 ? 1386 PHE A CG  1 
ATOM   360  C CD1 . PHE A 1 51  ? -4.868  9.350   -2.585  1.00 44.56 ? 1386 PHE A CD1 1 
ATOM   361  C CD2 . PHE A 1 51  ? -2.897  9.346   -1.225  1.00 45.73 ? 1386 PHE A CD2 1 
ATOM   362  C CE1 . PHE A 1 51  ? -5.649  9.645   -1.465  1.00 45.33 ? 1386 PHE A CE1 1 
ATOM   363  C CE2 . PHE A 1 51  ? -3.672  9.642   -0.100  1.00 45.80 ? 1386 PHE A CE2 1 
ATOM   364  C CZ  . PHE A 1 51  ? -5.053  9.788   -0.223  1.00 44.25 ? 1386 PHE A CZ  1 
ATOM   365  N N   . LYS A 1 52  ? 0.390   9.212   -4.756  1.00 42.54 ? 1387 LYS A N   1 
ATOM   366  C CA  . LYS A 1 52  ? 1.397   8.598   -5.598  1.00 42.66 ? 1387 LYS A CA  1 
ATOM   367  C C   . LYS A 1 52  ? 1.191   7.120   -5.309  1.00 41.38 ? 1387 LYS A C   1 
ATOM   368  O O   . LYS A 1 52  ? 1.056   6.727   -4.151  1.00 41.73 ? 1387 LYS A O   1 
ATOM   369  C CB  . LYS A 1 52  ? 2.800   9.023   -5.182  1.00 45.93 ? 1387 LYS A CB  1 
ATOM   370  C CG  . LYS A 1 52  ? 3.892   8.439   -6.066  1.00 48.56 ? 1387 LYS A CG  1 
ATOM   371  C CD  . LYS A 1 52  ? 5.237   9.098   -5.794  1.00 52.63 ? 1387 LYS A CD  1 
ATOM   372  C CE  . LYS A 1 52  ? 6.300   8.612   -6.769  1.00 53.46 ? 1387 LYS A CE  1 
ATOM   373  N NZ  . LYS A 1 52  ? 7.597   9.317   -6.563  1.00 57.41 ? 1387 LYS A NZ  1 
ATOM   374  N N   . LEU A 1 53  ? 1.153   6.299   -6.347  1.00 39.94 ? 1388 LEU A N   1 
ATOM   375  C CA  . LEU A 1 53  ? 0.927   4.878   -6.136  1.00 38.30 ? 1388 LEU A CA  1 
ATOM   376  C C   . LEU A 1 53  ? 2.183   4.053   -6.331  1.00 38.25 ? 1388 LEU A C   1 
ATOM   377  O O   . LEU A 1 53  ? 2.971   4.315   -7.244  1.00 38.04 ? 1388 LEU A O   1 
ATOM   378  C CB  . LEU A 1 53  ? -0.159  4.373   -7.086  1.00 36.51 ? 1388 LEU A CB  1 
ATOM   379  C CG  . LEU A 1 53  ? -1.457  5.178   -7.086  1.00 37.68 ? 1388 LEU A CG  1 
ATOM   380  C CD1 . LEU A 1 53  ? -2.444  4.522   -8.038  1.00 38.98 ? 1388 LEU A CD1 1 
ATOM   381  C CD2 . LEU A 1 53  ? -2.030  5.255   -5.668  1.00 37.65 ? 1388 LEU A CD2 1 
ATOM   382  N N   . PHE A 1 54  ? 2.351   3.059   -5.459  1.00 35.47 ? 1389 PHE A N   1 
ATOM   383  C CA  . PHE A 1 54  ? 3.484   2.137   -5.503  1.00 34.90 ? 1389 PHE A CA  1 
ATOM   384  C C   . PHE A 1 54  ? 2.931   0.721   -5.520  1.00 33.79 ? 1389 PHE A C   1 
ATOM   385  O O   . PHE A 1 54  ? 1.945   0.429   -4.851  1.00 35.61 ? 1389 PHE A O   1 
ATOM   386  C CB  . PHE A 1 54  ? 4.374   2.280   -4.263  1.00 35.05 ? 1389 PHE A CB  1 
ATOM   387  C CG  . PHE A 1 54  ? 5.047   3.617   -4.142  1.00 34.41 ? 1389 PHE A CG  1 
ATOM   388  C CD1 . PHE A 1 54  ? 4.374   4.705   -3.602  1.00 35.69 ? 1389 PHE A CD1 1 
ATOM   389  C CD2 . PHE A 1 54  ? 6.357   3.782   -4.568  1.00 31.52 ? 1389 PHE A CD2 1 
ATOM   390  C CE1 . PHE A 1 54  ? 5.001   5.951   -3.485  1.00 34.44 ? 1389 PHE A CE1 1 
ATOM   391  C CE2 . PHE A 1 54  ? 6.992   5.018   -4.457  1.00 34.04 ? 1389 PHE A CE2 1 
ATOM   392  C CZ  . PHE A 1 54  ? 6.308   6.104   -3.913  1.00 33.65 ? 1389 PHE A CZ  1 
ATOM   393  N N   . ALA A 1 55  ? 3.569   -0.159  -6.278  1.00 33.25 ? 1390 ALA A N   1 
ATOM   394  C CA  . ALA A 1 55  ? 3.134   -1.547  -6.347  1.00 32.87 ? 1390 ALA A CA  1 
ATOM   395  C C   . ALA A 1 55  ? 4.309   -2.403  -6.788  1.00 34.80 ? 1390 ALA A C   1 
ATOM   396  O O   . ALA A 1 55  ? 5.310   -1.891  -7.287  1.00 34.55 ? 1390 ALA A O   1 
ATOM   397  C CB  . ALA A 1 55  ? 1.970   -1.695  -7.333  1.00 32.89 ? 1390 ALA A CB  1 
ATOM   398  N N   . THR A 1 56  ? 4.197   -3.709  -6.586  1.00 34.86 ? 1391 THR A N   1 
ATOM   399  C CA  . THR A 1 56  ? 5.252   -4.605  -7.001  1.00 37.12 ? 1391 THR A CA  1 
ATOM   400  C C   . THR A 1 56  ? 5.278   -4.550  -8.530  1.00 39.20 ? 1391 THR A C   1 
ATOM   401  O O   . THR A 1 56  ? 4.230   -4.437  -9.168  1.00 37.26 ? 1391 THR A O   1 
ATOM   402  C CB  . THR A 1 56  ? 4.981   -6.024  -6.485  1.00 38.42 ? 1391 THR A CB  1 
ATOM   403  O OG1 . THR A 1 56  ? 3.579   -6.302  -6.564  1.00 38.35 ? 1391 THR A OG1 1 
ATOM   404  C CG2 . THR A 1 56  ? 5.430   -6.145  -5.031  1.00 41.24 ? 1391 THR A CG2 1 
ATOM   405  N N   . GLU A 1 57  ? 6.475   -4.613  -9.104  1.00 40.29 ? 1392 GLU A N   1 
ATOM   406  C CA  . GLU A 1 57  ? 6.657   -4.513  -10.548 1.00 41.85 ? 1392 GLU A CA  1 
ATOM   407  C C   . GLU A 1 57  ? 5.519   -4.939  -11.473 1.00 41.31 ? 1392 GLU A C   1 
ATOM   408  O O   . GLU A 1 57  ? 4.983   -4.101  -12.201 1.00 41.98 ? 1392 GLU A O   1 
ATOM   409  C CB  . GLU A 1 57  ? 7.941   -5.228  -10.982 1.00 45.97 ? 1392 GLU A CB  1 
ATOM   410  C CG  . GLU A 1 57  ? 8.130   -5.195  -12.500 1.00 51.10 ? 1392 GLU A CG  1 
ATOM   411  C CD  . GLU A 1 57  ? 9.583   -5.240  -12.927 1.00 53.84 ? 1392 GLU A CD  1 
ATOM   412  O OE1 . GLU A 1 57  ? 10.317  -4.265  -12.644 1.00 55.57 ? 1392 GLU A OE1 1 
ATOM   413  O OE2 . GLU A 1 57  ? 9.986   -6.246  -13.548 1.00 56.61 ? 1392 GLU A OE2 1 
ATOM   414  N N   . ALA A 1 58  ? 5.160   -6.221  -11.466 1.00 39.16 ? 1393 ALA A N   1 
ATOM   415  C CA  . ALA A 1 58  ? 4.101   -6.714  -12.342 1.00 39.10 ? 1393 ALA A CA  1 
ATOM   416  C C   . ALA A 1 58  ? 2.844   -5.867  -12.235 1.00 39.42 ? 1393 ALA A C   1 
ATOM   417  O O   . ALA A 1 58  ? 2.241   -5.497  -13.246 1.00 38.68 ? 1393 ALA A O   1 
ATOM   418  C CB  . ALA A 1 58  ? 3.773   -8.173  -12.019 1.00 41.52 ? 1393 ALA A CB  1 
ATOM   419  N N   . THR A 1 59  ? 2.453   -5.559  -11.003 1.00 36.93 ? 1394 THR A N   1 
ATOM   420  C CA  . THR A 1 59  ? 1.263   -4.758  -10.769 1.00 36.63 ? 1394 THR A CA  1 
ATOM   421  C C   . THR A 1 59  ? 1.440   -3.307  -11.198 1.00 37.52 ? 1394 THR A C   1 
ATOM   422  O O   . THR A 1 59  ? 0.505   -2.688  -11.721 1.00 39.55 ? 1394 THR A O   1 
ATOM   423  C CB  . THR A 1 59  ? 0.861   -4.807  -9.286  1.00 35.07 ? 1394 THR A CB  1 
ATOM   424  O OG1 . THR A 1 59  ? 0.452   -6.143  -8.962  1.00 38.74 ? 1394 THR A OG1 1 
ATOM   425  C CG2 . THR A 1 59  ? -0.281  -3.843  -9.001  1.00 34.07 ? 1394 THR A CG2 1 
ATOM   426  N N   . SER A 1 60  ? 2.630   -2.758  -10.975 1.00 37.10 ? 1395 SER A N   1 
ATOM   427  C CA  . SER A 1 60  ? 2.900   -1.370  -11.354 1.00 37.38 ? 1395 SER A CA  1 
ATOM   428  C C   . SER A 1 60  ? 2.804   -1.210  -12.877 1.00 37.60 ? 1395 SER A C   1 
ATOM   429  O O   . SER A 1 60  ? 2.230   -0.239  -13.373 1.00 36.61 ? 1395 SER A O   1 
ATOM   430  C CB  . SER A 1 60  ? 4.295   -0.952  -10.883 1.00 36.82 ? 1395 SER A CB  1 
ATOM   431  O OG  . SER A 1 60  ? 4.523   0.427   -11.131 1.00 38.23 ? 1395 SER A OG  1 
ATOM   432  N N   . ASP A 1 61  ? 3.378   -2.158  -13.611 1.00 38.28 ? 1396 ASP A N   1 
ATOM   433  C CA  . ASP A 1 61  ? 3.332   -2.112  -15.069 1.00 41.87 ? 1396 ASP A CA  1 
ATOM   434  C C   . ASP A 1 61  ? 1.897   -2.252  -15.568 1.00 43.69 ? 1396 ASP A C   1 
ATOM   435  O O   . ASP A 1 61  ? 1.507   -1.604  -16.541 1.00 44.76 ? 1396 ASP A O   1 
ATOM   436  C CB  . ASP A 1 61  ? 4.192   -3.219  -15.681 1.00 41.56 ? 1396 ASP A CB  1 
ATOM   437  C CG  . ASP A 1 61  ? 5.671   -3.036  -15.395 1.00 41.35 ? 1396 ASP A CG  1 
ATOM   438  O OD1 . ASP A 1 61  ? 6.071   -1.913  -15.021 1.00 41.54 ? 1396 ASP A OD1 1 
ATOM   439  O OD2 . ASP A 1 61  ? 6.431   -4.012  -15.556 1.00 41.27 ? 1396 ASP A OD2 1 
ATOM   440  N N   . TRP A 1 62  ? 1.113   -3.102  -14.904 1.00 43.79 ? 1397 TRP A N   1 
ATOM   441  C CA  . TRP A 1 62  ? -0.282  -3.299  -15.286 1.00 42.27 ? 1397 TRP A CA  1 
ATOM   442  C C   . TRP A 1 62  ? -1.019  -1.982  -15.075 1.00 41.82 ? 1397 TRP A C   1 
ATOM   443  O O   . TRP A 1 62  ? -1.770  -1.537  -15.940 1.00 40.96 ? 1397 TRP A O   1 
ATOM   444  C CB  . TRP A 1 62  ? -0.917  -4.419  -14.446 1.00 43.50 ? 1397 TRP A CB  1 
ATOM   445  C CG  . TRP A 1 62  ? -2.408  -4.328  -14.345 1.00 46.56 ? 1397 TRP A CG  1 
ATOM   446  C CD1 . TRP A 1 62  ? -3.312  -4.447  -15.361 1.00 48.22 ? 1397 TRP A CD1 1 
ATOM   447  C CD2 . TRP A 1 62  ? -3.164  -4.009  -13.169 1.00 48.02 ? 1397 TRP A CD2 1 
ATOM   448  N NE1 . TRP A 1 62  ? -4.587  -4.214  -14.892 1.00 49.25 ? 1397 TRP A NE1 1 
ATOM   449  C CE2 . TRP A 1 62  ? -4.522  -3.942  -13.550 1.00 47.70 ? 1397 TRP A CE2 1 
ATOM   450  C CE3 . TRP A 1 62  ? -2.821  -3.771  -11.827 1.00 48.64 ? 1397 TRP A CE3 1 
ATOM   451  C CZ2 . TRP A 1 62  ? -5.541  -3.647  -12.642 1.00 47.25 ? 1397 TRP A CZ2 1 
ATOM   452  C CZ3 . TRP A 1 62  ? -3.833  -3.478  -10.922 1.00 48.42 ? 1397 TRP A CZ3 1 
ATOM   453  C CH2 . TRP A 1 62  ? -5.181  -3.419  -11.336 1.00 49.49 ? 1397 TRP A CH2 1 
ATOM   454  N N   . LEU A 1 63  ? -0.795  -1.352  -13.927 1.00 40.44 ? 1398 LEU A N   1 
ATOM   455  C CA  . LEU A 1 63  ? -1.433  -0.080  -13.626 1.00 40.75 ? 1398 LEU A CA  1 
ATOM   456  C C   . LEU A 1 63  ? -1.085  0.948   -14.707 1.00 43.27 ? 1398 LEU A C   1 
ATOM   457  O O   . LEU A 1 63  ? -1.974  1.509   -15.350 1.00 44.53 ? 1398 LEU A O   1 
ATOM   458  C CB  . LEU A 1 63  ? -0.997  0.423   -12.239 1.00 39.56 ? 1398 LEU A CB  1 
ATOM   459  C CG  . LEU A 1 63  ? -1.601  -0.341  -11.046 1.00 40.31 ? 1398 LEU A CG  1 
ATOM   460  C CD1 . LEU A 1 63  ? -1.024  0.170   -9.730  1.00 38.71 ? 1398 LEU A CD1 1 
ATOM   461  C CD2 . LEU A 1 63  ? -3.114  -0.176  -11.058 1.00 40.02 ? 1398 LEU A CD2 1 
ATOM   462  N N   . ASN A 1 64  ? 0.207   1.180   -14.912 1.00 44.37 ? 1399 ASN A N   1 
ATOM   463  C CA  . ASN A 1 64  ? 0.658   2.135   -15.919 1.00 45.56 ? 1399 ASN A CA  1 
ATOM   464  C C   . ASN A 1 64  ? 0.064   1.843   -17.294 1.00 45.77 ? 1399 ASN A C   1 
ATOM   465  O O   . ASN A 1 64  ? -0.373  2.760   -17.988 1.00 46.09 ? 1399 ASN A O   1 
ATOM   466  C CB  . ASN A 1 64  ? 2.189   2.142   -15.998 1.00 43.25 ? 1399 ASN A CB  1 
ATOM   467  C CG  . ASN A 1 64  ? 2.829   2.793   -14.790 1.00 43.83 ? 1399 ASN A CG  1 
ATOM   468  O OD1 . ASN A 1 64  ? 2.600   3.973   -14.510 1.00 42.82 ? 1399 ASN A OD1 1 
ATOM   469  N ND2 . ASN A 1 64  ? 3.630   2.026   -14.060 1.00 44.02 ? 1399 ASN A ND2 1 
ATOM   470  N N   . ALA A 1 65  ? 0.044   0.569   -17.681 1.00 47.06 ? 1400 ALA A N   1 
ATOM   471  C CA  . ALA A 1 65  ? -0.511  0.162   -18.971 1.00 48.07 ? 1400 ALA A CA  1 
ATOM   472  C C   . ALA A 1 65  ? -1.998  0.511   -19.072 1.00 49.94 ? 1400 ALA A C   1 
ATOM   473  O O   . ALA A 1 65  ? -2.562  0.545   -20.170 1.00 49.39 ? 1400 ALA A O   1 
ATOM   474  C CB  . ALA A 1 65  ? -0.313  -1.339  -19.180 1.00 46.68 ? 1400 ALA A CB  1 
ATOM   475  N N   . ASN A 1 66  ? -2.629  0.770   -17.927 1.00 49.63 ? 1401 ASN A N   1 
ATOM   476  C CA  . ASN A 1 66  ? -4.050  1.114   -17.905 1.00 50.45 ? 1401 ASN A CA  1 
ATOM   477  C C   . ASN A 1 66  ? -4.323  2.551   -17.473 1.00 50.59 ? 1401 ASN A C   1 
ATOM   478  O O   . ASN A 1 66  ? -5.331  2.832   -16.828 1.00 50.90 ? 1401 ASN A O   1 
ATOM   479  C CB  . ASN A 1 66  ? -4.828  0.158   -16.995 1.00 50.03 ? 1401 ASN A CB  1 
ATOM   480  C CG  . ASN A 1 66  ? -4.913  -1.245  -17.559 1.00 50.66 ? 1401 ASN A CG  1 
ATOM   481  O OD1 . ASN A 1 66  ? -3.974  -2.032  -17.452 1.00 50.20 ? 1401 ASN A OD1 1 
ATOM   482  N ND2 . ASN A 1 66  ? -6.044  -1.562  -18.180 1.00 51.58 ? 1401 ASN A ND2 1 
ATOM   483  N N   . ASN A 1 67  ? -3.414  3.455   -17.824 1.00 51.75 ? 1402 ASN A N   1 
ATOM   484  C CA  . ASN A 1 67  ? -3.558  4.872   -17.502 1.00 53.37 ? 1402 ASN A CA  1 
ATOM   485  C C   . ASN A 1 67  ? -3.564  5.248   -16.029 1.00 53.21 ? 1402 ASN A C   1 
ATOM   486  O O   . ASN A 1 67  ? -4.152  6.260   -15.648 1.00 53.55 ? 1402 ASN A O   1 
ATOM   487  C CB  . ASN A 1 67  ? -4.821  5.434   -18.155 1.00 56.14 ? 1402 ASN A CB  1 
ATOM   488  C CG  . ASN A 1 67  ? -4.735  5.438   -19.657 1.00 58.36 ? 1402 ASN A CG  1 
ATOM   489  O OD1 . ASN A 1 67  ? -3.830  6.044   -20.236 1.00 59.93 ? 1402 ASN A OD1 1 
ATOM   490  N ND2 . ASN A 1 67  ? -5.675  4.758   -20.305 1.00 60.87 ? 1402 ASN A ND2 1 
ATOM   491  N N   . VAL A 1 68  ? -2.927  4.435   -15.200 1.00 52.22 ? 1403 VAL A N   1 
ATOM   492  C CA  . VAL A 1 68  ? -2.845  4.738   -13.783 1.00 51.48 ? 1403 VAL A CA  1 
ATOM   493  C C   . VAL A 1 68  ? -1.361  4.706   -13.454 1.00 51.43 ? 1403 VAL A C   1 
ATOM   494  O O   . VAL A 1 68  ? -0.758  3.636   -13.378 1.00 50.10 ? 1403 VAL A O   1 
ATOM   495  C CB  . VAL A 1 68  ? -3.597  3.699   -12.921 1.00 51.73 ? 1403 VAL A CB  1 
ATOM   496  C CG1 . VAL A 1 68  ? -3.628  4.152   -11.472 1.00 51.88 ? 1403 VAL A CG1 1 
ATOM   497  C CG2 . VAL A 1 68  ? -5.009  3.515   -13.441 1.00 51.93 ? 1403 VAL A CG2 1 
ATOM   498  N N   . PRO A 1 69  ? -0.743  5.890   -13.307 1.00 50.80 ? 1404 PRO A N   1 
ATOM   499  C CA  . PRO A 1 69  ? 0.683   5.998   -12.991 1.00 49.82 ? 1404 PRO A CA  1 
ATOM   500  C C   . PRO A 1 69  ? 1.006   5.245   -11.710 1.00 48.56 ? 1404 PRO A C   1 
ATOM   501  O O   . PRO A 1 69  ? 0.219   5.250   -10.758 1.00 47.94 ? 1404 PRO A O   1 
ATOM   502  C CB  . PRO A 1 69  ? 0.890   7.504   -12.841 1.00 49.87 ? 1404 PRO A CB  1 
ATOM   503  C CG  . PRO A 1 69  ? -0.112  8.071   -13.786 1.00 51.77 ? 1404 PRO A CG  1 
ATOM   504  C CD  . PRO A 1 69  ? -1.334  7.225   -13.508 1.00 52.91 ? 1404 PRO A CD  1 
ATOM   505  N N   . ALA A 1 70  ? 2.160   4.591   -11.691 1.00 46.57 ? 1405 ALA A N   1 
ATOM   506  C CA  . ALA A 1 70  ? 2.573   3.839   -10.514 1.00 44.51 ? 1405 ALA A CA  1 
ATOM   507  C C   . ALA A 1 70  ? 4.066   3.564   -10.571 1.00 41.70 ? 1405 ALA A C   1 
ATOM   508  O O   . ALA A 1 70  ? 4.627   3.389   -11.650 1.00 40.24 ? 1405 ALA A O   1 
ATOM   509  C CB  . ALA A 1 70  ? 1.794   2.524   -10.431 1.00 43.46 ? 1405 ALA A CB  1 
ATOM   510  N N   . THR A 1 71  ? 4.697   3.548   -9.402  1.00 39.33 ? 1406 THR A N   1 
ATOM   511  C CA  . THR A 1 71  ? 6.124   3.286   -9.285  1.00 38.09 ? 1406 THR A CA  1 
ATOM   512  C C   . THR A 1 71  ? 6.313   1.868   -8.778  1.00 37.55 ? 1406 THR A C   1 
ATOM   513  O O   . THR A 1 71  ? 5.728   1.478   -7.771  1.00 34.55 ? 1406 THR A O   1 
ATOM   514  C CB  . THR A 1 71  ? 6.788   4.242   -8.296  1.00 38.51 ? 1406 THR A CB  1 
ATOM   515  O OG1 . THR A 1 71  ? 6.532   5.590   -8.697  1.00 39.14 ? 1406 THR A OG1 1 
ATOM   516  C CG2 . THR A 1 71  ? 8.297   3.999   -8.262  1.00 38.92 ? 1406 THR A CG2 1 
ATOM   517  N N   . PRO A 1 72  ? 7.142   1.078   -9.466  1.00 37.60 ? 1407 PRO A N   1 
ATOM   518  C CA  . PRO A 1 72  ? 7.371   -0.302  -9.042  1.00 37.68 ? 1407 PRO A CA  1 
ATOM   519  C C   . PRO A 1 72  ? 8.283   -0.414  -7.821  1.00 38.36 ? 1407 PRO A C   1 
ATOM   520  O O   . PRO A 1 72  ? 9.205   0.382   -7.645  1.00 39.44 ? 1407 PRO A O   1 
ATOM   521  C CB  . PRO A 1 72  ? 7.998   -0.931  -10.278 1.00 35.46 ? 1407 PRO A CB  1 
ATOM   522  C CG  . PRO A 1 72  ? 8.857   0.189   -10.791 1.00 37.69 ? 1407 PRO A CG  1 
ATOM   523  C CD  . PRO A 1 72  ? 7.933   1.397   -10.672 1.00 37.24 ? 1407 PRO A CD  1 
ATOM   524  N N   . VAL A 1 73  ? 8.000   -1.399  -6.976  1.00 37.03 ? 1408 VAL A N   1 
ATOM   525  C CA  . VAL A 1 73  ? 8.805   -1.664  -5.792  1.00 36.00 ? 1408 VAL A CA  1 
ATOM   526  C C   . VAL A 1 73  ? 9.044   -3.173  -5.795  1.00 36.60 ? 1408 VAL A C   1 
ATOM   527  O O   . VAL A 1 73  ? 8.278   -3.926  -6.401  1.00 34.04 ? 1408 VAL A O   1 
ATOM   528  C CB  . VAL A 1 73  ? 8.067   -1.285  -4.481  1.00 35.89 ? 1408 VAL A CB  1 
ATOM   529  C CG1 . VAL A 1 73  ? 7.804   0.215   -4.431  1.00 36.42 ? 1408 VAL A CG1 1 
ATOM   530  C CG2 . VAL A 1 73  ? 6.779   -2.043  -4.381  1.00 34.19 ? 1408 VAL A CG2 1 
ATOM   531  N N   . ALA A 1 74  ? 10.089  -3.616  -5.106  1.00 35.86 ? 1409 ALA A N   1 
ATOM   532  C CA  . ALA A 1 74  ? 10.401  -5.035  -5.058  1.00 37.27 ? 1409 ALA A CA  1 
ATOM   533  C C   . ALA A 1 74  ? 9.740   -5.775  -3.895  1.00 37.50 ? 1409 ALA A C   1 
ATOM   534  O O   . ALA A 1 74  ? 9.469   -5.203  -2.840  1.00 39.92 ? 1409 ALA A O   1 
ATOM   535  C CB  . ALA A 1 74  ? 11.905  -5.227  -4.989  1.00 38.39 ? 1409 ALA A CB  1 
ATOM   536  N N   . TRP A 1 75  ? 9.464   -7.052  -4.110  1.00 36.41 ? 1410 TRP A N   1 
ATOM   537  C CA  . TRP A 1 75  ? 8.899   -7.894  -3.071  1.00 37.57 ? 1410 TRP A CA  1 
ATOM   538  C C   . TRP A 1 75  ? 10.035  -8.025  -2.064  1.00 37.73 ? 1410 TRP A C   1 
ATOM   539  O O   . TRP A 1 75  ? 11.195  -8.141  -2.458  1.00 35.25 ? 1410 TRP A O   1 
ATOM   540  C CB  . TRP A 1 75  ? 8.579   -9.287  -3.619  1.00 38.18 ? 1410 TRP A CB  1 
ATOM   541  C CG  . TRP A 1 75  ? 7.318   -9.387  -4.407  1.00 37.78 ? 1410 TRP A CG  1 
ATOM   542  C CD1 . TRP A 1 75  ? 7.201   -9.525  -5.761  1.00 38.07 ? 1410 TRP A CD1 1 
ATOM   543  C CD2 . TRP A 1 75  ? 5.988   -9.423  -3.881  1.00 38.54 ? 1410 TRP A CD2 1 
ATOM   544  N NE1 . TRP A 1 75  ? 5.877   -9.655  -6.106  1.00 39.75 ? 1410 TRP A NE1 1 
ATOM   545  C CE2 . TRP A 1 75  ? 5.112   -9.595  -4.970  1.00 37.56 ? 1410 TRP A CE2 1 
ATOM   546  C CE3 . TRP A 1 75  ? 5.452   -9.328  -2.590  1.00 36.81 ? 1410 TRP A CE3 1 
ATOM   547  C CZ2 . TRP A 1 75  ? 3.727   -9.674  -4.809  1.00 39.83 ? 1410 TRP A CZ2 1 
ATOM   548  C CZ3 . TRP A 1 75  ? 4.080   -9.406  -2.428  1.00 38.20 ? 1410 TRP A CZ3 1 
ATOM   549  C CH2 . TRP A 1 75  ? 3.230   -9.578  -3.533  1.00 37.80 ? 1410 TRP A CH2 1 
ATOM   550  N N   . PRO A 1 76  ? 9.726   -8.011  -0.758  1.00 38.11 ? 1411 PRO A N   1 
ATOM   551  C CA  . PRO A 1 76  ? 10.804  -8.137  0.229   1.00 40.49 ? 1411 PRO A CA  1 
ATOM   552  C C   . PRO A 1 76  ? 11.727  -9.324  -0.065  1.00 42.06 ? 1411 PRO A C   1 
ATOM   553  O O   . PRO A 1 76  ? 12.946  -9.209  0.028   1.00 44.72 ? 1411 PRO A O   1 
ATOM   554  C CB  . PRO A 1 76  ? 10.046  -8.301  1.543   1.00 39.96 ? 1411 PRO A CB  1 
ATOM   555  C CG  . PRO A 1 76  ? 8.815   -7.452  1.316   1.00 39.05 ? 1411 PRO A CG  1 
ATOM   556  C CD  . PRO A 1 76  ? 8.417   -7.863  -0.093  1.00 39.12 ? 1411 PRO A CD  1 
ATOM   557  N N   . SER A 1 77  ? 11.139  -10.457 -0.432  1.00 43.75 ? 1412 SER A N   1 
ATOM   558  C CA  . SER A 1 77  ? 11.906  -11.662 -0.726  1.00 47.82 ? 1412 SER A CA  1 
ATOM   559  C C   . SER A 1 77  ? 12.824  -11.496 -1.931  1.00 50.64 ? 1412 SER A C   1 
ATOM   560  O O   . SER A 1 77  ? 13.914  -12.070 -1.982  1.00 50.76 ? 1412 SER A O   1 
ATOM   561  C CB  . SER A 1 77  ? 10.956  -12.835 -0.983  1.00 47.40 ? 1412 SER A CB  1 
ATOM   562  O OG  . SER A 1 77  ? 10.251  -12.668 -2.206  1.00 46.48 ? 1412 SER A OG  1 
ATOM   563  N N   . GLN A 1 78  ? 12.381  -10.698 -2.898  1.00 52.70 ? 1413 GLN A N   1 
ATOM   564  C CA  . GLN A 1 78  ? 13.142  -10.476 -4.121  1.00 54.51 ? 1413 GLN A CA  1 
ATOM   565  C C   . GLN A 1 78  ? 14.003  -9.218  -4.154  1.00 56.19 ? 1413 GLN A C   1 
ATOM   566  O O   . GLN A 1 78  ? 14.393  -8.771  -5.228  1.00 57.35 ? 1413 GLN A O   1 
ATOM   567  C CB  . GLN A 1 78  ? 12.182  -10.468 -5.307  1.00 53.95 ? 1413 GLN A CB  1 
ATOM   568  C CG  . GLN A 1 78  ? 11.530  -11.814 -5.571  1.00 56.20 ? 1413 GLN A CG  1 
ATOM   569  C CD  . GLN A 1 78  ? 10.368  -11.711 -6.537  1.00 57.89 ? 1413 GLN A CD  1 
ATOM   570  O OE1 . GLN A 1 78  ? 10.406  -10.929 -7.489  1.00 57.59 ? 1413 GLN A OE1 1 
ATOM   571  N NE2 . GLN A 1 78  ? 9.328   -12.508 -6.302  1.00 58.69 ? 1413 GLN A NE2 1 
ATOM   572  N N   . GLU A 1 79  ? 14.309  -8.647  -2.995  1.00 58.70 ? 1414 GLU A N   1 
ATOM   573  C CA  . GLU A 1 79  ? 15.132  -7.443  -2.957  1.00 61.14 ? 1414 GLU A CA  1 
ATOM   574  C C   . GLU A 1 79  ? 16.576  -7.728  -3.348  1.00 61.89 ? 1414 GLU A C   1 
ATOM   575  O O   . GLU A 1 79  ? 17.137  -8.757  -2.977  1.00 62.83 ? 1414 GLU A O   1 
ATOM   576  C CB  . GLU A 1 79  ? 15.095  -6.815  -1.565  1.00 63.78 ? 1414 GLU A CB  1 
ATOM   577  C CG  . GLU A 1 79  ? 13.776  -6.143  -1.238  1.00 68.28 ? 1414 GLU A CG  1 
ATOM   578  C CD  . GLU A 1 79  ? 13.728  -5.625  0.180   1.00 70.19 ? 1414 GLU A CD  1 
ATOM   579  O OE1 . GLU A 1 79  ? 14.657  -4.894  0.577   1.00 71.82 ? 1414 GLU A OE1 1 
ATOM   580  O OE2 . GLU A 1 79  ? 12.757  -5.947  0.896   1.00 72.79 ? 1414 GLU A OE2 1 
ATOM   581  N N   . LEU A 1 85  ? 13.857  -1.097  -8.851  1.00 67.34 ? 1420 LEU A N   1 
ATOM   582  C CA  . LEU A 1 85  ? 12.912  -1.483  -7.809  1.00 67.22 ? 1420 LEU A CA  1 
ATOM   583  C C   . LEU A 1 85  ? 13.452  -1.115  -6.431  1.00 66.71 ? 1420 LEU A C   1 
ATOM   584  O O   . LEU A 1 85  ? 14.532  -1.559  -6.043  1.00 67.83 ? 1420 LEU A O   1 
ATOM   585  C CB  . LEU A 1 85  ? 12.648  -2.991  -7.866  1.00 66.83 ? 1420 LEU A CB  1 
ATOM   586  C CG  . LEU A 1 85  ? 12.229  -3.582  -9.218  1.00 67.12 ? 1420 LEU A CG  1 
ATOM   587  C CD1 . LEU A 1 85  ? 12.036  -5.083  -9.076  1.00 66.62 ? 1420 LEU A CD1 1 
ATOM   588  C CD2 . LEU A 1 85  ? 10.949  -2.922  -9.704  1.00 67.30 ? 1420 LEU A CD2 1 
ATOM   589  N N   . SER A 1 86  ? 12.700  -0.305  -5.692  1.00 65.91 ? 1421 SER A N   1 
ATOM   590  C CA  . SER A 1 86  ? 13.113  0.107   -4.355  1.00 63.71 ? 1421 SER A CA  1 
ATOM   591  C C   . SER A 1 86  ? 12.556  -0.824  -3.286  1.00 61.63 ? 1421 SER A C   1 
ATOM   592  O O   . SER A 1 86  ? 11.706  -1.676  -3.560  1.00 60.28 ? 1421 SER A O   1 
ATOM   593  C CB  . SER A 1 86  ? 12.649  1.536   -4.063  1.00 64.52 ? 1421 SER A CB  1 
ATOM   594  O OG  . SER A 1 86  ? 13.284  2.467   -4.922  1.00 66.87 ? 1421 SER A OG  1 
ATOM   595  N N   . SER A 1 87  ? 13.048  -0.647  -2.066  1.00 58.56 ? 1422 SER A N   1 
ATOM   596  C CA  . SER A 1 87  ? 12.617  -1.449  -0.934  1.00 54.21 ? 1422 SER A CA  1 
ATOM   597  C C   . SER A 1 87  ? 11.401  -0.809  -0.282  1.00 51.60 ? 1422 SER A C   1 
ATOM   598  O O   . SER A 1 87  ? 11.345  0.409   -0.106  1.00 50.03 ? 1422 SER A O   1 
ATOM   599  C CB  . SER A 1 87  ? 13.747  -1.558  0.089   1.00 54.90 ? 1422 SER A CB  1 
ATOM   600  O OG  . SER A 1 87  ? 13.282  -2.154  1.284   1.00 54.94 ? 1422 SER A OG  1 
ATOM   601  N N   . ILE A 1 88  ? 10.429  -1.633  0.083   1.00 48.59 ? 1423 ILE A N   1 
ATOM   602  C CA  . ILE A 1 88  ? 9.226   -1.127  0.717   1.00 46.64 ? 1423 ILE A CA  1 
ATOM   603  C C   . ILE A 1 88  ? 9.539   -0.526  2.088   1.00 48.45 ? 1423 ILE A C   1 
ATOM   604  O O   . ILE A 1 88  ? 9.066   0.563   2.414   1.00 48.85 ? 1423 ILE A O   1 
ATOM   605  C CB  . ILE A 1 88  ? 8.159   -2.245  0.856   1.00 43.66 ? 1423 ILE A CB  1 
ATOM   606  C CG1 . ILE A 1 88  ? 7.652   -2.650  -0.540  1.00 39.07 ? 1423 ILE A CG1 1 
ATOM   607  C CG2 . ILE A 1 88  ? 6.994   -1.756  1.703   1.00 40.92 ? 1423 ILE A CG2 1 
ATOM   608  C CD1 . ILE A 1 88  ? 6.680   -3.799  -0.546  1.00 37.06 ? 1423 ILE A CD1 1 
ATOM   609  N N   . ARG A 1 89  ? 10.342  -1.218  2.891   1.00 49.25 ? 1424 ARG A N   1 
ATOM   610  C CA  . ARG A 1 89  ? 10.667  -0.696  4.214   1.00 50.23 ? 1424 ARG A CA  1 
ATOM   611  C C   . ARG A 1 89  ? 11.368  0.651   4.134   1.00 49.81 ? 1424 ARG A C   1 
ATOM   612  O O   . ARG A 1 89  ? 11.102  1.533   4.948   1.00 50.06 ? 1424 ARG A O   1 
ATOM   613  C CB  . ARG A 1 89  ? 11.515  -1.693  5.017   1.00 52.77 ? 1424 ARG A CB  1 
ATOM   614  C CG  . ARG A 1 89  ? 12.807  -2.143  4.371   1.00 55.94 ? 1424 ARG A CG  1 
ATOM   615  C CD  . ARG A 1 89  ? 13.582  -3.035  5.340   1.00 58.25 ? 1424 ARG A CD  1 
ATOM   616  N NE  . ARG A 1 89  ? 14.692  -3.736  4.700   1.00 60.12 ? 1424 ARG A NE  1 
ATOM   617  C CZ  . ARG A 1 89  ? 14.549  -4.677  3.768   1.00 62.46 ? 1424 ARG A CZ  1 
ATOM   618  N NH1 . ARG A 1 89  ? 13.340  -5.040  3.363   1.00 62.54 ? 1424 ARG A NH1 1 
ATOM   619  N NH2 . ARG A 1 89  ? 15.619  -5.253  3.235   1.00 62.95 ? 1424 ARG A NH2 1 
ATOM   620  N N   . LYS A 1 90  ? 12.248  0.818   3.148   1.00 49.06 ? 1425 LYS A N   1 
ATOM   621  C CA  . LYS A 1 90  ? 12.954  2.083   2.979   1.00 47.93 ? 1425 LYS A CA  1 
ATOM   622  C C   . LYS A 1 90  ? 11.948  3.197   2.703   1.00 47.78 ? 1425 LYS A C   1 
ATOM   623  O O   . LYS A 1 90  ? 12.032  4.278   3.280   1.00 46.85 ? 1425 LYS A O   1 
ATOM   624  C CB  . LYS A 1 90  ? 13.949  2.003   1.815   1.00 50.11 ? 1425 LYS A CB  1 
ATOM   625  C CG  . LYS A 1 90  ? 15.189  1.151   2.074   1.00 51.10 ? 1425 LYS A CG  1 
ATOM   626  C CD  . LYS A 1 90  ? 16.148  1.232   0.883   1.00 52.34 ? 1425 LYS A CD  1 
ATOM   627  C CE  . LYS A 1 90  ? 17.435  0.449   1.116   1.00 54.22 ? 1425 LYS A CE  1 
ATOM   628  N NZ  . LYS A 1 90  ? 17.217  -1.026  1.205   1.00 54.50 ? 1425 LYS A NZ  1 
ATOM   629  N N   . LEU A 1 91  ? 10.996  2.926   1.815   1.00 46.47 ? 1426 LEU A N   1 
ATOM   630  C CA  . LEU A 1 91  ? 9.976   3.907   1.472   1.00 45.25 ? 1426 LEU A CA  1 
ATOM   631  C C   . LEU A 1 91  ? 9.094   4.236   2.671   1.00 45.87 ? 1426 LEU A C   1 
ATOM   632  O O   . LEU A 1 91  ? 8.772   5.395   2.914   1.00 46.52 ? 1426 LEU A O   1 
ATOM   633  C CB  . LEU A 1 91  ? 9.118   3.388   0.317   1.00 44.15 ? 1426 LEU A CB  1 
ATOM   634  C CG  . LEU A 1 91  ? 9.884   3.124   -0.982  1.00 42.97 ? 1426 LEU A CG  1 
ATOM   635  C CD1 . LEU A 1 91  ? 8.947   2.564   -2.034  1.00 39.26 ? 1426 LEU A CD1 1 
ATOM   636  C CD2 . LEU A 1 91  ? 10.519  4.414   -1.464  1.00 42.12 ? 1426 LEU A CD2 1 
ATOM   637  N N   . ILE A 1 92  ? 8.696   3.215   3.420   1.00 47.30 ? 1427 ILE A N   1 
ATOM   638  C CA  . ILE A 1 92  ? 7.868   3.434   4.597   1.00 48.95 ? 1427 ILE A CA  1 
ATOM   639  C C   . ILE A 1 92  ? 8.708   4.157   5.643   1.00 51.99 ? 1427 ILE A C   1 
ATOM   640  O O   . ILE A 1 92  ? 8.255   5.112   6.283   1.00 51.09 ? 1427 ILE A O   1 
ATOM   641  C CB  . ILE A 1 92  ? 7.350   2.089   5.164   1.00 48.91 ? 1427 ILE A CB  1 
ATOM   642  C CG1 . ILE A 1 92  ? 6.272   1.527   4.231   1.00 47.35 ? 1427 ILE A CG1 1 
ATOM   643  C CG2 . ILE A 1 92  ? 6.809   2.274   6.579   1.00 47.20 ? 1427 ILE A CG2 1 
ATOM   644  C CD1 . ILE A 1 92  ? 5.732   0.172   4.646   1.00 47.76 ? 1427 ILE A CD1 1 
ATOM   645  N N   . ARG A 1 93  ? 9.951   3.712   5.790   1.00 54.97 ? 1428 ARG A N   1 
ATOM   646  C CA  . ARG A 1 93  ? 10.869  4.301   6.752   1.00 57.47 ? 1428 ARG A CA  1 
ATOM   647  C C   . ARG A 1 93  ? 11.067  5.802   6.534   1.00 57.86 ? 1428 ARG A C   1 
ATOM   648  O O   . ARG A 1 93  ? 10.990  6.575   7.484   1.00 58.51 ? 1428 ARG A O   1 
ATOM   649  C CB  . ARG A 1 93  ? 12.215  3.580   6.689   1.00 59.76 ? 1428 ARG A CB  1 
ATOM   650  C CG  . ARG A 1 93  ? 13.138  3.860   7.864   1.00 63.39 ? 1428 ARG A CG  1 
ATOM   651  C CD  . ARG A 1 93  ? 14.355  2.958   7.792   1.00 66.00 ? 1428 ARG A CD  1 
ATOM   652  N NE  . ARG A 1 93  ? 15.127  3.195   6.575   1.00 68.83 ? 1428 ARG A NE  1 
ATOM   653  C CZ  . ARG A 1 93  ? 16.019  2.343   6.079   1.00 70.02 ? 1428 ARG A CZ  1 
ATOM   654  N NH1 . ARG A 1 93  ? 16.252  1.189   6.694   1.00 71.07 ? 1428 ARG A NH1 1 
ATOM   655  N NH2 . ARG A 1 93  ? 16.683  2.644   4.969   1.00 70.51 ? 1428 ARG A NH2 1 
ATOM   656  N N   . ASP A 1 94  ? 11.298  6.229   5.296   1.00 58.01 ? 1429 ASP A N   1 
ATOM   657  C CA  . ASP A 1 94  ? 11.504  7.654   5.056   1.00 58.60 ? 1429 ASP A CA  1 
ATOM   658  C C   . ASP A 1 94  ? 10.256  8.453   4.665   1.00 57.08 ? 1429 ASP A C   1 
ATOM   659  O O   . ASP A 1 94  ? 10.364  9.548   4.119   1.00 57.72 ? 1429 ASP A O   1 
ATOM   660  C CB  . ASP A 1 94  ? 12.616  7.875   4.021   1.00 61.85 ? 1429 ASP A CB  1 
ATOM   661  C CG  . ASP A 1 94  ? 12.203  7.484   2.617   1.00 65.49 ? 1429 ASP A CG  1 
ATOM   662  O OD1 . ASP A 1 94  ? 11.123  7.923   2.166   1.00 66.85 ? 1429 ASP A OD1 1 
ATOM   663  O OD2 . ASP A 1 94  ? 12.969  6.746   1.957   1.00 67.86 ? 1429 ASP A OD2 1 
ATOM   664  N N   . GLY A 1 95  ? 9.075   7.898   4.935   1.00 55.74 ? 1430 GLY A N   1 
ATOM   665  C CA  . GLY A 1 95  ? 7.828   8.598   4.651   1.00 52.05 ? 1430 GLY A CA  1 
ATOM   666  C C   . GLY A 1 95  ? 7.287   8.737   3.237   1.00 51.63 ? 1430 GLY A C   1 
ATOM   667  O O   . GLY A 1 95  ? 6.371   9.530   3.010   1.00 51.08 ? 1430 GLY A O   1 
ATOM   668  N N   . SER A 1 96  ? 7.823   7.984   2.282   1.00 49.99 ? 1431 SER A N   1 
ATOM   669  C CA  . SER A 1 96  ? 7.343   8.067   0.906   1.00 48.97 ? 1431 SER A CA  1 
ATOM   670  C C   . SER A 1 96  ? 5.996   7.356   0.780   1.00 47.09 ? 1431 SER A C   1 
ATOM   671  O O   . SER A 1 96  ? 5.193   7.658   -0.103  1.00 46.05 ? 1431 SER A O   1 
ATOM   672  C CB  . SER A 1 96  ? 8.352   7.421   -0.043  1.00 51.17 ? 1431 SER A CB  1 
ATOM   673  O OG  . SER A 1 96  ? 9.645   7.975   0.136   1.00 55.79 ? 1431 SER A OG  1 
ATOM   674  N N   . ILE A 1 97  ? 5.764   6.404   1.673   1.00 44.80 ? 1432 ILE A N   1 
ATOM   675  C CA  . ILE A 1 97  ? 4.523   5.634   1.691   1.00 43.96 ? 1432 ILE A CA  1 
ATOM   676  C C   . ILE A 1 97  ? 3.874   5.818   3.055   1.00 42.54 ? 1432 ILE A C   1 
ATOM   677  O O   . ILE A 1 97  ? 4.448   5.411   4.056   1.00 44.22 ? 1432 ILE A O   1 
ATOM   678  C CB  . ILE A 1 97  ? 4.812   4.121   1.494   1.00 41.93 ? 1432 ILE A CB  1 
ATOM   679  C CG1 . ILE A 1 97  ? 5.242   3.861   0.050   1.00 41.46 ? 1432 ILE A CG1 1 
ATOM   680  C CG2 . ILE A 1 97  ? 3.594   3.296   1.882   1.00 41.34 ? 1432 ILE A CG2 1 
ATOM   681  C CD1 . ILE A 1 97  ? 5.794   2.480   -0.190  1.00 40.51 ? 1432 ILE A CD1 1 
ATOM   682  N N   . ASP A 1 98  ? 2.690   6.425   3.104   1.00 42.18 ? 1433 ASP A N   1 
ATOM   683  C CA  . ASP A 1 98  ? 2.009   6.611   4.387   1.00 41.17 ? 1433 ASP A CA  1 
ATOM   684  C C   . ASP A 1 98  ? 0.681   5.856   4.489   1.00 39.71 ? 1433 ASP A C   1 
ATOM   685  O O   . ASP A 1 98  ? -0.162  6.173   5.323   1.00 37.29 ? 1433 ASP A O   1 
ATOM   686  C CB  . ASP A 1 98  ? 1.782   8.103   4.685   1.00 44.49 ? 1433 ASP A CB  1 
ATOM   687  C CG  . ASP A 1 98  ? 1.069   8.827   3.563   1.00 46.02 ? 1433 ASP A CG  1 
ATOM   688  O OD1 . ASP A 1 98  ? 0.467   8.156   2.703   1.00 46.71 ? 1433 ASP A OD1 1 
ATOM   689  O OD2 . ASP A 1 98  ? 1.103   10.075  3.546   1.00 48.97 ? 1433 ASP A OD2 1 
ATOM   690  N N   . LEU A 1 99  ? 0.506   4.854   3.634   1.00 36.80 ? 1434 LEU A N   1 
ATOM   691  C CA  . LEU A 1 99  ? -0.701  4.038   3.646   1.00 35.66 ? 1434 LEU A CA  1 
ATOM   692  C C   . LEU A 1 99  ? -0.432  2.761   2.880   1.00 34.42 ? 1434 LEU A C   1 
ATOM   693  O O   . LEU A 1 99  ? 0.187   2.788   1.819   1.00 35.46 ? 1434 LEU A O   1 
ATOM   694  C CB  . LEU A 1 99  ? -1.865  4.781   2.995   1.00 37.41 ? 1434 LEU A CB  1 
ATOM   695  C CG  . LEU A 1 99  ? -3.173  3.996   2.889   1.00 40.87 ? 1434 LEU A CG  1 
ATOM   696  C CD1 . LEU A 1 99  ? -3.684  3.640   4.278   1.00 42.52 ? 1434 LEU A CD1 1 
ATOM   697  C CD2 . LEU A 1 99  ? -4.196  4.831   2.156   1.00 44.83 ? 1434 LEU A CD2 1 
ATOM   698  N N   . VAL A 1 100 ? -0.891  1.635   3.412   1.00 31.94 ? 1435 VAL A N   1 
ATOM   699  C CA  . VAL A 1 100 ? -0.677  0.369   2.725   1.00 29.82 ? 1435 VAL A CA  1 
ATOM   700  C C   . VAL A 1 100 ? -1.978  -0.385  2.476   1.00 28.86 ? 1435 VAL A C   1 
ATOM   701  O O   . VAL A 1 100 ? -2.778  -0.593  3.399   1.00 28.81 ? 1435 VAL A O   1 
ATOM   702  C CB  . VAL A 1 100 ? 0.271   -0.552  3.517   1.00 29.08 ? 1435 VAL A CB  1 
ATOM   703  C CG1 . VAL A 1 100 ? 0.415   -1.897  2.788   1.00 27.82 ? 1435 VAL A CG1 1 
ATOM   704  C CG2 . VAL A 1 100 ? 1.636   0.111   3.676   1.00 25.37 ? 1435 VAL A CG2 1 
ATOM   705  N N   . ILE A 1 101 ? -2.199  -0.755  1.218   1.00 26.19 ? 1436 ILE A N   1 
ATOM   706  C CA  . ILE A 1 101 ? -3.372  -1.543  0.843   1.00 25.50 ? 1436 ILE A CA  1 
ATOM   707  C C   . ILE A 1 101 ? -2.762  -2.898  0.515   1.00 26.65 ? 1436 ILE A C   1 
ATOM   708  O O   . ILE A 1 101 ? -1.924  -3.006  -0.380  1.00 27.16 ? 1436 ILE A O   1 
ATOM   709  C CB  . ILE A 1 101 ? -4.077  -1.016  -0.423  1.00 24.65 ? 1436 ILE A CB  1 
ATOM   710  C CG1 . ILE A 1 101 ? -4.667  0.380   -0.167  1.00 26.72 ? 1436 ILE A CG1 1 
ATOM   711  C CG2 . ILE A 1 101 ? -5.169  -1.980  -0.836  1.00 27.55 ? 1436 ILE A CG2 1 
ATOM   712  C CD1 . ILE A 1 101 ? -5.279  1.027   -1.412  1.00 26.98 ? 1436 ILE A CD1 1 
ATOM   713  N N   . ASN A 1 102 ? -3.159  -3.915  1.269   1.00 25.94 ? 1437 ASN A N   1 
ATOM   714  C CA  . ASN A 1 102 ? -2.651  -5.260  1.066   1.00 25.01 ? 1437 ASN A CA  1 
ATOM   715  C C   . ASN A 1 102 ? -3.840  -6.191  1.240   1.00 27.16 ? 1437 ASN A C   1 
ATOM   716  O O   . ASN A 1 102 ? -4.216  -6.539  2.361   1.00 27.65 ? 1437 ASN A O   1 
ATOM   717  C CB  . ASN A 1 102 ? -1.547  -5.562  2.088   1.00 25.73 ? 1437 ASN A CB  1 
ATOM   718  C CG  . ASN A 1 102 ? -0.769  -6.826  1.747   1.00 26.88 ? 1437 ASN A CG  1 
ATOM   719  O OD1 . ASN A 1 102 ? -1.127  -7.921  2.171   1.00 24.03 ? 1437 ASN A OD1 1 
ATOM   720  N ND2 . ASN A 1 102 ? 0.283   -6.677  0.955   1.00 23.73 ? 1437 ASN A ND2 1 
ATOM   721  N N   . LEU A 1 103 ? -4.455  -6.560  0.118   1.00 25.36 ? 1438 LEU A N   1 
ATOM   722  C CA  . LEU A 1 103 ? -5.623  -7.423  0.146   1.00 25.41 ? 1438 LEU A CA  1 
ATOM   723  C C   . LEU A 1 103 ? -5.215  -8.903  0.049   1.00 26.79 ? 1438 LEU A C   1 
ATOM   724  O O   . LEU A 1 103 ? -4.093  -9.224  -0.345  1.00 25.84 ? 1438 LEU A O   1 
ATOM   725  C CB  . LEU A 1 103 ? -6.570  -7.039  -1.003  1.00 27.65 ? 1438 LEU A CB  1 
ATOM   726  C CG  . LEU A 1 103 ? -6.980  -5.553  -1.105  1.00 27.99 ? 1438 LEU A CG  1 
ATOM   727  C CD1 . LEU A 1 103 ? -7.844  -5.343  -2.346  1.00 33.30 ? 1438 LEU A CD1 1 
ATOM   728  C CD2 . LEU A 1 103 ? -7.720  -5.107  0.151   1.00 31.29 ? 1438 LEU A CD2 1 
ATOM   729  N N   . PRO A 1 104 ? -6.131  -9.822  0.391   1.00 28.87 ? 1439 PRO A N   1 
ATOM   730  C CA  . PRO A 1 104 ? -5.828  -11.259 0.337   1.00 31.52 ? 1439 PRO A CA  1 
ATOM   731  C C   . PRO A 1 104 ? -5.200  -11.726 -0.969  1.00 31.04 ? 1439 PRO A C   1 
ATOM   732  O O   . PRO A 1 104 ? -5.596  -11.292 -2.047  1.00 31.04 ? 1439 PRO A O   1 
ATOM   733  C CB  . PRO A 1 104 ? -7.185  -11.907 0.584   1.00 31.37 ? 1439 PRO A CB  1 
ATOM   734  C CG  . PRO A 1 104 ? -7.891  -10.897 1.463   1.00 34.03 ? 1439 PRO A CG  1 
ATOM   735  C CD  . PRO A 1 104 ? -7.538  -9.599  0.772   1.00 29.85 ? 1439 PRO A CD  1 
ATOM   736  N N   . ASN A 1 105 ? -4.215  -12.612 -0.862  1.00 32.30 ? 1440 ASN A N   1 
ATOM   737  C CA  . ASN A 1 105 ? -3.543  -13.160 -2.038  1.00 30.51 ? 1440 ASN A CA  1 
ATOM   738  C C   . ASN A 1 105 ? -3.162  -14.609 -1.727  1.00 33.16 ? 1440 ASN A C   1 
ATOM   739  O O   . ASN A 1 105 ? -2.315  -14.864 -0.871  1.00 30.55 ? 1440 ASN A O   1 
ATOM   740  C CB  . ASN A 1 105 ? -2.281  -12.368 -2.353  1.00 31.99 ? 1440 ASN A CB  1 
ATOM   741  C CG  . ASN A 1 105 ? -1.707  -12.714 -3.720  1.00 33.59 ? 1440 ASN A CG  1 
ATOM   742  O OD1 . ASN A 1 105 ? -1.840  -13.843 -4.192  1.00 33.97 ? 1440 ASN A OD1 1 
ATOM   743  N ND2 . ASN A 1 105 ? -1.060  -11.746 -4.352  1.00 34.35 ? 1440 ASN A ND2 1 
ATOM   744  N N   . ASN A 1 106 ? -3.785  -15.554 -2.426  1.00 32.73 ? 1441 ASN A N   1 
ATOM   745  C CA  . ASN A 1 106 ? -3.520  -16.967 -2.190  1.00 33.85 ? 1441 ASN A CA  1 
ATOM   746  C C   . ASN A 1 106 ? -2.271  -17.532 -2.863  1.00 34.34 ? 1441 ASN A C   1 
ATOM   747  O O   . ASN A 1 106 ? -1.983  -18.722 -2.742  1.00 35.47 ? 1441 ASN A O   1 
ATOM   748  C CB  . ASN A 1 106 ? -4.732  -17.796 -2.614  1.00 35.76 ? 1441 ASN A CB  1 
ATOM   749  C CG  . ASN A 1 106 ? -5.137  -17.528 -4.044  1.00 39.27 ? 1441 ASN A CG  1 
ATOM   750  O OD1 . ASN A 1 106 ? -4.287  -17.347 -4.917  1.00 38.31 ? 1441 ASN A OD1 1 
ATOM   751  N ND2 . ASN A 1 106 ? -6.440  -17.509 -4.295  1.00 41.07 ? 1441 ASN A ND2 1 
ATOM   752  N N   . ASN A 1 107 ? -1.529  -16.696 -3.574  1.00 34.13 ? 1442 ASN A N   1 
ATOM   753  C CA  . ASN A 1 107 ? -0.330  -17.161 -4.247  1.00 32.08 ? 1442 ASN A CA  1 
ATOM   754  C C   . ASN A 1 107 ? 0.720   -17.534 -3.192  1.00 32.12 ? 1442 ASN A C   1 
ATOM   755  O O   . ASN A 1 107 ? 1.187   -16.670 -2.464  1.00 30.39 ? 1442 ASN A O   1 
ATOM   756  C CB  . ASN A 1 107 ? 0.212   -16.057 -5.153  1.00 31.34 ? 1442 ASN A CB  1 
ATOM   757  C CG  . ASN A 1 107 ? 1.290   -16.551 -6.094  1.00 37.12 ? 1442 ASN A CG  1 
ATOM   758  O OD1 . ASN A 1 107 ? 2.030   -17.482 -5.777  1.00 34.74 ? 1442 ASN A OD1 1 
ATOM   759  N ND2 . ASN A 1 107 ? 1.399   -15.913 -7.259  1.00 38.05 ? 1442 ASN A ND2 1 
ATOM   760  N N   . THR A 1 108 ? 1.092   -18.813 -3.121  1.00 30.20 ? 1443 THR A N   1 
ATOM   761  C CA  . THR A 1 108 ? 2.086   -19.268 -2.141  1.00 31.46 ? 1443 THR A CA  1 
ATOM   762  C C   . THR A 1 108 ? 3.372   -18.492 -2.269  1.00 30.00 ? 1443 THR A C   1 
ATOM   763  O O   . THR A 1 108 ? 4.068   -18.263 -1.290  1.00 30.85 ? 1443 THR A O   1 
ATOM   764  C CB  . THR A 1 108 ? 2.480   -20.760 -2.319  1.00 30.84 ? 1443 THR A CB  1 
ATOM   765  O OG1 . THR A 1 108 ? 3.041   -20.950 -3.627  1.00 30.64 ? 1443 THR A OG1 1 
ATOM   766  C CG2 . THR A 1 108 ? 1.290   -21.666 -2.121  1.00 28.35 ? 1443 THR A CG2 1 
ATOM   767  N N   . LYS A 1 109 ? 3.699   -18.095 -3.490  1.00 27.86 ? 1444 LYS A N   1 
ATOM   768  C CA  . LYS A 1 109 ? 4.938   -17.373 -3.719  1.00 28.89 ? 1444 LYS A CA  1 
ATOM   769  C C   . LYS A 1 109 ? 5.016   -16.057 -2.941  1.00 27.95 ? 1444 LYS A C   1 
ATOM   770  O O   . LYS A 1 109 ? 6.110   -15.578 -2.648  1.00 27.55 ? 1444 LYS A O   1 
ATOM   771  C CB  . LYS A 1 109 ? 5.092   -17.091 -5.219  1.00 31.76 ? 1444 LYS A CB  1 
ATOM   772  C CG  . LYS A 1 109 ? 6.498   -16.705 -5.659  1.00 37.39 ? 1444 LYS A CG  1 
ATOM   773  C CD  . LYS A 1 109 ? 6.550   -16.398 -7.163  1.00 41.14 ? 1444 LYS A CD  1 
ATOM   774  C CE  . LYS A 1 109 ? 7.964   -16.047 -7.619  1.00 43.61 ? 1444 LYS A CE  1 
ATOM   775  N NZ  . LYS A 1 109 ? 8.004   -15.437 -8.995  1.00 46.11 ? 1444 LYS A NZ  1 
ATOM   776  N N   . PHE A 1 110 ? 3.864   -15.485 -2.591  1.00 27.56 ? 1445 PHE A N   1 
ATOM   777  C CA  . PHE A 1 110 ? 3.857   -14.189 -1.907  1.00 28.55 ? 1445 PHE A CA  1 
ATOM   778  C C   . PHE A 1 110 ? 3.255   -14.145 -0.513  1.00 28.32 ? 1445 PHE A C   1 
ATOM   779  O O   . PHE A 1 110 ? 3.173   -13.076 0.085   1.00 28.33 ? 1445 PHE A O   1 
ATOM   780  C CB  . PHE A 1 110 ? 3.132   -13.164 -2.778  1.00 29.80 ? 1445 PHE A CB  1 
ATOM   781  C CG  . PHE A 1 110 ? 3.618   -13.134 -4.195  1.00 31.31 ? 1445 PHE A CG  1 
ATOM   782  C CD1 . PHE A 1 110 ? 4.941   -12.830 -4.480  1.00 30.67 ? 1445 PHE A CD1 1 
ATOM   783  C CD2 . PHE A 1 110 ? 2.761   -13.448 -5.241  1.00 31.75 ? 1445 PHE A CD2 1 
ATOM   784  C CE1 . PHE A 1 110 ? 5.412   -12.840 -5.798  1.00 33.43 ? 1445 PHE A CE1 1 
ATOM   785  C CE2 . PHE A 1 110 ? 3.225   -13.461 -6.560  1.00 35.40 ? 1445 PHE A CE2 1 
ATOM   786  C CZ  . PHE A 1 110 ? 4.551   -13.157 -6.832  1.00 30.33 ? 1445 PHE A CZ  1 
ATOM   787  N N   . VAL A 1 111 ? 2.826   -15.286 0.004   1.00 27.03 ? 1446 VAL A N   1 
ATOM   788  C CA  . VAL A 1 111 ? 2.221   -15.307 1.326   1.00 26.95 ? 1446 VAL A CA  1 
ATOM   789  C C   . VAL A 1 111 ? 3.119   -14.697 2.411   1.00 27.59 ? 1446 VAL A C   1 
ATOM   790  O O   . VAL A 1 111 ? 2.655   -13.871 3.201   1.00 26.66 ? 1446 VAL A O   1 
ATOM   791  C CB  . VAL A 1 111 ? 1.821   -16.733 1.714   1.00 28.36 ? 1446 VAL A CB  1 
ATOM   792  C CG1 . VAL A 1 111 ? 1.443   -16.779 3.185   1.00 30.57 ? 1446 VAL A CG1 1 
ATOM   793  C CG2 . VAL A 1 111 ? 0.651   -17.178 0.852   1.00 29.73 ? 1446 VAL A CG2 1 
ATOM   794  N N   . HIS A 1 112 ? 4.398   -15.065 2.448   1.00 26.74 ? 1447 HIS A N   1 
ATOM   795  C CA  . HIS A 1 112 ? 5.266   -14.496 3.481   1.00 29.34 ? 1447 HIS A CA  1 
ATOM   796  C C   . HIS A 1 112 ? 5.565   -13.018 3.226   1.00 30.23 ? 1447 HIS A C   1 
ATOM   797  O O   . HIS A 1 112 ? 5.626   -12.218 4.157   1.00 30.02 ? 1447 HIS A O   1 
ATOM   798  C CB  . HIS A 1 112 ? 6.583   -15.258 3.598   1.00 31.27 ? 1447 HIS A CB  1 
ATOM   799  C CG  . HIS A 1 112 ? 7.350   -14.920 4.837   1.00 28.67 ? 1447 HIS A CG  1 
ATOM   800  N ND1 . HIS A 1 112 ? 8.595   -14.333 4.810   1.00 32.38 ? 1447 HIS A ND1 1 
ATOM   801  C CD2 . HIS A 1 112 ? 7.014   -15.026 6.145   1.00 30.93 ? 1447 HIS A CD2 1 
ATOM   802  C CE1 . HIS A 1 112 ? 8.993   -14.088 6.047   1.00 30.12 ? 1447 HIS A CE1 1 
ATOM   803  N NE2 . HIS A 1 112 ? 8.051   -14.499 6.876   1.00 29.91 ? 1447 HIS A NE2 1 
ATOM   804  N N   . ASP A 1 113 ? 5.774   -12.662 1.963   1.00 28.19 ? 1448 ASP A N   1 
ATOM   805  C CA  . ASP A 1 113 ? 6.038   -11.273 1.603   1.00 26.61 ? 1448 ASP A CA  1 
ATOM   806  C C   . ASP A 1 113 ? 4.870   -10.397 2.076   1.00 24.44 ? 1448 ASP A C   1 
ATOM   807  O O   . ASP A 1 113 ? 5.056   -9.302  2.610   1.00 25.18 ? 1448 ASP A O   1 
ATOM   808  C CB  . ASP A 1 113 ? 6.178   -11.137 0.082   1.00 29.91 ? 1448 ASP A CB  1 
ATOM   809  C CG  . ASP A 1 113 ? 7.544   -11.537 -0.423  1.00 31.14 ? 1448 ASP A CG  1 
ATOM   810  O OD1 . ASP A 1 113 ? 8.550   -11.029 0.115   1.00 32.51 ? 1448 ASP A OD1 1 
ATOM   811  O OD2 . ASP A 1 113 ? 7.612   -12.347 -1.373  1.00 34.62 ? 1448 ASP A OD2 1 
ATOM   812  N N   . ASN A 1 114 ? 3.657   -10.881 1.849   1.00 25.62 ? 1449 ASN A N   1 
ATOM   813  C CA  . ASN A 1 114 ? 2.490   -10.145 2.253   1.00 25.82 ? 1449 ASN A CA  1 
ATOM   814  C C   . ASN A 1 114 ? 2.423   -10.061 3.776   1.00 27.37 ? 1449 ASN A C   1 
ATOM   815  O O   . ASN A 1 114 ? 2.012   -9.039  4.318   1.00 25.27 ? 1449 ASN A O   1 
ATOM   816  C CB  . ASN A 1 114 ? 1.236   -10.784 1.665   1.00 25.37 ? 1449 ASN A CB  1 
ATOM   817  C CG  . ASN A 1 114 ? 1.045   -10.416 0.190   1.00 29.40 ? 1449 ASN A CG  1 
ATOM   818  O OD1 . ASN A 1 114 ? 1.116   -9.236  -0.178  1.00 24.91 ? 1449 ASN A OD1 1 
ATOM   819  N ND2 . ASN A 1 114 ? 0.804   -11.414 -0.649  1.00 27.15 ? 1449 ASN A ND2 1 
ATOM   820  N N   . TYR A 1 115 ? 2.828   -11.123 4.466   1.00 25.31 ? 1450 TYR A N   1 
ATOM   821  C CA  . TYR A 1 115 ? 2.832   -11.086 5.938   1.00 25.62 ? 1450 TYR A CA  1 
ATOM   822  C C   . TYR A 1 115 ? 3.834   -10.014 6.366   1.00 25.46 ? 1450 TYR A C   1 
ATOM   823  O O   . TYR A 1 115 ? 3.534   -9.163  7.211   1.00 25.25 ? 1450 TYR A O   1 
ATOM   824  C CB  . TYR A 1 115 ? 3.256   -12.432 6.534   1.00 28.11 ? 1450 TYR A CB  1 
ATOM   825  C CG  . TYR A 1 115 ? 3.504   -12.365 8.039   1.00 30.96 ? 1450 TYR A CG  1 
ATOM   826  C CD1 . TYR A 1 115 ? 2.444   -12.319 8.946   1.00 32.92 ? 1450 TYR A CD1 1 
ATOM   827  C CD2 . TYR A 1 115 ? 4.801   -12.260 8.542   1.00 32.80 ? 1450 TYR A CD2 1 
ATOM   828  C CE1 . TYR A 1 115 ? 2.678   -12.161 10.328  1.00 36.75 ? 1450 TYR A CE1 1 
ATOM   829  C CE2 . TYR A 1 115 ? 5.045   -12.102 9.908   1.00 35.63 ? 1450 TYR A CE2 1 
ATOM   830  C CZ  . TYR A 1 115 ? 3.986   -12.050 10.789  1.00 36.68 ? 1450 TYR A CZ  1 
ATOM   831  O OH  . TYR A 1 115 ? 4.249   -11.870 12.124  1.00 44.03 ? 1450 TYR A OH  1 
ATOM   832  N N   . VAL A 1 116 ? 5.022   -10.053 5.772   1.00 23.19 ? 1451 VAL A N   1 
ATOM   833  C CA  . VAL A 1 116 ? 6.069   -9.084  6.082   1.00 25.63 ? 1451 VAL A CA  1 
ATOM   834  C C   . VAL A 1 116 ? 5.641   -7.646  5.742   1.00 25.12 ? 1451 VAL A C   1 
ATOM   835  O O   . VAL A 1 116 ? 5.943   -6.711  6.487   1.00 25.04 ? 1451 VAL A O   1 
ATOM   836  C CB  . VAL A 1 116 ? 7.384   -9.416  5.326   1.00 24.09 ? 1451 VAL A CB  1 
ATOM   837  C CG1 . VAL A 1 116 ? 8.372   -8.270  5.473   1.00 26.99 ? 1451 VAL A CG1 1 
ATOM   838  C CG2 . VAL A 1 116 ? 7.989   -10.715 5.866   1.00 25.93 ? 1451 VAL A CG2 1 
ATOM   839  N N   . ILE A 1 117 ? 4.950   -7.457  4.622   1.00 25.63 ? 1452 ILE A N   1 
ATOM   840  C CA  . ILE A 1 117 ? 4.506   -6.110  4.254   1.00 22.63 ? 1452 ILE A CA  1 
ATOM   841  C C   . ILE A 1 117 ? 3.508   -5.565  5.294   1.00 23.86 ? 1452 ILE A C   1 
ATOM   842  O O   . ILE A 1 117 ? 3.644   -4.425  5.756   1.00 25.05 ? 1452 ILE A O   1 
ATOM   843  C CB  . ILE A 1 117 ? 3.844   -6.080  2.847   1.00 25.66 ? 1452 ILE A CB  1 
ATOM   844  C CG1 . ILE A 1 117 ? 4.902   -6.308  1.766   1.00 27.32 ? 1452 ILE A CG1 1 
ATOM   845  C CG2 . ILE A 1 117 ? 3.186   -4.715  2.598   1.00 23.56 ? 1452 ILE A CG2 1 
ATOM   846  C CD1 . ILE A 1 117 ? 4.327   -6.367  0.350   1.00 28.04 ? 1452 ILE A CD1 1 
ATOM   847  N N   . ARG A 1 118 ? 2.534   -6.384  5.681   1.00 21.51 ? 1453 ARG A N   1 
ATOM   848  C CA  . ARG A 1 118 ? 1.535   -5.963  6.662   1.00 23.00 ? 1453 ARG A CA  1 
ATOM   849  C C   . ARG A 1 118 ? 2.199   -5.652  8.005   1.00 25.60 ? 1453 ARG A C   1 
ATOM   850  O O   . ARG A 1 118 ? 1.883   -4.652  8.652   1.00 23.81 ? 1453 ARG A O   1 
ATOM   851  C CB  . ARG A 1 118 ? 0.468   -7.060  6.839   1.00 22.10 ? 1453 ARG A CB  1 
ATOM   852  C CG  . ARG A 1 118 ? -0.469  -7.202  5.633   1.00 21.64 ? 1453 ARG A CG  1 
ATOM   853  C CD  . ARG A 1 118 ? -1.544  -8.263  5.887   1.00 25.08 ? 1453 ARG A CD  1 
ATOM   854  N NE  . ARG A 1 118 ? -2.453  -8.431  4.750   1.00 23.49 ? 1453 ARG A NE  1 
ATOM   855  C CZ  . ARG A 1 118 ? -3.627  -9.053  4.824   1.00 25.68 ? 1453 ARG A CZ  1 
ATOM   856  N NH1 . ARG A 1 118 ? -4.035  -9.572  5.978   1.00 24.77 ? 1453 ARG A NH1 1 
ATOM   857  N NH2 . ARG A 1 118 ? -4.412  -9.135  3.753   1.00 29.53 ? 1453 ARG A NH2 1 
ATOM   858  N N   . ARG A 1 119 ? 3.133   -6.508  8.406   1.00 25.15 ? 1454 ARG A N   1 
ATOM   859  C CA  . ARG A 1 119 ? 3.839   -6.337  9.672   1.00 29.14 ? 1454 ARG A CA  1 
ATOM   860  C C   . ARG A 1 119 ? 4.690   -5.073  9.702   1.00 28.79 ? 1454 ARG A C   1 
ATOM   861  O O   . ARG A 1 119 ? 4.797   -4.405  10.734  1.00 28.94 ? 1454 ARG A O   1 
ATOM   862  C CB  . ARG A 1 119 ? 4.713   -7.559  9.948   1.00 33.64 ? 1454 ARG A CB  1 
ATOM   863  C CG  . ARG A 1 119 ? 5.634   -7.345  11.121  1.00 44.07 ? 1454 ARG A CG  1 
ATOM   864  C CD  . ARG A 1 119 ? 6.023   -8.630  11.809  1.00 50.66 ? 1454 ARG A CD  1 
ATOM   865  N NE  . ARG A 1 119 ? 6.634   -8.332  13.103  1.00 57.84 ? 1454 ARG A NE  1 
ATOM   866  C CZ  . ARG A 1 119 ? 6.073   -7.554  14.027  1.00 59.69 ? 1454 ARG A CZ  1 
ATOM   867  N NH1 . ARG A 1 119 ? 4.888   -6.997  13.802  1.00 61.39 ? 1454 ARG A NH1 1 
ATOM   868  N NH2 . ARG A 1 119 ? 6.696   -7.328  15.176  1.00 61.85 ? 1454 ARG A NH2 1 
ATOM   869  N N   . THR A 1 120 ? 5.306   -4.756  8.571   1.00 27.42 ? 1455 THR A N   1 
ATOM   870  C CA  . THR A 1 120 ? 6.132   -3.568  8.452   1.00 28.86 ? 1455 THR A CA  1 
ATOM   871  C C   . THR A 1 120 ? 5.258   -2.326  8.616   1.00 30.11 ? 1455 THR A C   1 
ATOM   872  O O   . THR A 1 120 ? 5.635   -1.356  9.290   1.00 30.90 ? 1455 THR A O   1 
ATOM   873  C CB  . THR A 1 120 ? 6.818   -3.519  7.077   1.00 30.91 ? 1455 THR A CB  1 
ATOM   874  O OG1 . THR A 1 120 ? 7.614   -4.699  6.909   1.00 31.26 ? 1455 THR A OG1 1 
ATOM   875  C CG2 . THR A 1 120 ? 7.705   -2.291  6.961   1.00 32.12 ? 1455 THR A CG2 1 
ATOM   876  N N   . ALA A 1 121 ? 4.084   -2.351  7.997   1.00 26.38 ? 1456 ALA A N   1 
ATOM   877  C CA  . ALA A 1 121 ? 3.181   -1.211  8.090   1.00 25.03 ? 1456 ALA A CA  1 
ATOM   878  C C   . ALA A 1 121 ? 2.757   -0.981  9.542   1.00 27.15 ? 1456 ALA A C   1 
ATOM   879  O O   . ALA A 1 121 ? 2.904   0.127   10.075  1.00 28.51 ? 1456 ALA A O   1 
ATOM   880  C CB  . ALA A 1 121 ? 1.958   -1.443  7.216   1.00 24.64 ? 1456 ALA A CB  1 
ATOM   881  N N   . VAL A 1 122 ? 2.249   -2.026  10.190  1.00 25.49 ? 1457 VAL A N   1 
ATOM   882  C CA  . VAL A 1 122 ? 1.787   -1.900  11.569  1.00 27.10 ? 1457 VAL A CA  1 
ATOM   883  C C   . VAL A 1 122 ? 2.910   -1.486  12.500  1.00 29.30 ? 1457 VAL A C   1 
ATOM   884  O O   . VAL A 1 122 ? 2.728   -0.606  13.348  1.00 27.93 ? 1457 VAL A O   1 
ATOM   885  C CB  . VAL A 1 122 ? 1.181   -3.211  12.099  1.00 29.99 ? 1457 VAL A CB  1 
ATOM   886  C CG1 . VAL A 1 122 ? 0.711   -3.008  13.526  1.00 32.06 ? 1457 VAL A CG1 1 
ATOM   887  C CG2 . VAL A 1 122 ? 0.017   -3.638  11.227  1.00 32.32 ? 1457 VAL A CG2 1 
ATOM   888  N N   . ASP A 1 123 ? 4.068   -2.123  12.342  1.00 28.93 ? 1458 ASP A N   1 
ATOM   889  C CA  . ASP A 1 123 ? 5.224   -1.815  13.165  1.00 32.24 ? 1458 ASP A CA  1 
ATOM   890  C C   . ASP A 1 123 ? 5.558   -0.328  13.109  1.00 34.81 ? 1458 ASP A C   1 
ATOM   891  O O   . ASP A 1 123 ? 6.013   0.244   14.105  1.00 36.25 ? 1458 ASP A O   1 
ATOM   892  C CB  . ASP A 1 123 ? 6.434   -2.637  12.722  1.00 32.79 ? 1458 ASP A CB  1 
ATOM   893  C CG  . ASP A 1 123 ? 6.445   -4.035  13.311  1.00 36.58 ? 1458 ASP A CG  1 
ATOM   894  O OD1 . ASP A 1 123 ? 5.542   -4.371  14.118  1.00 35.88 ? 1458 ASP A OD1 1 
ATOM   895  O OD2 . ASP A 1 123 ? 7.373   -4.808  12.964  1.00 40.29 ? 1458 ASP A OD2 1 
ATOM   896  N N   . SER A 1 124 ? 5.325   0.302   11.958  1.00 35.47 ? 1459 SER A N   1 
ATOM   897  C CA  . SER A 1 124 ? 5.599   1.729   11.804  1.00 37.13 ? 1459 SER A CA  1 
ATOM   898  C C   . SER A 1 124 ? 4.372   2.641   11.960  1.00 36.38 ? 1459 SER A C   1 
ATOM   899  O O   . SER A 1 124 ? 4.422   3.824   11.628  1.00 36.90 ? 1459 SER A O   1 
ATOM   900  C CB  . SER A 1 124 ? 6.263   1.991   10.451  1.00 40.27 ? 1459 SER A CB  1 
ATOM   901  O OG  . SER A 1 124 ? 7.514   1.338   10.381  1.00 45.06 ? 1459 SER A OG  1 
ATOM   902  N N   . GLY A 1 125 ? 3.272   2.086   12.460  1.00 35.07 ? 1460 GLY A N   1 
ATOM   903  C CA  . GLY A 1 125 ? 2.068   2.874   12.664  1.00 36.42 ? 1460 GLY A CA  1 
ATOM   904  C C   . GLY A 1 125 ? 1.399   3.383   11.400  1.00 38.99 ? 1460 GLY A C   1 
ATOM   905  O O   . GLY A 1 125 ? 0.608   4.336   11.447  1.00 36.25 ? 1460 GLY A O   1 
ATOM   906  N N   . ILE A 1 126 ? 1.715   2.755   10.271  1.00 36.25 ? 1461 ILE A N   1 
ATOM   907  C CA  . ILE A 1 126 ? 1.138   3.141   8.992   1.00 36.87 ? 1461 ILE A CA  1 
ATOM   908  C C   . ILE A 1 126 ? -0.218  2.463   8.848   1.00 35.01 ? 1461 ILE A C   1 
ATOM   909  O O   . ILE A 1 126 ? -0.342  1.263   9.095   1.00 33.63 ? 1461 ILE A O   1 
ATOM   910  C CB  . ILE A 1 126 ? 2.057   2.703   7.822   1.00 39.86 ? 1461 ILE A CB  1 
ATOM   911  C CG1 . ILE A 1 126 ? 3.449   3.316   7.995   1.00 41.80 ? 1461 ILE A CG1 1 
ATOM   912  C CG2 . ILE A 1 126 ? 1.475   3.137   6.500   1.00 40.91 ? 1461 ILE A CG2 1 
ATOM   913  C CD1 . ILE A 1 126 ? 3.451   4.825   8.037   1.00 43.88 ? 1461 ILE A CD1 1 
ATOM   914  N N   . PRO A 1 127 ? -1.263  3.223   8.469   1.00 35.07 ? 1462 PRO A N   1 
ATOM   915  C CA  . PRO A 1 127 ? -2.578  2.591   8.317   1.00 33.98 ? 1462 PRO A CA  1 
ATOM   916  C C   . PRO A 1 127 ? -2.495  1.436   7.319   1.00 31.68 ? 1462 PRO A C   1 
ATOM   917  O O   . PRO A 1 127 ? -1.821  1.541   6.296   1.00 31.47 ? 1462 PRO A O   1 
ATOM   918  C CB  . PRO A 1 127 ? -3.467  3.739   7.824   1.00 36.45 ? 1462 PRO A CB  1 
ATOM   919  C CG  . PRO A 1 127 ? -2.490  4.733   7.243   1.00 37.21 ? 1462 PRO A CG  1 
ATOM   920  C CD  . PRO A 1 127 ? -1.340  4.669   8.194   1.00 35.72 ? 1462 PRO A CD  1 
ATOM   921  N N   . LEU A 1 128 ? -3.164  0.334   7.633   1.00 30.25 ? 1463 LEU A N   1 
ATOM   922  C CA  . LEU A 1 128 ? -3.159  -0.840  6.770   1.00 28.49 ? 1463 LEU A CA  1 
ATOM   923  C C   . LEU A 1 128 ? -4.572  -1.234  6.417   1.00 27.80 ? 1463 LEU A C   1 
ATOM   924  O O   . LEU A 1 128 ? -5.362  -1.551  7.299   1.00 29.47 ? 1463 LEU A O   1 
ATOM   925  C CB  . LEU A 1 128 ? -2.471  -2.016  7.472   1.00 28.77 ? 1463 LEU A CB  1 
ATOM   926  C CG  . LEU A 1 128 ? -2.453  -3.376  6.755   1.00 29.74 ? 1463 LEU A CG  1 
ATOM   927  C CD1 . LEU A 1 128 ? -1.599  -3.280  5.472   1.00 26.55 ? 1463 LEU A CD1 1 
ATOM   928  C CD2 . LEU A 1 128 ? -1.867  -4.434  7.691   1.00 28.14 ? 1463 LEU A CD2 1 
ATOM   929  N N   . LEU A 1 129 ? -4.881  -1.215  5.127   1.00 28.04 ? 1464 LEU A N   1 
ATOM   930  C CA  . LEU A 1 129 ? -6.200  -1.593  4.627   1.00 31.59 ? 1464 LEU A CA  1 
ATOM   931  C C   . LEU A 1 129 ? -6.084  -3.003  4.054   1.00 32.66 ? 1464 LEU A C   1 
ATOM   932  O O   . LEU A 1 129 ? -5.411  -3.208  3.038   1.00 30.86 ? 1464 LEU A O   1 
ATOM   933  C CB  . LEU A 1 129 ? -6.645  -0.633  3.523   1.00 29.58 ? 1464 LEU A CB  1 
ATOM   934  C CG  . LEU A 1 129 ? -7.239  0.721   3.933   1.00 32.96 ? 1464 LEU A CG  1 
ATOM   935  C CD1 . LEU A 1 129 ? -6.467  1.304   5.090   1.00 33.65 ? 1464 LEU A CD1 1 
ATOM   936  C CD2 . LEU A 1 129 ? -7.212  1.663   2.727   1.00 28.50 ? 1464 LEU A CD2 1 
ATOM   937  N N   . THR A 1 130 ? -6.739  -3.968  4.692   1.00 34.14 ? 1465 THR A N   1 
ATOM   938  C CA  . THR A 1 130 ? -6.666  -5.357  4.232   1.00 38.56 ? 1465 THR A CA  1 
ATOM   939  C C   . THR A 1 130 ? -8.005  -5.922  3.765   1.00 42.28 ? 1465 THR A C   1 
ATOM   940  O O   . THR A 1 130 ? -8.141  -7.128  3.553   1.00 41.31 ? 1465 THR A O   1 
ATOM   941  C CB  . THR A 1 130 ? -6.128  -6.263  5.336   1.00 37.40 ? 1465 THR A CB  1 
ATOM   942  O OG1 . THR A 1 130 ? -7.010  -6.208  6.462   1.00 37.94 ? 1465 THR A OG1 1 
ATOM   943  C CG2 . THR A 1 130 ? -4.756  -5.809  5.766   1.00 35.35 ? 1465 THR A CG2 1 
ATOM   944  N N   . ASN A 1 131 ? -8.985  -5.041  3.607   1.00 45.04 ? 1466 ASN A N   1 
ATOM   945  C CA  . ASN A 1 131 ? -10.313 -5.428  3.157   1.00 49.46 ? 1466 ASN A CA  1 
ATOM   946  C C   . ASN A 1 131 ? -10.698 -4.479  2.037   1.00 51.03 ? 1466 ASN A C   1 
ATOM   947  O O   . ASN A 1 131 ? -10.493 -3.272  2.148   1.00 50.86 ? 1466 ASN A O   1 
ATOM   948  C CB  . ASN A 1 131 ? -11.315 -5.329  4.307   1.00 50.73 ? 1466 ASN A CB  1 
ATOM   949  C CG  . ASN A 1 131 ? -12.751 -5.282  3.825   1.00 52.76 ? 1466 ASN A CG  1 
ATOM   950  O OD1 . ASN A 1 131 ? -13.211 -6.164  3.095   1.00 53.82 ? 1466 ASN A OD1 1 
ATOM   951  N ND2 . ASN A 1 131 ? -13.471 -4.248  4.234   1.00 54.25 ? 1466 ASN A ND2 1 
ATOM   952  N N   . PHE A 1 132 ? -11.252 -5.025  0.960   1.00 53.19 ? 1467 PHE A N   1 
ATOM   953  C CA  . PHE A 1 132 ? -11.640 -4.221  -0.190  1.00 55.06 ? 1467 PHE A CA  1 
ATOM   954  C C   . PHE A 1 132 ? -12.779 -3.263  0.100   1.00 57.22 ? 1467 PHE A C   1 
ATOM   955  O O   . PHE A 1 132 ? -12.872 -2.206  -0.513  1.00 56.83 ? 1467 PHE A O   1 
ATOM   956  C CB  . PHE A 1 132 ? -12.042 -5.110  -1.361  1.00 55.08 ? 1467 PHE A CB  1 
ATOM   957  C CG  . PHE A 1 132 ? -12.415 -4.341  -2.591  1.00 56.26 ? 1467 PHE A CG  1 
ATOM   958  C CD1 . PHE A 1 132 ? -11.462 -3.596  -3.275  1.00 56.78 ? 1467 PHE A CD1 1 
ATOM   959  C CD2 . PHE A 1 132 ? -13.723 -4.344  -3.059  1.00 56.54 ? 1467 PHE A CD2 1 
ATOM   960  C CE1 . PHE A 1 132 ? -11.805 -2.862  -4.407  1.00 58.39 ? 1467 PHE A CE1 1 
ATOM   961  C CE2 . PHE A 1 132 ? -14.076 -3.613  -4.189  1.00 56.92 ? 1467 PHE A CE2 1 
ATOM   962  C CZ  . PHE A 1 132 ? -13.113 -2.872  -4.865  1.00 58.18 ? 1467 PHE A CZ  1 
ATOM   963  N N   . GLN A 1 133 ? -13.655 -3.637  1.022   1.00 60.28 ? 1468 GLN A N   1 
ATOM   964  C CA  . GLN A 1 133 ? -14.780 -2.780  1.363   1.00 63.97 ? 1468 GLN A CA  1 
ATOM   965  C C   . GLN A 1 133 ? -14.235 -1.431  1.792   1.00 64.71 ? 1468 GLN A C   1 
ATOM   966  O O   . GLN A 1 133 ? -14.462 -0.417  1.134   1.00 65.21 ? 1468 GLN A O   1 
ATOM   967  C CB  . GLN A 1 133 ? -15.591 -3.399  2.501   1.00 65.48 ? 1468 GLN A CB  1 
ATOM   968  C CG  . GLN A 1 133 ? -15.963 -4.848  2.257   1.00 67.65 ? 1468 GLN A CG  1 
ATOM   969  C CD  . GLN A 1 133 ? -16.832 -5.033  1.030   1.00 68.51 ? 1468 GLN A CD  1 
ATOM   970  O OE1 . GLN A 1 133 ? -17.078 -6.158  0.600   1.00 70.45 ? 1468 GLN A OE1 1 
ATOM   971  N NE2 . GLN A 1 133 ? -17.308 -3.931  0.463   1.00 68.01 ? 1468 GLN A NE2 1 
ATOM   972  N N   . VAL A 1 134 ? -13.505 -1.433  2.901   1.00 65.86 ? 1469 VAL A N   1 
ATOM   973  C CA  . VAL A 1 134 ? -12.909 -0.217  3.430   1.00 67.18 ? 1469 VAL A CA  1 
ATOM   974  C C   . VAL A 1 134 ? -12.227 0.548   2.299   1.00 67.85 ? 1469 VAL A C   1 
ATOM   975  O O   . VAL A 1 134 ? -12.635 1.653   1.940   1.00 67.23 ? 1469 VAL A O   1 
ATOM   976  C CB  . VAL A 1 134 ? -11.861 -0.550  4.502   1.00 67.17 ? 1469 VAL A CB  1 
ATOM   977  C CG1 . VAL A 1 134 ? -11.438 0.715   5.213   1.00 68.51 ? 1469 VAL A CG1 1 
ATOM   978  C CG2 . VAL A 1 134 ? -12.424 -1.569  5.486   1.00 66.81 ? 1469 VAL A CG2 1 
ATOM   979  N N   . THR A 1 135 ? -11.190 -0.062  1.738   1.00 68.19 ? 1470 THR A N   1 
ATOM   980  C CA  . THR A 1 135 ? -10.439 0.528   0.643   1.00 68.24 ? 1470 THR A CA  1 
ATOM   981  C C   . THR A 1 135 ? -11.369 1.215   -0.348  1.00 70.28 ? 1470 THR A C   1 
ATOM   982  O O   . THR A 1 135 ? -11.110 2.340   -0.784  1.00 69.96 ? 1470 THR A O   1 
ATOM   983  C CB  . THR A 1 135 ? -9.645  -0.554  -0.103  1.00 66.69 ? 1470 THR A CB  1 
ATOM   984  O OG1 . THR A 1 135 ? -8.813  -1.253  0.828   1.00 66.30 ? 1470 THR A OG1 1 
ATOM   985  C CG2 . THR A 1 135 ? -8.781  0.065   -1.182  1.00 66.46 ? 1470 THR A CG2 1 
ATOM   986  N N   . LYS A 1 136 ? -12.456 0.529   -0.687  1.00 71.92 ? 1471 LYS A N   1 
ATOM   987  C CA  . LYS A 1 136 ? -13.445 1.023   -1.645  1.00 73.21 ? 1471 LYS A CA  1 
ATOM   988  C C   . LYS A 1 136 ? -14.021 2.391   -1.286  1.00 73.46 ? 1471 LYS A C   1 
ATOM   989  O O   . LYS A 1 136 ? -14.195 3.245   -2.156  1.00 74.00 ? 1471 LYS A O   1 
ATOM   990  C CB  . LYS A 1 136 ? -14.578 -0.001  -1.776  1.00 74.00 ? 1471 LYS A CB  1 
ATOM   991  C CG  . LYS A 1 136 ? -15.172 -0.118  -3.170  1.00 76.02 ? 1471 LYS A CG  1 
ATOM   992  C CD  . LYS A 1 136 ? -15.992 1.100   -3.550  1.00 77.72 ? 1471 LYS A CD  1 
ATOM   993  C CE  . LYS A 1 136 ? -16.488 0.995   -4.985  1.00 78.44 ? 1471 LYS A CE  1 
ATOM   994  N NZ  . LYS A 1 136 ? -15.359 1.005   -5.957  1.00 79.59 ? 1471 LYS A NZ  1 
ATOM   995  N N   . LEU A 1 137 ? -14.317 2.600   -0.006  1.00 73.33 ? 1472 LEU A N   1 
ATOM   996  C CA  . LEU A 1 137 ? -14.882 3.866   0.448   1.00 73.73 ? 1472 LEU A CA  1 
ATOM   997  C C   . LEU A 1 137 ? -13.814 4.930   0.691   1.00 74.01 ? 1472 LEU A C   1 
ATOM   998  O O   . LEU A 1 137 ? -14.083 6.129   0.582   1.00 73.65 ? 1472 LEU A O   1 
ATOM   999  C CB  . LEU A 1 137 ? -15.686 3.649   1.734   1.00 73.76 ? 1472 LEU A CB  1 
ATOM   1000 C CG  . LEU A 1 137 ? -16.933 2.762   1.649   1.00 73.60 ? 1472 LEU A CG  1 
ATOM   1001 C CD1 . LEU A 1 137 ? -17.441 2.467   3.053   1.00 73.20 ? 1472 LEU A CD1 1 
ATOM   1002 C CD2 . LEU A 1 137 ? -18.009 3.449   0.816   1.00 72.61 ? 1472 LEU A CD2 1 
ATOM   1003 N N   . PHE A 1 138 ? -12.608 4.487   1.032   1.00 74.41 ? 1473 PHE A N   1 
ATOM   1004 C CA  . PHE A 1 138 ? -11.504 5.403   1.295   1.00 74.80 ? 1473 PHE A CA  1 
ATOM   1005 C C   . PHE A 1 138 ? -11.218 6.254   0.067   1.00 75.13 ? 1473 PHE A C   1 
ATOM   1006 O O   . PHE A 1 138 ? -10.666 7.345   0.179   1.00 75.93 ? 1473 PHE A O   1 
ATOM   1007 C CB  . PHE A 1 138 ? -10.237 4.628   1.673   1.00 74.80 ? 1473 PHE A CB  1 
ATOM   1008 C CG  . PHE A 1 138 ? -9.040  5.507   1.937   1.00 73.76 ? 1473 PHE A CG  1 
ATOM   1009 C CD1 . PHE A 1 138 ? -8.908  6.187   3.142   1.00 73.30 ? 1473 PHE A CD1 1 
ATOM   1010 C CD2 . PHE A 1 138 ? -8.054  5.668   0.969   1.00 73.54 ? 1473 PHE A CD2 1 
ATOM   1011 C CE1 . PHE A 1 138 ? -7.812  7.015   3.381   1.00 72.37 ? 1473 PHE A CE1 1 
ATOM   1012 C CE2 . PHE A 1 138 ? -6.954  6.496   1.200   1.00 72.69 ? 1473 PHE A CE2 1 
ATOM   1013 C CZ  . PHE A 1 138 ? -6.835  7.169   2.409   1.00 71.91 ? 1473 PHE A CZ  1 
ATOM   1014 N N   . ALA A 1 139 ? -11.592 5.748   -1.103  1.00 75.35 ? 1474 ALA A N   1 
ATOM   1015 C CA  . ALA A 1 139 ? -11.359 6.463   -2.352  1.00 77.05 ? 1474 ALA A CA  1 
ATOM   1016 C C   . ALA A 1 139 ? -12.559 7.304   -2.785  1.00 77.86 ? 1474 ALA A C   1 
ATOM   1017 O O   . ALA A 1 139 ? -12.401 8.455   -3.194  1.00 77.41 ? 1474 ALA A O   1 
ATOM   1018 C CB  . ALA A 1 139 ? -10.992 5.475   -3.454  1.00 76.62 ? 1474 ALA A CB  1 
ATOM   1019 N N   . GLU A 1 140 ? -13.753 6.726   -2.694  1.00 79.34 ? 1475 GLU A N   1 
ATOM   1020 C CA  . GLU A 1 140 ? -14.976 7.420   -3.085  1.00 80.39 ? 1475 GLU A CA  1 
ATOM   1021 C C   . GLU A 1 140 ? -15.260 8.614   -2.188  1.00 80.93 ? 1475 GLU A C   1 
ATOM   1022 O O   . GLU A 1 140 ? -15.773 9.634   -2.645  1.00 80.76 ? 1475 GLU A O   1 
ATOM   1023 C CB  . GLU A 1 140 ? -16.166 6.468   -3.033  1.00 80.50 ? 1475 GLU A CB  1 
ATOM   1024 C CG  . GLU A 1 140 ? -15.993 5.227   -3.875  1.00 81.82 ? 1475 GLU A CG  1 
ATOM   1025 C CD  . GLU A 1 140 ? -17.200 4.318   -3.806  1.00 82.57 ? 1475 GLU A CD  1 
ATOM   1026 O OE1 . GLU A 1 140 ? -17.644 4.010   -2.678  1.00 82.22 ? 1475 GLU A OE1 1 
ATOM   1027 O OE2 . GLU A 1 140 ? -17.697 3.910   -4.877  1.00 83.66 ? 1475 GLU A OE2 1 
ATOM   1028 N N   . ALA A 1 141 ? -14.925 8.478   -0.909  1.00 81.37 ? 1476 ALA A N   1 
ATOM   1029 C CA  . ALA A 1 141 ? -15.146 9.544   0.060   1.00 82.02 ? 1476 ALA A CA  1 
ATOM   1030 C C   . ALA A 1 141 ? -14.371 10.804  -0.320  1.00 82.42 ? 1476 ALA A C   1 
ATOM   1031 O O   . ALA A 1 141 ? -14.276 11.749  0.462   1.00 82.84 ? 1476 ALA A O   1 
ATOM   1032 C CB  . ALA A 1 141 ? -14.736 9.072   1.447   1.00 81.11 ? 1476 ALA A CB  1 
ATOM   1033 N N   . VAL A 1 142 ? -13.821 10.808  -1.530  1.00 82.99 ? 1477 VAL A N   1 
ATOM   1034 C CA  . VAL A 1 142 ? -13.046 11.937  -2.031  1.00 83.30 ? 1477 VAL A CA  1 
ATOM   1035 C C   . VAL A 1 142 ? -11.855 12.189  -1.112  1.00 83.53 ? 1477 VAL A C   1 
ATOM   1036 O O   . VAL A 1 142 ? -11.037 13.073  -1.367  1.00 83.02 ? 1477 VAL A O   1 
ATOM   1037 C CB  . VAL A 1 142 ? -13.914 13.220  -2.127  1.00 83.17 ? 1477 VAL A CB  1 
ATOM   1038 C CG1 . VAL A 1 142 ? -13.128 14.340  -2.797  1.00 83.57 ? 1477 VAL A CG1 1 
ATOM   1039 C CG2 . VAL A 1 142 ? -15.180 12.926  -2.915  1.00 82.98 ? 1477 VAL A CG2 1 
ATOM   1040 N N   . GLN A 1 143 ? -11.759 11.395  -0.048  1.00 83.80 ? 1478 GLN A N   1 
ATOM   1041 C CA  . GLN A 1 143 ? -10.675 11.514  0.918   1.00 84.57 ? 1478 GLN A CA  1 
ATOM   1042 C C   . GLN A 1 143 ? -9.346  11.165  0.263   1.00 85.06 ? 1478 GLN A C   1 
ATOM   1043 O O   . GLN A 1 143 ? -9.314  11.069  -0.984  1.00 86.04 ? 1478 GLN A O   1 
ATOM   1044 C CB  . GLN A 1 143 ? -10.900 10.571  2.097   1.00 83.58 ? 1478 GLN A CB  1 
ATOM   1045 C CG  . GLN A 1 143 ? -12.203 10.772  2.844   1.00 83.52 ? 1478 GLN A CG  1 
ATOM   1046 C CD  . GLN A 1 143 ? -12.352 9.787   3.991   1.00 84.22 ? 1478 GLN A CD  1 
ATOM   1047 O OE1 . GLN A 1 143 ? -11.617 9.851   4.977   1.00 85.18 ? 1478 GLN A OE1 1 
ATOM   1048 N NE2 . GLN A 1 143 ? -13.295 8.861   3.861   1.00 84.49 ? 1478 GLN A NE2 1 
HETATM 1049 O O   . HOH B 2 .   ? 8.320   1.994   15.049  1.00 32.01 ? 1479 HOH A O   1 
HETATM 1050 O O   . HOH B 2 .   ? -3.371  -9.234  8.647   1.00 27.80 ? 1480 HOH A O   1 
HETATM 1051 O O   . HOH B 2 .   ? 0.066   -14.370 -1.101  1.00 31.11 ? 1481 HOH A O   1 
HETATM 1052 O O   . HOH B 2 .   ? 7.103   -14.626 -0.108  1.00 30.41 ? 1482 HOH A O   1 
HETATM 1053 O O   . HOH B 2 .   ? -0.402  -9.406  -3.125  1.00 47.52 ? 1483 HOH A O   1 
HETATM 1054 O O   . HOH B 2 .   ? 0.743   -4.049  -0.063  1.00 25.57 ? 1484 HOH A O   1 
HETATM 1055 O O   . HOH B 2 .   ? -6.402  -9.408  -3.549  1.00 36.62 ? 1485 HOH A O   1 
HETATM 1056 O O   . HOH B 2 .   ? 5.711   0.305   -13.560 1.00 35.20 ? 1486 HOH A O   1 
HETATM 1057 O O   . HOH B 2 .   ? -1.547  -8.410  -1.122  1.00 38.13 ? 1487 HOH A O   1 
HETATM 1058 O O   . HOH B 2 .   ? 5.948   -16.914 0.460   1.00 28.64 ? 1488 HOH A O   1 
HETATM 1059 O O   . HOH B 2 .   ? -6.661  -10.104 4.665   1.00 43.74 ? 1489 HOH A O   1 
HETATM 1060 O O   . HOH B 2 .   ? -1.560  7.182   14.025  1.00 44.12 ? 1490 HOH A O   1 
HETATM 1061 O O   . HOH B 2 .   ? 13.070  3.949   15.161  1.00 42.00 ? 1491 HOH A O   1 
HETATM 1062 O O   . HOH B 2 .   ? -4.324  -0.106  10.290  1.00 37.82 ? 1492 HOH A O   1 
HETATM 1063 O O   . HOH B 2 .   ? -8.658  -3.413  6.646   1.00 36.61 ? 1493 HOH A O   1 
HETATM 1064 O O   . HOH B 2 .   ? 0.312   7.772   7.887   1.00 49.45 ? 1494 HOH A O   1 
HETATM 1065 O O   . HOH B 2 .   ? 0.923   -7.376  -5.204  1.00 36.94 ? 1495 HOH A O   1 
HETATM 1066 O O   . HOH B 2 .   ? 1.598   -7.403  -2.021  1.00 44.93 ? 1496 HOH A O   1 
HETATM 1067 O O   . HOH B 2 .   ? 10.279  -7.939  -6.772  1.00 43.65 ? 1497 HOH A O   1 
HETATM 1068 O O   . HOH B 2 .   ? 9.483   -12.470 2.354   1.00 50.13 ? 1498 HOH A O   1 
HETATM 1069 O O   . HOH B 2 .   ? -1.623  -8.141  -8.995  1.00 37.03 ? 1499 HOH A O   1 
HETATM 1070 O O   . HOH B 2 .   ? 10.735  -4.375  1.882   1.00 53.73 ? 1500 HOH A O   1 
HETATM 1071 O O   . HOH B 2 .   ? -1.337  0.368   11.273  1.00 32.28 ? 1501 HOH A O   1 
HETATM 1072 O O   . HOH B 2 .   ? 6.236   -7.953  -9.886  1.00 43.48 ? 1502 HOH A O   1 
HETATM 1073 O O   . HOH B 2 .   ? -2.493  8.049   -19.341 1.00 62.77 ? 1503 HOH A O   1 
HETATM 1074 O O   . HOH B 2 .   ? 0.472   15.142  19.876  1.00 69.46 ? 1504 HOH A O   1 
HETATM 1075 O O   . HOH B 2 .   ? -8.221  -8.368  7.129   1.00 44.52 ? 1505 HOH A O   1 
HETATM 1076 O O   . HOH B 2 .   ? 11.019  3.575   13.677  1.00 38.98 ? 1506 HOH A O   1 
HETATM 1077 O O   . HOH B 2 .   ? -8.569  8.951   18.468  1.00 52.33 ? 1507 HOH A O   1 
HETATM 1078 O O   . HOH B 2 .   ? 10.124  -7.536  -10.435 1.00 54.50 ? 1508 HOH A O   1 
HETATM 1079 O O   . HOH B 2 .   ? 8.176   5.127   9.388   1.00 46.66 ? 1509 HOH A O   1 
HETATM 1080 O O   . HOH B 2 .   ? 18.924  2.417   2.867   1.00 64.33 ? 1510 HOH A O   1 
HETATM 1081 O O   . HOH B 2 .   ? -13.649 14.360  0.820   1.00 60.77 ? 1511 HOH A O   1 
HETATM 1082 O O   . HOH B 2 .   ? 2.485   12.242  15.049  1.00 44.17 ? 1512 HOH A O   1 
HETATM 1083 O O   . HOH B 2 .   ? 1.275   7.074   -9.091  1.00 53.33 ? 1513 HOH A O   1 
HETATM 1084 O O   . HOH B 2 .   ? 2.560   -4.457  -2.096  1.00 34.89 ? 1514 HOH A O   1 
HETATM 1085 O O   . HOH B 2 .   ? 9.595   -15.057 1.314   1.00 41.08 ? 1515 HOH A O   1 
HETATM 1086 O O   . HOH B 2 .   ? -7.514  15.058  -2.121  1.00 51.59 ? 1516 HOH A O   1 
HETATM 1087 O O   . HOH B 2 .   ? 1.776   -6.758  -15.549 1.00 41.30 ? 1517 HOH A O   1 
HETATM 1088 O O   . HOH B 2 .   ? 13.789  0.013   14.834  1.00 70.15 ? 1518 HOH A O   1 
HETATM 1089 O O   . HOH B 2 .   ? 18.685  -2.250  -10.441 1.00 66.64 ? 1519 HOH A O   1 
HETATM 1090 O O   . HOH B 2 .   ? 6.932   2.582   -14.048 1.00 49.87 ? 1520 HOH A O   1 
HETATM 1091 O O   . HOH B 2 .   ? 15.124  5.494   15.030  1.00 67.58 ? 1521 HOH A O   1 
HETATM 1092 O O   . HOH B 2 .   ? 9.226   -8.352  15.227  1.00 68.02 ? 1522 HOH A O   1 
HETATM 1093 O O   . HOH B 2 .   ? 14.783  5.737   3.521   1.00 62.83 ? 1523 HOH A O   1 
HETATM 1094 O O   . HOH B 2 .   ? 9.714   3.199   9.788   1.00 56.65 ? 1524 HOH A O   1 
HETATM 1095 O O   . HOH B 2 .   ? 10.537  1.121   13.368  1.00 65.46 ? 1525 HOH A O   1 
HETATM 1096 O O   . HOH B 2 .   ? -7.934  -0.239  -19.180 1.00 59.64 ? 1526 HOH A O   1 
HETATM 1097 O O   . HOH B 2 .   ? 8.676   -16.781 -2.659  1.00 44.45 ? 1527 HOH A O   1 
HETATM 1098 O O   . HOH B 2 .   ? -4.351  -15.027 -12.224 1.00 52.85 ? 1528 HOH A O   1 
HETATM 1099 O O   . HOH B 2 .   ? -12.952 -1.514  -11.623 1.00 43.50 ? 1529 HOH A O   1 
HETATM 1100 O O   . HOH B 2 .   ? 6.441   4.979   -15.796 1.00 56.00 ? 1530 HOH A O   1 
HETATM 1101 O O   . HOH B 2 .   ? 12.734  -0.664  12.590  1.00 53.21 ? 1531 HOH A O   1 
HETATM 1102 O O   . HOH B 2 .   ? -12.382 8.829   -0.392  1.00 66.47 ? 1532 HOH A O   1 
HETATM 1103 O O   . HOH B 2 .   ? 16.732  -1.111  -9.453  1.00 44.94 ? 1533 HOH A O   1 
HETATM 1104 O O   . HOH B 2 .   ? 3.939   7.240   -8.802  1.00 57.87 ? 1534 HOH A O   1 
HETATM 1105 O O   . HOH B 2 .   ? 8.750   11.313  -8.454  1.00 61.65 ? 1535 HOH A O   1 
HETATM 1106 O O   . HOH B 2 .   ? 15.525  -2.365  2.738   1.00 60.63 ? 1536 HOH A O   1 
HETATM 1107 O O   . HOH B 2 .   ? -13.701 5.124   3.666   1.00 56.54 ? 1537 HOH A O   1 
HETATM 1108 O O   . HOH B 2 .   ? -3.986  -16.041 -6.968  1.00 75.30 ? 1538 HOH A O   1 
HETATM 1109 O O   . HOH B 2 .   ? -14.959 16.243  -0.101  1.00 59.26 ? 1539 HOH A O   1 
HETATM 1110 O O   . HOH B 2 .   ? 8.071   -6.760  -8.053  1.00 58.82 ? 1540 HOH A O   1 
HETATM 1111 O O   . HOH B 2 .   ? -19.189 1.652   -2.808  1.00 52.57 ? 1541 HOH A O   1 
HETATM 1112 O O   . HOH B 2 .   ? 6.056   6.131   6.007   1.00 59.11 ? 1542 HOH A O   1 
HETATM 1113 O O   . HOH B 2 .   ? 1.543   -4.701  -5.886  1.00 57.29 ? 1543 HOH A O   1 
HETATM 1114 O O   . HOH B 2 .   ? 6.139   -6.675  -15.179 1.00 54.61 ? 1544 HOH A O   1 
HETATM 1115 O O   . HOH B 2 .   ? 9.045   -10.715 -9.662  1.00 62.92 ? 1545 HOH A O   1 
HETATM 1116 O O   . HOH B 2 .   ? 18.745  -4.966  3.275   1.00 56.95 ? 1546 HOH A O   1 
HETATM 1117 O O   . HOH B 2 .   ? 4.672   6.913   12.274  1.00 48.83 ? 1547 HOH A O   1 
HETATM 1118 O O   . HOH B 2 .   ? 12.304  -8.335  -11.610 1.00 56.99 ? 1548 HOH A O   1 
HETATM 1119 O O   . HOH B 2 .   ? -6.291  -13.818 -13.583 1.00 74.18 ? 1549 HOH A O   1 
HETATM 1120 O O   . HOH B 2 .   ? -15.730 13.010  2.064   1.00 74.42 ? 1550 HOH A O   1 
HETATM 1121 O O   . HOH B 2 .   ? 19.569  -3.285  -12.705 1.00 61.29 ? 1551 HOH A O   1 
HETATM 1122 O O   . HOH B 2 .   ? 11.494  -6.325  4.691   1.00 56.22 ? 1552 HOH A O   1 
HETATM 1123 O O   . HOH B 2 .   ? -0.131  6.977   11.263  1.00 60.79 ? 1553 HOH A O   1 
HETATM 1124 O O   . HOH B 2 .   ? 14.680  2.322   16.379  1.00 78.26 ? 1554 HOH A O   1 
# 
